data_8BHQ
#
_entry.id   8BHQ
#
_cell.length_a   1.00
_cell.length_b   1.00
_cell.length_c   1.00
_cell.angle_alpha   90.00
_cell.angle_beta   90.00
_cell.angle_gamma   90.00
#
_symmetry.space_group_name_H-M   'P 1'
#
loop_
_entity.id
_entity.type
_entity.pdbx_description
1 polymer 'Gamma-aminobutyric acid receptor subunit alpha-5'
2 non-polymer 2-acetamido-2-deoxy-beta-D-glucopyranose
3 non-polymer 2-[[5-methyl-3-(6-methylpyridazin-3-yl)-1,2-oxazol-4-yl]methyl]-5-(5-oxa-2-azaspiro[3.5]nonan-2-yl)pyridazin-3-one
#
_entity_poly.entity_id   1
_entity_poly.type   'polypeptide(L)'
_entity_poly.pdbx_seq_one_letter_code
;QMPTSSVKDETNDNITIFTRILDGLLDGYDNRLRPGLGERITQVRTDMYVNSFGPVSDTEMEYTIDIFFAQTWKDERLRF
KGPMQRLPLNNLLASKIWTPDTFFHNGKKSFAHWMTTPNRMLRIWNDGRVLYTLRLTISAECPMDLEDFPMDEQNCPLKF
GSYAYPNSEVVYVWTNGSTKSVVVAEDGSRLNQYHLMGQTVGTENISTSTGEYTIMTAHFHLKRKIGYFVIQTYLPCIMT
VILSQVSFWLNRESVAARTVFGVTTVLTMTTLSISARNSLPKVAYATAMDWFIAVCYAFVFSALLEFAFVNYITKSQPAR
AAKIDKMSRIVFPILFGTFNLVYWATYLNGTTETSQVAPA
;
_entity_poly.pdbx_strand_id   A,B,C,D,E
#
# COMPACT_ATOMS: atom_id res chain seq x y z
N ASN A 14 5.45 54.95 11.72
CA ASN A 14 4.54 54.48 12.77
C ASN A 14 4.77 53.00 13.04
N ILE A 15 4.86 52.21 11.98
CA ILE A 15 5.08 50.77 12.13
C ILE A 15 6.43 50.50 12.78
N THR A 16 7.39 51.40 12.60
CA THR A 16 8.74 51.17 13.12
C THR A 16 8.76 51.01 14.63
N ILE A 17 7.74 51.50 15.34
CA ILE A 17 7.72 51.37 16.79
C ILE A 17 7.69 49.90 17.19
N PHE A 18 6.87 49.10 16.50
CA PHE A 18 6.81 47.68 16.80
C PHE A 18 8.14 47.00 16.48
N THR A 19 8.79 47.43 15.40
CA THR A 19 10.05 46.79 15.00
C THR A 19 11.10 46.94 16.10
N ARG A 20 11.19 48.12 16.71
CA ARG A 20 12.16 48.32 17.79
C ARG A 20 11.85 47.41 18.98
N ILE A 21 10.56 47.27 19.31
CA ILE A 21 10.18 46.43 20.44
C ILE A 21 10.61 44.99 20.19
N LEU A 22 10.34 44.48 18.99
CA LEU A 22 10.72 43.10 18.68
C LEU A 22 12.23 42.93 18.73
N ASP A 23 12.98 43.89 18.19
CA ASP A 23 14.43 43.80 18.23
C ASP A 23 14.94 43.83 19.66
N GLY A 24 14.34 44.67 20.51
CA GLY A 24 14.82 44.79 21.88
C GLY A 24 14.68 43.48 22.65
N LEU A 25 13.55 42.80 22.48
CA LEU A 25 13.33 41.55 23.22
C LEU A 25 14.37 40.50 22.85
N LEU A 26 14.67 40.36 21.56
CA LEU A 26 15.65 39.38 21.13
C LEU A 26 17.05 39.70 21.61
N ASP A 27 17.34 40.96 21.90
CA ASP A 27 18.66 41.33 22.38
C ASP A 27 18.89 40.77 23.79
N GLY A 28 20.04 40.12 23.97
CA GLY A 28 20.34 39.52 25.27
C GLY A 28 19.37 38.45 25.68
N TYR A 29 18.88 37.67 24.72
CA TYR A 29 17.94 36.59 24.98
C TYR A 29 18.60 35.26 24.64
N ASP A 30 18.54 34.32 25.59
CA ASP A 30 19.13 33.00 25.42
C ASP A 30 17.99 32.00 25.25
N ASN A 31 17.83 31.48 24.03
CA ASN A 31 16.77 30.51 23.75
C ASN A 31 17.05 29.14 24.36
N ARG A 32 18.26 28.89 24.85
CA ARG A 32 18.63 27.62 25.42
C ARG A 32 18.29 27.50 26.90
N LEU A 33 17.80 28.57 27.51
CA LEU A 33 17.50 28.59 28.94
C LEU A 33 16.01 28.87 29.14
N ARG A 34 15.37 28.04 29.97
CA ARG A 34 13.97 28.24 30.25
C ARG A 34 13.77 29.45 31.16
N PRO A 35 12.60 30.08 31.11
CA PRO A 35 12.35 31.21 32.01
C PRO A 35 12.40 30.78 33.47
N GLY A 36 12.94 31.66 34.31
CA GLY A 36 13.05 31.36 35.72
C GLY A 36 13.95 30.18 36.03
N LEU A 37 15.06 30.06 35.30
CA LEU A 37 15.99 28.97 35.54
C LEU A 37 16.67 29.14 36.88
N GLY A 38 16.70 28.08 37.68
CA GLY A 38 17.30 28.14 38.99
C GLY A 38 16.60 29.06 39.97
N GLU A 39 15.38 29.49 39.66
CA GLU A 39 14.62 30.41 40.52
C GLU A 39 13.33 29.80 41.02
N ARG A 40 12.53 29.21 40.12
CA ARG A 40 11.25 28.62 40.48
C ARG A 40 10.94 27.51 39.49
N ILE A 41 9.70 27.03 39.52
CA ILE A 41 9.24 25.95 38.66
C ILE A 41 8.30 26.53 37.62
N THR A 42 8.61 26.29 36.35
CA THR A 42 7.77 26.79 35.27
C THR A 42 6.45 26.03 35.24
N GLN A 43 5.38 26.75 34.89
CA GLN A 43 4.03 26.18 34.82
C GLN A 43 3.49 26.39 33.41
N VAL A 44 2.92 25.33 32.84
CA VAL A 44 2.41 25.33 31.48
C VAL A 44 0.96 24.88 31.50
N ARG A 45 0.10 25.59 30.77
CA ARG A 45 -1.30 25.26 30.63
C ARG A 45 -1.57 24.79 29.21
N THR A 46 -2.28 23.68 29.07
CA THR A 46 -2.51 23.05 27.78
C THR A 46 -4.00 22.91 27.52
N ASP A 47 -4.40 23.18 26.28
CA ASP A 47 -5.76 22.97 25.81
C ASP A 47 -5.72 22.34 24.44
N MET A 48 -6.76 21.58 24.11
CA MET A 48 -6.81 20.81 22.88
C MET A 48 -8.16 20.98 22.21
N TYR A 49 -8.16 20.91 20.88
CA TYR A 49 -9.37 20.92 20.08
C TYR A 49 -9.23 19.89 18.98
N VAL A 50 -10.14 18.92 18.95
CA VAL A 50 -10.08 17.83 17.99
C VAL A 50 -10.95 18.19 16.80
N ASN A 51 -10.32 18.44 15.66
CA ASN A 51 -11.06 18.79 14.45
C ASN A 51 -11.71 17.56 13.82
N SER A 52 -11.02 16.42 13.86
CA SER A 52 -11.55 15.20 13.26
C SER A 52 -10.85 14.01 13.90
N PHE A 53 -11.63 12.96 14.18
CA PHE A 53 -11.10 11.71 14.72
C PHE A 53 -10.85 10.75 13.56
N GLY A 54 -9.61 10.34 13.39
CA GLY A 54 -9.22 9.53 12.26
C GLY A 54 -9.72 8.10 12.37
N PRO A 55 -9.61 7.34 11.29
CA PRO A 55 -10.06 5.95 11.32
C PRO A 55 -9.28 5.12 12.33
N VAL A 56 -9.96 4.16 12.93
CA VAL A 56 -9.37 3.26 13.91
C VAL A 56 -9.02 1.96 13.20
N SER A 57 -7.74 1.61 13.19
CA SER A 57 -7.26 0.39 12.54
C SER A 57 -7.14 -0.69 13.60
N ASP A 58 -8.12 -1.61 13.61
CA ASP A 58 -8.07 -2.70 14.57
C ASP A 58 -6.89 -3.62 14.32
N THR A 59 -6.55 -3.84 13.04
CA THR A 59 -5.45 -4.74 12.72
C THR A 59 -4.14 -4.25 13.29
N GLU A 60 -3.86 -2.95 13.15
CA GLU A 60 -2.61 -2.37 13.63
C GLU A 60 -2.74 -1.76 15.03
N MET A 61 -3.93 -1.80 15.63
CA MET A 61 -4.14 -1.26 16.97
C MET A 61 -3.70 0.20 17.05
N GLU A 62 -4.04 0.98 16.02
CA GLU A 62 -3.68 2.39 15.97
C GLU A 62 -4.88 3.20 15.52
N TYR A 63 -4.89 4.47 15.91
CA TYR A 63 -5.94 5.40 15.51
C TYR A 63 -5.33 6.76 15.22
N THR A 64 -5.79 7.38 14.14
CA THR A 64 -5.30 8.69 13.73
C THR A 64 -6.21 9.78 14.31
N ILE A 65 -5.63 10.95 14.54
CA ILE A 65 -6.36 12.07 15.11
C ILE A 65 -5.67 13.37 14.70
N ASP A 66 -6.47 14.39 14.43
CA ASP A 66 -5.99 15.73 14.10
C ASP A 66 -6.45 16.70 15.19
N ILE A 67 -5.52 17.51 15.69
CA ILE A 67 -5.79 18.39 16.82
C ILE A 67 -5.10 19.73 16.61
N PHE A 68 -5.51 20.71 17.42
CA PHE A 68 -4.89 22.02 17.49
C PHE A 68 -4.34 22.18 18.90
N PHE A 69 -3.11 21.72 19.11
CA PHE A 69 -2.51 21.73 20.44
C PHE A 69 -2.01 23.14 20.77
N ALA A 70 -2.39 23.63 21.94
CA ALA A 70 -2.03 24.97 22.38
C ALA A 70 -1.34 24.89 23.75
N GLN A 71 -0.22 25.60 23.88
CA GLN A 71 0.53 25.66 25.12
C GLN A 71 0.71 27.11 25.53
N THR A 72 0.58 27.37 26.84
CA THR A 72 0.72 28.70 27.40
C THR A 72 1.66 28.66 28.60
N TRP A 73 2.53 29.66 28.69
CA TRP A 73 3.45 29.78 29.81
C TRP A 73 3.76 31.25 30.03
N LYS A 74 4.50 31.54 31.10
CA LYS A 74 4.82 32.89 31.52
C LYS A 74 6.32 33.11 31.44
N ASP A 75 6.74 34.18 30.76
CA ASP A 75 8.15 34.54 30.62
C ASP A 75 8.31 36.00 30.94
N GLU A 76 9.14 36.32 31.93
CA GLU A 76 9.36 37.70 32.33
C GLU A 76 10.29 38.43 31.36
N ARG A 77 11.17 37.71 30.68
CA ARG A 77 12.14 38.34 29.80
C ARG A 77 11.51 38.98 28.58
N LEU A 78 10.23 38.69 28.30
CA LEU A 78 9.55 39.21 27.12
C LEU A 78 8.67 40.42 27.43
N ARG A 79 8.77 40.97 28.64
CA ARG A 79 7.96 42.13 28.99
C ARG A 79 8.28 43.30 28.06
N PHE A 80 7.25 44.04 27.68
CA PHE A 80 7.40 45.18 26.79
C PHE A 80 6.26 46.16 27.03
N LYS A 81 6.45 47.38 26.56
CA LYS A 81 5.47 48.45 26.69
C LYS A 81 5.26 49.11 25.33
N GLY A 82 3.99 49.37 25.01
CA GLY A 82 3.65 49.98 23.75
C GLY A 82 2.16 50.22 23.60
N PRO A 83 1.76 50.85 22.49
CA PRO A 83 0.32 51.14 22.30
C PRO A 83 -0.56 49.91 22.27
N MET A 84 -0.07 48.79 21.74
CA MET A 84 -0.84 47.57 21.61
C MET A 84 -0.43 46.58 22.69
N GLN A 85 -1.42 45.98 23.35
CA GLN A 85 -1.18 44.99 24.39
C GLN A 85 -0.90 43.61 23.82
N ARG A 86 -1.11 43.39 22.52
CA ARG A 86 -0.93 42.09 21.90
C ARG A 86 -0.12 42.25 20.61
N LEU A 87 0.65 41.22 20.29
CA LEU A 87 1.52 41.21 19.12
C LEU A 87 1.30 39.93 18.33
N PRO A 88 0.26 39.88 17.50
CA PRO A 88 0.09 38.73 16.62
C PRO A 88 1.31 38.56 15.71
N LEU A 89 1.69 37.31 15.49
CA LEU A 89 2.89 36.99 14.71
C LEU A 89 2.67 35.66 14.01
N ASN A 90 3.76 35.09 13.50
CA ASN A 90 3.71 33.83 12.76
C ASN A 90 4.84 32.95 13.25
N ASN A 91 5.10 31.85 12.53
CA ASN A 91 6.11 30.88 12.92
C ASN A 91 7.53 31.42 12.81
N LEU A 92 7.72 32.57 12.17
CA LEU A 92 9.07 33.09 11.97
C LEU A 92 9.78 33.33 13.31
N LEU A 93 9.07 33.91 14.27
CA LEU A 93 9.66 34.23 15.57
C LEU A 93 9.58 33.06 16.56
N ALA A 94 8.91 31.97 16.20
CA ALA A 94 8.76 30.85 17.13
C ALA A 94 10.10 30.24 17.49
N SER A 95 10.99 30.11 16.52
CA SER A 95 12.28 29.47 16.74
C SER A 95 13.31 30.41 17.36
N LYS A 96 12.98 31.70 17.52
CA LYS A 96 13.92 32.66 18.08
C LYS A 96 13.90 32.69 19.61
N ILE A 97 12.97 31.97 20.24
CA ILE A 97 12.84 31.96 21.69
C ILE A 97 12.73 30.51 22.17
N TRP A 98 12.53 30.37 23.47
CA TRP A 98 12.46 29.05 24.11
C TRP A 98 11.03 28.55 24.14
N THR A 99 10.82 27.31 23.72
CA THR A 99 9.53 26.66 23.75
C THR A 99 9.68 25.26 24.35
N PRO A 100 8.63 24.76 24.99
CA PRO A 100 8.73 23.43 25.62
C PRO A 100 8.93 22.33 24.59
N ASP A 101 9.64 21.29 25.02
CA ASP A 101 9.89 20.12 24.18
C ASP A 101 8.85 19.03 24.41
N THR A 102 7.58 19.40 24.29
CA THR A 102 6.50 18.44 24.52
C THR A 102 6.50 17.37 23.43
N PHE A 103 6.19 16.14 23.83
CA PHE A 103 6.11 15.03 22.89
C PHE A 103 5.04 14.07 23.37
N PHE A 104 4.57 13.22 22.46
CA PHE A 104 3.56 12.23 22.75
C PHE A 104 4.23 10.88 22.98
N HIS A 105 4.01 10.31 24.17
CA HIS A 105 4.70 9.08 24.54
C HIS A 105 4.26 7.91 23.67
N ASN A 106 2.97 7.83 23.34
CA ASN A 106 2.41 6.71 22.60
C ASN A 106 2.27 6.98 21.11
N GLY A 107 2.81 8.10 20.63
CA GLY A 107 2.73 8.43 19.23
C GLY A 107 3.72 7.67 18.37
N LYS A 108 3.24 6.70 17.60
CA LYS A 108 4.12 5.92 16.74
C LYS A 108 4.68 6.79 15.62
N LYS A 109 3.86 7.64 15.02
CA LYS A 109 4.28 8.46 13.90
C LYS A 109 3.41 9.71 13.85
N SER A 110 4.05 10.87 13.80
CA SER A 110 3.35 12.14 13.77
C SER A 110 3.99 13.05 12.72
N PHE A 111 3.16 13.89 12.10
CA PHE A 111 3.61 14.83 11.11
C PHE A 111 2.81 16.12 11.24
N ALA A 112 3.40 17.21 10.75
CA ALA A 112 2.81 18.53 10.82
C ALA A 112 2.32 18.95 9.43
N HIS A 113 1.66 20.11 9.38
CA HIS A 113 1.12 20.67 8.16
C HIS A 113 1.90 21.94 7.83
N TRP A 114 2.40 22.02 6.59
CA TRP A 114 3.26 23.12 6.18
C TRP A 114 2.66 24.00 5.10
N MET A 115 1.64 23.53 4.39
CA MET A 115 1.02 24.30 3.31
C MET A 115 -0.24 24.97 3.81
N THR A 116 -0.45 26.24 3.42
CA THR A 116 0.44 27.06 2.59
C THR A 116 1.65 27.52 3.37
N THR A 117 1.44 27.75 4.67
CA THR A 117 2.47 28.20 5.59
C THR A 117 2.43 27.33 6.83
N PRO A 118 3.58 27.07 7.47
CA PRO A 118 3.56 26.31 8.73
C PRO A 118 2.50 26.81 9.69
N ASN A 119 1.54 25.95 10.01
CA ASN A 119 0.38 26.33 10.82
C ASN A 119 0.81 26.47 12.27
N ARG A 120 1.29 27.66 12.63
CA ARG A 120 1.70 27.96 13.99
C ARG A 120 1.39 29.42 14.28
N MET A 121 1.21 29.73 15.55
CA MET A 121 0.93 31.09 16.00
C MET A 121 1.77 31.40 17.22
N LEU A 122 2.05 32.70 17.42
CA LEU A 122 2.86 33.15 18.54
C LEU A 122 2.34 34.51 18.95
N ARG A 123 1.80 34.60 20.17
CA ARG A 123 1.26 35.85 20.70
C ARG A 123 1.92 36.15 22.04
N ILE A 124 2.17 37.43 22.29
CA ILE A 124 2.88 37.88 23.48
C ILE A 124 2.10 39.04 24.10
N TRP A 125 2.01 39.02 25.43
CA TRP A 125 1.36 40.08 26.19
C TRP A 125 2.41 40.85 27.00
N ASN A 126 1.99 42.01 27.51
CA ASN A 126 2.90 42.86 28.26
C ASN A 126 3.41 42.16 29.52
N ASP A 127 2.52 41.49 30.25
CA ASP A 127 2.92 40.81 31.46
C ASP A 127 3.90 39.67 31.21
N GLY A 128 4.00 39.20 29.97
CA GLY A 128 4.90 38.12 29.62
C GLY A 128 4.20 36.83 29.23
N ARG A 129 2.87 36.80 29.22
CA ARG A 129 2.15 35.59 28.83
C ARG A 129 2.39 35.30 27.35
N VAL A 130 2.62 34.01 27.05
CA VAL A 130 2.96 33.56 25.71
C VAL A 130 1.98 32.48 25.30
N LEU A 131 1.44 32.59 24.09
CA LEU A 131 0.54 31.61 23.52
C LEU A 131 1.19 30.98 22.29
N TYR A 132 1.18 29.65 22.23
CA TYR A 132 1.84 28.91 21.14
C TYR A 132 0.92 27.76 20.75
N THR A 133 0.21 27.91 19.64
CA THR A 133 -0.70 26.89 19.14
C THR A 133 -0.06 26.17 17.96
N LEU A 134 -0.32 24.87 17.87
CA LEU A 134 0.26 24.02 16.84
C LEU A 134 -0.78 23.04 16.34
N ARG A 135 -0.71 22.72 15.05
CA ARG A 135 -1.60 21.75 14.42
C ARG A 135 -0.80 20.48 14.12
N LEU A 136 -1.35 19.33 14.51
CA LEU A 136 -0.64 18.07 14.41
C LEU A 136 -1.60 16.97 13.98
N THR A 137 -1.01 15.93 13.39
CA THR A 137 -1.71 14.68 13.09
C THR A 137 -0.97 13.55 13.81
N ILE A 138 -1.67 12.86 14.69
CA ILE A 138 -1.07 11.87 15.59
C ILE A 138 -1.65 10.50 15.25
N SER A 139 -0.76 9.52 15.09
CA SER A 139 -1.14 8.13 14.87
C SER A 139 -0.68 7.35 16.09
N ALA A 140 -1.54 7.30 17.12
CA ALA A 140 -1.22 6.65 18.37
C ALA A 140 -1.61 5.18 18.33
N GLU A 141 -1.38 4.49 19.44
CA GLU A 141 -1.70 3.07 19.58
C GLU A 141 -2.79 2.90 20.62
N CYS A 142 -3.80 2.09 20.30
CA CYS A 142 -4.94 1.85 21.18
C CYS A 142 -5.11 0.36 21.37
N PRO A 143 -4.47 -0.23 22.38
CA PRO A 143 -4.67 -1.66 22.62
C PRO A 143 -6.13 -1.96 22.94
N MET A 144 -6.59 -3.11 22.46
CA MET A 144 -7.98 -3.51 22.62
C MET A 144 -8.06 -4.95 23.07
N ASP A 145 -9.15 -5.28 23.76
CA ASP A 145 -9.45 -6.63 24.22
C ASP A 145 -10.71 -7.08 23.49
N LEU A 146 -10.53 -7.75 22.36
CA LEU A 146 -11.64 -8.17 21.52
C LEU A 146 -12.23 -9.49 22.01
N GLU A 147 -12.59 -9.56 23.29
CA GLU A 147 -13.19 -10.76 23.84
C GLU A 147 -14.71 -10.79 23.65
N ASP A 148 -15.36 -9.63 23.72
CA ASP A 148 -16.79 -9.51 23.51
C ASP A 148 -17.12 -8.95 22.13
N PHE A 149 -16.22 -9.12 21.17
CA PHE A 149 -16.45 -8.60 19.83
C PHE A 149 -17.70 -9.23 19.22
N PRO A 150 -18.55 -8.45 18.53
CA PRO A 150 -18.45 -7.00 18.27
C PRO A 150 -19.06 -6.13 19.36
N MET A 151 -19.65 -6.70 20.41
CA MET A 151 -20.23 -5.90 21.49
C MET A 151 -19.10 -5.59 22.49
N ASP A 152 -18.26 -4.65 22.09
CA ASP A 152 -17.08 -4.29 22.88
C ASP A 152 -16.98 -2.77 23.00
N GLU A 153 -16.46 -2.32 24.13
CA GLU A 153 -16.19 -0.91 24.38
C GLU A 153 -14.69 -0.72 24.53
N GLN A 154 -14.16 0.31 23.89
CA GLN A 154 -12.73 0.59 23.88
C GLN A 154 -12.44 1.94 24.50
N ASN A 155 -11.28 2.05 25.13
CA ASN A 155 -10.83 3.27 25.80
C ASN A 155 -9.46 3.63 25.24
N CYS A 156 -9.44 4.41 24.17
CA CYS A 156 -8.20 4.78 23.52
C CYS A 156 -7.59 6.00 24.21
N PRO A 157 -6.38 5.90 24.77
CA PRO A 157 -5.80 7.03 25.50
C PRO A 157 -4.93 7.90 24.61
N LEU A 158 -4.48 9.01 25.19
CA LEU A 158 -3.54 9.92 24.54
C LEU A 158 -2.68 10.55 25.62
N LYS A 159 -1.36 10.37 25.52
CA LYS A 159 -0.42 10.80 26.55
C LYS A 159 0.60 11.74 25.94
N PHE A 160 0.93 12.80 26.69
CA PHE A 160 1.97 13.73 26.27
C PHE A 160 2.60 14.34 27.51
N GLY A 161 3.82 14.85 27.34
CA GLY A 161 4.53 15.44 28.45
C GLY A 161 5.90 15.91 28.01
N SER A 162 6.69 16.35 28.99
CA SER A 162 8.04 16.82 28.71
C SER A 162 8.98 15.66 28.45
N TYR A 163 10.03 15.94 27.68
CA TYR A 163 11.02 14.93 27.33
C TYR A 163 12.35 15.11 28.05
N ALA A 164 12.68 16.33 28.50
CA ALA A 164 13.95 16.59 29.15
C ALA A 164 13.83 17.41 30.43
N TYR A 165 12.66 17.99 30.72
CA TYR A 165 12.49 18.80 31.92
C TYR A 165 11.73 18.00 32.96
N PRO A 166 12.35 17.60 34.07
CA PRO A 166 11.62 16.81 35.08
C PRO A 166 10.49 17.60 35.72
N ASN A 167 9.75 16.95 36.63
CA ASN A 167 8.63 17.61 37.28
C ASN A 167 9.07 18.79 38.11
N SER A 168 10.32 18.78 38.60
CA SER A 168 10.82 19.86 39.43
C SER A 168 11.03 21.16 38.65
N GLU A 169 10.98 21.12 37.33
CA GLU A 169 11.20 22.30 36.50
C GLU A 169 9.96 22.72 35.72
N VAL A 170 9.35 21.80 34.99
CA VAL A 170 8.19 22.10 34.14
C VAL A 170 7.04 21.20 34.58
N VAL A 171 5.87 21.79 34.78
CA VAL A 171 4.68 21.08 35.19
C VAL A 171 3.56 21.41 34.22
N TYR A 172 2.84 20.38 33.77
CA TYR A 172 1.72 20.54 32.86
C TYR A 172 0.42 20.38 33.64
N VAL A 173 -0.51 21.30 33.43
CA VAL A 173 -1.81 21.27 34.09
C VAL A 173 -2.86 21.76 33.11
N TRP A 174 -4.04 21.16 33.16
CA TRP A 174 -5.14 21.60 32.31
C TRP A 174 -5.67 22.95 32.81
N THR A 175 -6.33 23.66 31.90
CA THR A 175 -6.90 24.98 32.19
C THR A 175 -8.41 24.86 32.27
N ASN A 176 -8.99 25.45 33.30
CA ASN A 176 -10.44 25.43 33.50
C ASN A 176 -10.94 24.00 33.65
N GLY A 177 -12.24 23.79 33.45
CA GLY A 177 -12.83 22.48 33.63
C GLY A 177 -12.50 21.53 32.50
N SER A 178 -12.93 20.27 32.69
CA SER A 178 -12.65 19.24 31.69
C SER A 178 -13.31 19.56 30.35
N THR A 179 -14.53 20.08 30.38
CA THR A 179 -15.26 20.35 29.15
C THR A 179 -14.49 21.33 28.26
N LYS A 180 -13.97 22.41 28.86
CA LYS A 180 -13.22 23.39 28.08
C LYS A 180 -11.83 22.87 27.72
N SER A 181 -11.30 21.94 28.50
CA SER A 181 -9.94 21.45 28.26
C SER A 181 -9.83 20.76 26.90
N VAL A 182 -10.80 19.90 26.58
CA VAL A 182 -10.80 19.15 25.34
C VAL A 182 -12.16 19.34 24.66
N VAL A 183 -12.14 19.63 23.36
CA VAL A 183 -13.34 19.86 22.58
C VAL A 183 -13.25 19.02 21.31
N VAL A 184 -14.36 18.41 20.93
CA VAL A 184 -14.44 17.58 19.73
C VAL A 184 -15.54 18.13 18.84
N ALA A 185 -15.22 18.31 17.56
CA ALA A 185 -16.19 18.84 16.61
C ALA A 185 -17.35 17.88 16.42
N GLU A 186 -18.55 18.44 16.21
CA GLU A 186 -19.73 17.61 16.02
C GLU A 186 -19.60 16.73 14.78
N ASP A 187 -19.14 17.30 13.67
CA ASP A 187 -18.98 16.54 12.44
C ASP A 187 -17.68 15.75 12.40
N GLY A 188 -16.66 16.19 13.13
CA GLY A 188 -15.39 15.47 13.13
C GLY A 188 -15.50 14.09 13.75
N SER A 189 -16.31 13.97 14.80
CA SER A 189 -16.46 12.70 15.53
C SER A 189 -17.45 11.82 14.77
N ARG A 190 -17.04 11.40 13.58
CA ARG A 190 -17.82 10.51 12.73
C ARG A 190 -16.93 9.35 12.30
N LEU A 191 -17.34 8.12 12.64
CA LEU A 191 -16.62 6.92 12.29
C LEU A 191 -17.56 5.92 11.66
N ASN A 192 -17.00 5.05 10.81
CA ASN A 192 -17.83 4.09 10.09
C ASN A 192 -18.29 2.96 11.00
N GLN A 193 -17.52 2.62 12.03
CA GLN A 193 -17.85 1.48 12.88
C GLN A 193 -17.61 1.78 14.36
N TYR A 194 -17.82 3.04 14.77
CA TYR A 194 -17.64 3.40 16.17
C TYR A 194 -18.48 4.62 16.50
N HIS A 195 -18.76 4.80 17.79
CA HIS A 195 -19.43 5.97 18.32
C HIS A 195 -18.55 6.58 19.41
N LEU A 196 -18.44 7.92 19.39
CA LEU A 196 -17.66 8.65 20.38
C LEU A 196 -18.60 9.12 21.48
N MET A 197 -18.68 8.36 22.57
CA MET A 197 -19.60 8.68 23.64
C MET A 197 -19.16 9.94 24.39
N GLY A 198 -17.89 10.03 24.75
CA GLY A 198 -17.42 11.16 25.51
C GLY A 198 -15.91 11.10 25.70
N GLN A 199 -15.41 12.05 26.50
CA GLN A 199 -13.99 12.17 26.75
C GLN A 199 -13.75 12.43 28.23
N THR A 200 -12.55 12.10 28.68
CA THR A 200 -12.14 12.33 30.06
C THR A 200 -10.66 12.69 30.08
N VAL A 201 -10.25 13.33 31.17
CA VAL A 201 -8.88 13.80 31.34
C VAL A 201 -8.37 13.35 32.70
N GLY A 202 -7.05 13.35 32.84
CA GLY A 202 -6.42 12.96 34.08
C GLY A 202 -4.96 13.35 34.09
N THR A 203 -4.36 13.24 35.27
CA THR A 203 -2.95 13.55 35.46
C THR A 203 -2.31 12.47 36.32
N GLU A 204 -1.03 12.26 36.12
CA GLU A 204 -0.28 11.26 36.89
C GLU A 204 1.20 11.57 36.80
N ASN A 205 1.95 11.01 37.74
CA ASN A 205 3.39 11.14 37.79
C ASN A 205 4.04 9.78 37.50
N ILE A 206 5.17 9.81 36.81
CA ILE A 206 5.90 8.60 36.47
C ILE A 206 7.34 8.74 36.94
N SER A 207 7.88 7.67 37.49
CA SER A 207 9.27 7.62 37.94
C SER A 207 10.09 6.84 36.92
N THR A 208 11.15 7.48 36.41
CA THR A 208 12.04 6.88 35.43
C THR A 208 13.48 6.97 35.91
N SER A 209 14.39 6.47 35.07
CA SER A 209 15.81 6.49 35.43
C SER A 209 16.32 7.93 35.57
N THR A 210 15.91 8.81 34.68
CA THR A 210 16.39 10.19 34.68
C THR A 210 15.78 11.04 35.78
N GLY A 211 14.65 10.64 36.34
CA GLY A 211 14.01 11.40 37.39
C GLY A 211 12.52 11.20 37.37
N GLU A 212 11.80 12.23 37.81
CA GLU A 212 10.35 12.22 37.88
C GLU A 212 9.79 13.22 36.88
N TYR A 213 8.73 12.82 36.17
CA TYR A 213 8.11 13.63 35.15
C TYR A 213 6.59 13.60 35.33
N THR A 214 5.95 14.67 34.87
CA THR A 214 4.49 14.79 34.91
C THR A 214 3.91 14.37 33.56
N ILE A 215 2.78 13.68 33.61
CA ILE A 215 2.14 13.13 32.43
C ILE A 215 0.70 13.59 32.40
N MET A 216 0.27 14.10 31.24
CA MET A 216 -1.11 14.49 31.01
C MET A 216 -1.77 13.45 30.11
N THR A 217 -2.90 12.92 30.54
CA THR A 217 -3.57 11.82 29.85
C THR A 217 -5.01 12.21 29.54
N ALA A 218 -5.45 11.86 28.32
CA ALA A 218 -6.82 12.05 27.89
C ALA A 218 -7.33 10.73 27.32
N HIS A 219 -8.51 10.32 27.77
CA HIS A 219 -9.11 9.06 27.36
C HIS A 219 -10.36 9.33 26.53
N PHE A 220 -10.53 8.54 25.47
CA PHE A 220 -11.71 8.59 24.62
C PHE A 220 -12.47 7.28 24.74
N HIS A 221 -13.78 7.38 24.93
CA HIS A 221 -14.63 6.21 25.07
C HIS A 221 -15.31 5.92 23.74
N LEU A 222 -15.12 4.71 23.22
CA LEU A 222 -15.66 4.31 21.93
C LEU A 222 -16.63 3.17 22.12
N LYS A 223 -17.80 3.28 21.48
CA LYS A 223 -18.84 2.25 21.51
C LYS A 223 -19.05 1.77 20.08
N ARG A 224 -18.63 0.53 19.80
CA ARG A 224 -18.75 0.00 18.45
C ARG A 224 -20.22 -0.10 18.06
N LYS A 225 -20.53 0.30 16.83
CA LYS A 225 -21.88 0.25 16.32
C LYS A 225 -22.09 -1.04 15.54
N ILE A 226 -23.16 -1.75 15.86
CA ILE A 226 -23.47 -3.02 15.22
C ILE A 226 -24.44 -2.76 14.08
N GLY A 227 -24.42 -3.65 13.09
CA GLY A 227 -25.29 -3.53 11.94
C GLY A 227 -24.58 -3.89 10.65
N TYR A 228 -23.28 -3.61 10.58
CA TYR A 228 -22.50 -4.05 9.43
C TYR A 228 -22.21 -5.54 9.49
N PHE A 229 -21.93 -6.07 10.67
CA PHE A 229 -21.66 -7.50 10.80
C PHE A 229 -22.94 -8.32 10.71
N VAL A 230 -24.08 -7.74 11.10
CA VAL A 230 -25.34 -8.46 10.98
C VAL A 230 -25.64 -8.79 9.52
N ILE A 231 -25.46 -7.81 8.64
CA ILE A 231 -25.68 -8.05 7.22
C ILE A 231 -24.58 -8.93 6.65
N GLN A 232 -23.38 -8.88 7.23
CA GLN A 232 -22.22 -9.54 6.66
C GLN A 232 -22.09 -11.00 7.12
N THR A 233 -22.25 -11.26 8.41
CA THR A 233 -21.98 -12.58 8.97
C THR A 233 -23.21 -13.24 9.59
N TYR A 234 -23.95 -12.52 10.43
CA TYR A 234 -25.04 -13.15 11.17
C TYR A 234 -26.14 -13.64 10.24
N LEU A 235 -26.63 -12.78 9.36
CA LEU A 235 -27.76 -13.16 8.52
C LEU A 235 -27.45 -14.36 7.63
N PRO A 236 -26.33 -14.40 6.91
CA PRO A 236 -26.05 -15.61 6.10
C PRO A 236 -26.05 -16.88 6.92
N CYS A 237 -25.53 -16.82 8.15
CA CYS A 237 -25.55 -18.01 9.01
C CYS A 237 -26.98 -18.40 9.37
N ILE A 238 -27.83 -17.43 9.69
CA ILE A 238 -29.20 -17.73 10.09
C ILE A 238 -29.95 -18.37 8.93
N MET A 239 -29.85 -17.79 7.74
CA MET A 239 -30.57 -18.33 6.60
C MET A 239 -30.07 -19.72 6.24
N THR A 240 -28.75 -19.94 6.34
CA THR A 240 -28.20 -21.25 6.01
C THR A 240 -28.77 -22.33 6.93
N VAL A 241 -28.92 -22.02 8.22
CA VAL A 241 -29.49 -22.99 9.15
C VAL A 241 -30.92 -23.33 8.73
N ILE A 242 -31.71 -22.32 8.36
CA ILE A 242 -33.08 -22.56 7.93
C ILE A 242 -33.09 -23.44 6.70
N LEU A 243 -32.12 -23.27 5.80
CA LEU A 243 -32.07 -24.06 4.59
C LEU A 243 -31.93 -25.55 4.89
N SER A 244 -31.07 -25.88 5.86
CA SER A 244 -30.86 -27.29 6.19
C SER A 244 -32.14 -27.94 6.73
N GLN A 245 -32.89 -27.21 7.55
CA GLN A 245 -34.11 -27.77 8.14
C GLN A 245 -35.11 -28.20 7.09
N VAL A 246 -35.07 -27.61 5.89
CA VAL A 246 -36.01 -27.99 4.84
C VAL A 246 -35.83 -29.45 4.44
N SER A 247 -34.61 -29.97 4.59
CA SER A 247 -34.36 -31.36 4.18
C SER A 247 -35.21 -32.35 4.97
N PHE A 248 -35.57 -32.00 6.21
CA PHE A 248 -36.39 -32.90 7.01
C PHE A 248 -37.75 -33.13 6.37
N TRP A 249 -38.36 -32.08 5.84
CA TRP A 249 -39.68 -32.21 5.23
C TRP A 249 -39.67 -33.10 4.00
N LEU A 250 -38.51 -33.38 3.43
CA LEU A 250 -38.41 -34.26 2.28
C LEU A 250 -38.57 -35.71 2.70
N ASN A 251 -38.70 -36.58 1.70
CA ASN A 251 -38.90 -38.00 1.94
C ASN A 251 -37.55 -38.72 2.08
N ARG A 252 -37.55 -39.77 2.88
CA ARG A 252 -36.31 -40.49 3.17
C ARG A 252 -35.74 -41.15 1.92
N GLU A 253 -36.60 -41.74 1.08
CA GLU A 253 -36.12 -42.48 -0.08
C GLU A 253 -35.34 -41.57 -1.03
N SER A 254 -35.63 -40.27 -1.02
CA SER A 254 -34.91 -39.31 -1.85
C SER A 254 -33.55 -39.02 -1.22
N VAL A 255 -32.70 -40.04 -1.24
CA VAL A 255 -31.39 -39.94 -0.60
C VAL A 255 -30.55 -38.87 -1.26
N ALA A 256 -30.53 -38.86 -2.59
CA ALA A 256 -29.70 -37.88 -3.30
C ALA A 256 -30.17 -36.46 -3.02
N ALA A 257 -31.48 -36.24 -2.99
CA ALA A 257 -32.00 -34.89 -2.78
C ALA A 257 -31.56 -34.33 -1.43
N ARG A 258 -31.78 -35.10 -0.36
CA ARG A 258 -31.39 -34.64 0.97
C ARG A 258 -29.88 -34.60 1.15
N THR A 259 -29.14 -35.40 0.38
CA THR A 259 -27.68 -35.36 0.46
C THR A 259 -27.15 -34.00 0.03
N VAL A 260 -27.73 -33.41 -1.02
CA VAL A 260 -27.27 -32.11 -1.50
C VAL A 260 -27.45 -31.05 -0.44
N PHE A 261 -28.60 -31.06 0.24
CA PHE A 261 -28.84 -30.06 1.28
C PHE A 261 -27.78 -30.11 2.36
N GLY A 262 -27.48 -31.32 2.85
CA GLY A 262 -26.52 -31.43 3.95
C GLY A 262 -25.12 -31.04 3.54
N VAL A 263 -24.67 -31.50 2.37
CA VAL A 263 -23.30 -31.23 1.94
C VAL A 263 -23.10 -29.74 1.67
N THR A 264 -24.02 -29.14 0.90
CA THR A 264 -23.85 -27.75 0.52
C THR A 264 -23.87 -26.83 1.73
N THR A 265 -24.78 -27.08 2.67
CA THR A 265 -24.91 -26.19 3.84
C THR A 265 -23.65 -26.21 4.68
N VAL A 266 -23.06 -27.38 4.88
CA VAL A 266 -21.86 -27.47 5.72
C VAL A 266 -20.73 -26.67 5.12
N LEU A 267 -20.51 -26.81 3.80
CA LEU A 267 -19.45 -26.07 3.14
C LEU A 267 -19.72 -24.57 3.17
N THR A 268 -20.99 -24.18 3.06
CA THR A 268 -21.33 -22.76 3.08
C THR A 268 -20.90 -22.11 4.40
N MET A 269 -21.14 -22.79 5.51
CA MET A 269 -20.74 -22.24 6.80
C MET A 269 -19.21 -22.13 6.90
N THR A 270 -18.50 -23.12 6.36
CA THR A 270 -17.05 -23.12 6.47
C THR A 270 -16.44 -21.90 5.78
N THR A 271 -16.91 -21.59 4.57
CA THR A 271 -16.35 -20.46 3.84
C THR A 271 -16.65 -19.15 4.55
N LEU A 272 -17.82 -19.03 5.17
CA LEU A 272 -18.15 -17.81 5.90
C LEU A 272 -17.21 -17.59 7.06
N SER A 273 -16.85 -18.66 7.77
CA SER A 273 -15.92 -18.53 8.89
C SER A 273 -14.58 -17.98 8.43
N ILE A 274 -14.06 -18.48 7.30
CA ILE A 274 -12.79 -17.99 6.79
C ILE A 274 -12.93 -16.54 6.35
N SER A 275 -13.97 -16.24 5.57
CA SER A 275 -14.15 -14.88 5.07
C SER A 275 -14.38 -13.88 6.19
N ALA A 276 -15.13 -14.28 7.22
CA ALA A 276 -15.50 -13.35 8.28
C ALA A 276 -14.28 -12.82 9.00
N ARG A 277 -13.30 -13.68 9.27
CA ARG A 277 -12.12 -13.29 10.04
C ARG A 277 -11.03 -12.66 9.20
N ASN A 278 -11.23 -12.53 7.88
CA ASN A 278 -10.22 -11.88 7.06
C ASN A 278 -10.01 -10.44 7.47
N SER A 279 -11.09 -9.70 7.72
CA SER A 279 -10.98 -8.32 8.15
C SER A 279 -10.58 -8.21 9.63
N LEU A 280 -11.08 -9.12 10.45
CA LEU A 280 -10.80 -9.05 11.88
C LEU A 280 -9.31 -9.30 12.15
N PRO A 281 -8.75 -8.65 13.17
CA PRO A 281 -7.34 -8.92 13.51
C PRO A 281 -7.13 -10.37 13.90
N LYS A 282 -5.92 -10.85 13.66
CA LYS A 282 -5.58 -12.24 13.93
C LYS A 282 -5.40 -12.47 15.44
N VAL A 283 -6.49 -12.34 16.18
CA VAL A 283 -6.45 -12.55 17.63
C VAL A 283 -6.46 -14.04 17.91
N ALA A 284 -5.58 -14.48 18.81
CA ALA A 284 -5.46 -15.90 19.15
C ALA A 284 -6.33 -16.27 20.34
N TYR A 285 -7.61 -15.95 20.27
CA TYR A 285 -8.56 -16.38 21.29
C TYR A 285 -9.97 -16.27 20.72
N ALA A 286 -10.88 -17.01 21.34
CA ALA A 286 -12.25 -17.08 20.86
C ALA A 286 -12.98 -15.76 21.11
N THR A 287 -13.86 -15.42 20.17
CA THR A 287 -14.71 -14.24 20.26
C THR A 287 -16.17 -14.67 20.29
N ALA A 288 -17.04 -13.72 20.65
CA ALA A 288 -18.47 -14.03 20.72
C ALA A 288 -19.01 -14.43 19.35
N MET A 289 -18.55 -13.76 18.29
CA MET A 289 -19.00 -14.10 16.95
C MET A 289 -18.59 -15.51 16.57
N ASP A 290 -17.40 -15.94 16.99
CA ASP A 290 -16.93 -17.27 16.65
C ASP A 290 -17.83 -18.34 17.25
N TRP A 291 -18.27 -18.15 18.49
CA TRP A 291 -19.16 -19.14 19.11
C TRP A 291 -20.48 -19.24 18.35
N PHE A 292 -20.99 -18.11 17.88
CA PHE A 292 -22.25 -18.14 17.13
C PHE A 292 -22.11 -18.97 15.86
N ILE A 293 -21.00 -18.83 15.14
CA ILE A 293 -20.77 -19.63 13.95
C ILE A 293 -20.67 -21.11 14.30
N ALA A 294 -19.96 -21.43 15.38
CA ALA A 294 -19.82 -22.83 15.79
C ALA A 294 -21.16 -23.46 16.10
N VAL A 295 -22.02 -22.73 16.81
CA VAL A 295 -23.36 -23.25 17.12
C VAL A 295 -24.14 -23.46 15.84
N CYS A 296 -24.09 -22.49 14.92
CA CYS A 296 -24.78 -22.66 13.64
C CYS A 296 -24.20 -23.83 12.85
N TYR A 297 -22.88 -24.01 12.91
CA TYR A 297 -22.26 -25.14 12.22
C TYR A 297 -22.75 -26.46 12.80
N ALA A 298 -22.98 -26.51 14.11
CA ALA A 298 -23.44 -27.74 14.74
C ALA A 298 -24.81 -28.15 14.22
N PHE A 299 -25.73 -27.19 14.10
CA PHE A 299 -27.08 -27.52 13.65
C PHE A 299 -27.07 -28.11 12.25
N VAL A 300 -26.37 -27.47 11.31
CA VAL A 300 -26.31 -27.98 9.95
C VAL A 300 -25.61 -29.33 9.92
N PHE A 301 -24.50 -29.45 10.66
CA PHE A 301 -23.81 -30.74 10.72
C PHE A 301 -24.66 -31.79 11.41
N SER A 302 -25.39 -31.40 12.47
CA SER A 302 -26.24 -32.36 13.18
C SER A 302 -27.34 -32.89 12.27
N ALA A 303 -27.92 -32.02 11.43
CA ALA A 303 -29.00 -32.45 10.55
C ALA A 303 -28.52 -33.55 9.61
N LEU A 304 -27.31 -33.42 9.08
CA LEU A 304 -26.77 -34.45 8.20
C LEU A 304 -26.65 -35.79 8.94
N LEU A 305 -26.19 -35.75 10.19
CA LEU A 305 -26.07 -36.97 10.97
C LEU A 305 -27.43 -37.63 11.17
N GLU A 306 -28.47 -36.83 11.41
CA GLU A 306 -29.80 -37.38 11.60
C GLU A 306 -30.26 -38.14 10.36
N PHE A 307 -30.03 -37.57 9.17
CA PHE A 307 -30.41 -38.26 7.95
C PHE A 307 -29.66 -39.56 7.77
N ALA A 308 -28.35 -39.55 8.05
CA ALA A 308 -27.56 -40.77 7.90
C ALA A 308 -28.03 -41.86 8.85
N PHE A 309 -28.31 -41.49 10.10
CA PHE A 309 -28.81 -42.46 11.07
C PHE A 309 -30.15 -43.01 10.65
N VAL A 310 -31.04 -42.15 10.16
CA VAL A 310 -32.37 -42.60 9.73
C VAL A 310 -32.24 -43.56 8.56
N ASN A 311 -31.41 -43.23 7.58
CA ASN A 311 -31.25 -44.09 6.41
C ASN A 311 -30.60 -45.42 6.75
N TYR A 312 -29.86 -45.49 7.85
CA TYR A 312 -29.21 -46.74 8.24
C TYR A 312 -30.18 -47.74 8.83
N ILE A 313 -31.27 -47.27 9.44
CA ILE A 313 -32.24 -48.13 10.10
C ILE A 313 -33.59 -48.12 9.38
N THR A 314 -33.66 -47.52 8.19
CA THR A 314 -34.92 -47.46 7.47
C THR A 314 -35.39 -48.82 7.00
N LYS A 315 -34.51 -49.83 6.99
CA LYS A 315 -34.86 -51.17 6.56
C LYS A 315 -35.27 -52.09 7.71
N SER A 316 -34.81 -51.82 8.93
CA SER A 316 -35.07 -52.70 10.05
C SER A 316 -36.32 -52.28 10.82
N GLN A 317 -36.34 -51.05 11.34
CA GLN A 317 -37.43 -50.54 12.17
C GLN A 317 -37.88 -49.19 11.63
N PRO A 318 -38.64 -49.17 10.53
CA PRO A 318 -39.11 -47.90 9.99
C PRO A 318 -39.99 -47.11 10.95
N ALA A 319 -40.63 -47.78 11.91
CA ALA A 319 -41.55 -47.08 12.81
C ALA A 319 -40.84 -45.97 13.55
N ARG A 320 -39.68 -46.26 14.14
CA ARG A 320 -38.95 -45.23 14.89
C ARG A 320 -38.32 -44.21 13.95
N ALA A 321 -37.93 -44.63 12.74
CA ALA A 321 -37.30 -43.71 11.80
C ALA A 321 -38.25 -42.57 11.43
N ALA A 322 -39.52 -42.89 11.18
CA ALA A 322 -40.48 -41.85 10.83
C ALA A 322 -40.67 -40.87 11.97
N LYS A 323 -40.72 -41.36 13.21
CA LYS A 323 -40.90 -40.47 14.35
C LYS A 323 -39.75 -39.48 14.45
N ILE A 324 -38.52 -39.95 14.26
CA ILE A 324 -37.36 -39.06 14.31
C ILE A 324 -37.44 -38.01 13.22
N ASP A 325 -37.82 -38.42 12.00
CA ASP A 325 -37.91 -37.48 10.90
C ASP A 325 -38.96 -36.40 11.18
N LYS A 326 -40.11 -36.80 11.72
CA LYS A 326 -41.14 -35.82 12.04
C LYS A 326 -40.79 -35.02 13.29
N MET A 327 -40.18 -35.67 14.28
CA MET A 327 -39.83 -34.98 15.51
C MET A 327 -38.84 -33.85 15.26
N SER A 328 -37.83 -34.10 14.40
CA SER A 328 -36.80 -33.10 14.14
C SER A 328 -37.36 -31.86 13.50
N ARG A 329 -38.56 -31.93 12.90
CA ARG A 329 -39.11 -30.76 12.21
C ARG A 329 -39.37 -29.61 13.18
N ILE A 330 -39.87 -29.91 14.38
CA ILE A 330 -40.25 -28.89 15.34
C ILE A 330 -39.15 -28.70 16.37
N VAL A 331 -38.40 -29.76 16.66
CA VAL A 331 -37.38 -29.69 17.70
C VAL A 331 -36.28 -28.70 17.31
N PHE A 332 -35.74 -28.85 16.10
CA PHE A 332 -34.62 -28.02 15.70
C PHE A 332 -34.95 -26.53 15.67
N PRO A 333 -36.04 -26.08 15.04
CA PRO A 333 -36.34 -24.65 15.05
C PRO A 333 -36.48 -24.07 16.45
N ILE A 334 -37.06 -24.83 17.38
CA ILE A 334 -37.25 -24.32 18.74
C ILE A 334 -35.91 -24.07 19.41
N LEU A 335 -34.98 -25.02 19.30
CA LEU A 335 -33.68 -24.87 19.93
C LEU A 335 -32.93 -23.69 19.33
N PHE A 336 -32.95 -23.56 18.01
CA PHE A 336 -32.23 -22.46 17.36
C PHE A 336 -32.80 -21.11 17.79
N GLY A 337 -34.12 -20.99 17.85
CA GLY A 337 -34.72 -19.75 18.33
C GLY A 337 -34.37 -19.46 19.77
N THR A 338 -34.38 -20.48 20.62
CA THR A 338 -34.05 -20.28 22.02
C THR A 338 -32.62 -19.80 22.19
N PHE A 339 -31.69 -20.38 21.42
CA PHE A 339 -30.28 -19.99 21.53
C PHE A 339 -30.09 -18.52 21.19
N ASN A 340 -30.77 -18.04 20.15
CA ASN A 340 -30.58 -16.65 19.73
C ASN A 340 -30.97 -15.68 20.84
N LEU A 341 -32.09 -15.95 21.52
CA LEU A 341 -32.52 -15.05 22.59
C LEU A 341 -31.49 -14.96 23.69
N VAL A 342 -30.91 -16.10 24.09
CA VAL A 342 -29.88 -16.10 25.12
C VAL A 342 -28.64 -15.36 24.62
N TYR A 343 -28.22 -15.62 23.39
CA TYR A 343 -27.00 -15.02 22.87
C TYR A 343 -27.12 -13.50 22.79
N TRP A 344 -28.16 -13.00 22.15
CA TRP A 344 -28.31 -11.56 22.00
C TRP A 344 -28.54 -10.88 23.35
N ALA A 345 -29.37 -11.48 24.20
CA ALA A 345 -29.66 -10.87 25.49
C ALA A 345 -28.40 -10.77 26.35
N THR A 346 -27.56 -11.81 26.33
CA THR A 346 -26.39 -11.83 27.19
C THR A 346 -25.43 -10.70 26.84
N TYR A 347 -25.18 -10.47 25.55
CA TYR A 347 -24.22 -9.48 25.10
C TYR A 347 -24.82 -8.09 24.92
N LEU A 348 -26.15 -7.96 25.00
CA LEU A 348 -26.82 -6.67 24.88
C LEU A 348 -27.31 -6.15 26.23
N ASN A 349 -26.91 -6.77 27.33
CA ASN A 349 -27.32 -6.33 28.65
C ASN A 349 -26.11 -6.09 29.55
N ASN B 14 22.44 48.70 -17.70
CA ASN B 14 21.01 48.92 -17.86
C ASN B 14 20.20 48.06 -16.89
N ILE B 15 20.59 46.79 -16.79
CA ILE B 15 19.89 45.87 -15.88
C ILE B 15 20.08 46.30 -14.44
N THR B 16 21.18 47.00 -14.13
CA THR B 16 21.47 47.37 -12.75
C THR B 16 20.39 48.27 -12.17
N ILE B 17 19.60 48.96 -13.00
CA ILE B 17 18.56 49.83 -12.47
C ILE B 17 17.54 49.02 -11.68
N PHE B 18 17.14 47.85 -12.19
CA PHE B 18 16.21 47.00 -11.46
C PHE B 18 16.83 46.49 -10.16
N THR B 19 18.13 46.18 -10.18
CA THR B 19 18.78 45.66 -8.99
C THR B 19 18.70 46.66 -7.84
N ARG B 20 18.93 47.93 -8.12
CA ARG B 20 18.86 48.94 -7.07
C ARG B 20 17.44 49.03 -6.51
N ILE B 21 16.43 48.96 -7.38
CA ILE B 21 15.04 49.04 -6.92
C ILE B 21 14.73 47.89 -5.97
N LEU B 22 15.13 46.68 -6.35
CA LEU B 22 14.87 45.52 -5.49
C LEU B 22 15.59 45.66 -4.15
N ASP B 23 16.84 46.11 -4.17
CA ASP B 23 17.59 46.30 -2.93
C ASP B 23 16.94 47.36 -2.06
N GLY B 24 16.46 48.44 -2.67
CA GLY B 24 15.86 49.51 -1.88
C GLY B 24 14.62 49.06 -1.12
N LEU B 25 13.76 48.27 -1.77
CA LEU B 25 12.53 47.83 -1.11
C LEU B 25 12.84 46.98 0.11
N LEU B 26 13.80 46.06 -0.01
CA LEU B 26 14.14 45.20 1.11
C LEU B 26 14.77 45.97 2.27
N ASP B 27 15.36 47.13 2.00
CA ASP B 27 15.96 47.92 3.07
C ASP B 27 14.87 48.47 3.98
N GLY B 28 15.06 48.32 5.29
CA GLY B 28 14.08 48.79 6.25
C GLY B 28 12.73 48.13 6.09
N TYR B 29 12.70 46.85 5.74
CA TYR B 29 11.48 46.08 5.57
C TYR B 29 11.41 45.00 6.64
N ASP B 30 10.28 44.94 7.34
CA ASP B 30 10.06 43.95 8.39
C ASP B 30 9.04 42.93 7.88
N ASN B 31 9.50 41.72 7.60
CA ASN B 31 8.63 40.67 7.10
C ASN B 31 7.70 40.11 8.18
N ARG B 32 7.93 40.45 9.44
CA ARG B 32 7.11 39.95 10.54
C ARG B 32 5.89 40.82 10.80
N LEU B 33 5.73 41.93 10.10
CA LEU B 33 4.63 42.85 10.31
C LEU B 33 3.80 42.97 9.04
N ARG B 34 2.48 42.82 9.18
CA ARG B 34 1.60 42.93 8.03
C ARG B 34 1.49 44.39 7.60
N PRO B 35 1.18 44.64 6.32
CA PRO B 35 1.00 46.03 5.88
C PRO B 35 -0.15 46.70 6.62
N GLY B 36 0.02 47.98 6.91
CA GLY B 36 -1.00 48.73 7.61
C GLY B 36 -1.28 48.21 9.01
N LEU B 37 -0.24 47.81 9.73
CA LEU B 37 -0.42 47.30 11.08
C LEU B 37 -0.85 48.44 12.00
N GLY B 38 -1.90 48.19 12.79
CA GLY B 38 -2.41 49.21 13.69
C GLY B 38 -2.98 50.43 13.00
N GLU B 39 -3.25 50.36 11.70
CA GLU B 39 -3.79 51.48 10.94
C GLU B 39 -5.14 51.16 10.33
N ARG B 40 -5.28 50.01 9.67
CA ARG B 40 -6.53 49.64 9.02
C ARG B 40 -6.59 48.12 8.96
N ILE B 41 -7.54 47.60 8.19
CA ILE B 41 -7.76 46.16 8.05
C ILE B 41 -7.30 45.75 6.65
N THR B 42 -6.40 44.79 6.59
CA THR B 42 -5.91 44.29 5.32
C THR B 42 -7.01 43.52 4.59
N GLN B 43 -7.02 43.64 3.26
CA GLN B 43 -7.99 42.98 2.41
C GLN B 43 -7.25 42.10 1.41
N VAL B 44 -7.72 40.87 1.25
CA VAL B 44 -7.08 39.88 0.37
C VAL B 44 -8.13 39.34 -0.59
N ARG B 45 -7.77 39.25 -1.86
CA ARG B 45 -8.64 38.70 -2.89
C ARG B 45 -8.06 37.37 -3.36
N THR B 46 -8.92 36.36 -3.45
CA THR B 46 -8.50 35.00 -3.78
C THR B 46 -9.23 34.50 -5.01
N ASP B 47 -8.48 33.80 -5.88
CA ASP B 47 -9.04 33.14 -7.04
C ASP B 47 -8.41 31.76 -7.16
N MET B 48 -9.15 30.84 -7.76
CA MET B 48 -8.74 29.44 -7.84
C MET B 48 -8.96 28.91 -9.25
N TYR B 49 -8.11 27.97 -9.65
CA TYR B 49 -8.25 27.27 -10.92
C TYR B 49 -7.95 25.80 -10.66
N VAL B 50 -8.91 24.93 -10.97
CA VAL B 50 -8.79 23.50 -10.71
C VAL B 50 -8.29 22.84 -11.99
N ASN B 51 -7.05 22.36 -11.98
CA ASN B 51 -6.50 21.69 -13.14
C ASN B 51 -7.05 20.27 -13.30
N SER B 52 -7.26 19.58 -12.18
CA SER B 52 -7.76 18.21 -12.23
C SER B 52 -8.38 17.87 -10.89
N PHE B 53 -9.52 17.17 -10.94
CA PHE B 53 -10.19 16.71 -9.74
C PHE B 53 -9.77 15.28 -9.47
N GLY B 54 -9.16 15.05 -8.30
CA GLY B 54 -8.60 13.77 -7.98
C GLY B 54 -9.66 12.73 -7.67
N PRO B 55 -9.26 11.47 -7.58
CA PRO B 55 -10.21 10.40 -7.28
C PRO B 55 -10.86 10.60 -5.91
N VAL B 56 -12.13 10.19 -5.82
CA VAL B 56 -12.89 10.27 -4.58
C VAL B 56 -12.87 8.91 -3.92
N SER B 57 -12.32 8.84 -2.72
CA SER B 57 -12.22 7.60 -1.96
C SER B 57 -13.39 7.52 -0.99
N ASP B 58 -14.40 6.72 -1.35
CA ASP B 58 -15.56 6.57 -0.49
C ASP B 58 -15.19 5.91 0.84
N THR B 59 -14.26 4.95 0.79
CA THR B 59 -13.87 4.24 2.01
C THR B 59 -13.28 5.20 3.04
N GLU B 60 -12.39 6.08 2.60
CA GLU B 60 -11.73 7.02 3.50
C GLU B 60 -12.43 8.38 3.57
N MET B 61 -13.51 8.57 2.81
CA MET B 61 -14.25 9.83 2.83
C MET B 61 -13.33 11.01 2.52
N GLU B 62 -12.45 10.84 1.54
CA GLU B 62 -11.52 11.88 1.15
C GLU B 62 -11.49 11.99 -0.36
N TYR B 63 -11.12 13.18 -0.85
CA TYR B 63 -10.98 13.43 -2.28
C TYR B 63 -9.77 14.31 -2.51
N THR B 64 -8.99 13.97 -3.54
CA THR B 64 -7.81 14.74 -3.90
C THR B 64 -8.16 15.77 -4.97
N ILE B 65 -7.41 16.87 -4.96
CA ILE B 65 -7.64 17.96 -5.90
C ILE B 65 -6.34 18.73 -6.10
N ASP B 66 -6.10 19.19 -7.32
CA ASP B 66 -4.96 20.00 -7.67
C ASP B 66 -5.45 21.35 -8.15
N ILE B 67 -4.86 22.43 -7.61
CA ILE B 67 -5.34 23.78 -7.87
C ILE B 67 -4.14 24.73 -8.01
N PHE B 68 -4.43 25.91 -8.54
CA PHE B 68 -3.47 27.01 -8.63
C PHE B 68 -4.04 28.15 -7.79
N PHE B 69 -3.72 28.15 -6.50
CA PHE B 69 -4.25 29.14 -5.58
C PHE B 69 -3.50 30.45 -5.73
N ALA B 70 -4.25 31.54 -5.88
CA ALA B 70 -3.68 32.87 -6.07
C ALA B 70 -4.25 33.82 -5.03
N GLN B 71 -3.37 34.60 -4.40
CA GLN B 71 -3.74 35.58 -3.41
C GLN B 71 -3.19 36.95 -3.81
N THR B 72 -4.01 37.98 -3.61
CA THR B 72 -3.64 39.35 -3.94
C THR B 72 -3.94 40.26 -2.76
N TRP B 73 -3.02 41.19 -2.50
CA TRP B 73 -3.20 42.16 -1.43
C TRP B 73 -2.43 43.43 -1.80
N LYS B 74 -2.60 44.46 -0.97
CA LYS B 74 -2.02 45.78 -1.22
C LYS B 74 -1.03 46.10 -0.11
N ASP B 75 0.18 46.51 -0.51
CA ASP B 75 1.23 46.88 0.43
C ASP B 75 1.85 48.19 -0.04
N GLU B 76 1.79 49.20 0.83
CA GLU B 76 2.35 50.52 0.47
C GLU B 76 3.87 50.54 0.57
N ARG B 77 4.46 49.69 1.42
CA ARG B 77 5.90 49.70 1.62
C ARG B 77 6.68 49.26 0.38
N LEU B 78 6.01 48.67 -0.61
CA LEU B 78 6.67 48.15 -1.81
C LEU B 78 6.57 49.10 -2.99
N ARG B 79 6.10 50.33 -2.78
CA ARG B 79 5.98 51.29 -3.88
C ARG B 79 7.35 51.58 -4.47
N PHE B 80 7.41 51.69 -5.80
CA PHE B 80 8.65 51.95 -6.50
C PHE B 80 8.34 52.66 -7.80
N LYS B 81 9.37 53.27 -8.39
CA LYS B 81 9.26 53.97 -9.66
C LYS B 81 10.37 53.51 -10.60
N GLY B 82 10.02 53.29 -11.85
CA GLY B 82 10.96 52.85 -12.84
C GLY B 82 10.35 52.71 -14.22
N PRO B 83 11.18 52.36 -15.21
CA PRO B 83 10.65 52.22 -16.58
C PRO B 83 9.56 51.18 -16.72
N MET B 84 9.65 50.08 -15.97
CA MET B 84 8.68 48.98 -16.07
C MET B 84 7.70 49.04 -14.90
N GLN B 85 6.41 48.90 -15.22
CA GLN B 85 5.38 48.91 -14.20
C GLN B 85 5.22 47.57 -13.50
N ARG B 86 5.87 46.51 -14.01
CA ARG B 86 5.74 45.18 -13.45
C ARG B 86 7.12 44.55 -13.30
N LEU B 87 7.26 43.71 -12.28
CA LEU B 87 8.52 43.04 -11.95
C LEU B 87 8.28 41.56 -11.78
N PRO B 88 8.23 40.80 -12.89
CA PRO B 88 8.16 39.34 -12.76
C PRO B 88 9.35 38.80 -12.00
N LEU B 89 9.09 37.80 -11.16
CA LEU B 89 10.12 37.24 -10.29
C LEU B 89 9.82 35.76 -10.08
N ASN B 90 10.47 35.16 -9.08
CA ASN B 90 10.32 33.76 -8.78
C ASN B 90 10.18 33.61 -7.26
N ASN B 91 10.26 32.37 -6.78
CA ASN B 91 10.08 32.07 -5.36
C ASN B 91 11.22 32.61 -4.50
N LEU B 92 12.32 33.06 -5.09
CA LEU B 92 13.46 33.51 -4.30
C LEU B 92 13.09 34.67 -3.40
N LEU B 93 12.34 35.64 -3.92
CA LEU B 93 11.95 36.82 -3.17
C LEU B 93 10.68 36.63 -2.37
N ALA B 94 10.00 35.49 -2.50
CA ALA B 94 8.75 35.28 -1.80
C ALA B 94 8.95 35.29 -0.29
N SER B 95 10.02 34.66 0.18
CA SER B 95 10.28 34.55 1.61
C SER B 95 10.91 35.80 2.21
N LYS B 96 11.26 36.79 1.38
CA LYS B 96 11.88 38.00 1.88
C LYS B 96 10.86 39.04 2.35
N ILE B 97 9.57 38.80 2.15
CA ILE B 97 8.53 39.75 2.51
C ILE B 97 7.44 39.00 3.27
N TRP B 98 6.37 39.73 3.62
CA TRP B 98 5.27 39.19 4.40
C TRP B 98 4.20 38.63 3.47
N THR B 99 3.75 37.41 3.75
CA THR B 99 2.69 36.77 3.01
C THR B 99 1.68 36.16 3.98
N PRO B 100 0.41 36.07 3.59
CA PRO B 100 -0.61 35.54 4.51
C PRO B 100 -0.36 34.08 4.85
N ASP B 101 -0.76 33.72 6.06
CA ASP B 101 -0.63 32.34 6.55
C ASP B 101 -1.91 31.55 6.29
N THR B 102 -2.36 31.55 5.04
CA THR B 102 -3.58 30.84 4.68
C THR B 102 -3.39 29.33 4.83
N PHE B 103 -4.44 28.65 5.29
CA PHE B 103 -4.41 27.21 5.44
C PHE B 103 -5.81 26.66 5.18
N PHE B 104 -5.88 25.37 4.90
CA PHE B 104 -7.13 24.67 4.64
C PHE B 104 -7.58 23.95 5.90
N HIS B 105 -8.77 24.29 6.39
CA HIS B 105 -9.24 23.75 7.66
C HIS B 105 -9.49 22.25 7.56
N ASN B 106 -10.04 21.78 6.44
CA ASN B 106 -10.41 20.39 6.27
C ASN B 106 -9.35 19.58 5.54
N GLY B 107 -8.18 20.14 5.29
CA GLY B 107 -7.13 19.43 4.60
C GLY B 107 -6.38 18.47 5.49
N LYS B 108 -6.63 17.16 5.30
CA LYS B 108 -5.94 16.16 6.10
C LYS B 108 -4.45 16.13 5.78
N LYS B 109 -4.10 16.22 4.50
CA LYS B 109 -2.70 16.13 4.08
C LYS B 109 -2.53 16.87 2.77
N SER B 110 -1.57 17.79 2.73
CA SER B 110 -1.30 18.59 1.55
C SER B 110 0.20 18.64 1.29
N PHE B 111 0.56 18.71 0.01
CA PHE B 111 1.96 18.80 -0.40
C PHE B 111 2.06 19.71 -1.61
N ALA B 112 3.25 20.27 -1.81
CA ALA B 112 3.53 21.18 -2.90
C ALA B 112 4.39 20.49 -3.96
N HIS B 113 4.62 21.19 -5.05
CA HIS B 113 5.42 20.70 -6.16
C HIS B 113 6.70 21.52 -6.25
N TRP B 114 7.85 20.84 -6.28
CA TRP B 114 9.15 21.50 -6.24
C TRP B 114 9.97 21.32 -7.51
N MET B 115 9.64 20.35 -8.35
CA MET B 115 10.39 20.09 -9.57
C MET B 115 9.69 20.73 -10.76
N THR B 116 10.46 21.35 -11.65
CA THR B 116 11.91 21.52 -11.60
C THR B 116 12.29 22.58 -10.57
N THR B 117 11.43 23.58 -10.42
CA THR B 117 11.61 24.68 -9.49
C THR B 117 10.32 24.86 -8.70
N PRO B 118 10.42 25.28 -7.43
CA PRO B 118 9.19 25.55 -6.66
C PRO B 118 8.20 26.40 -7.45
N ASN B 119 7.03 25.85 -7.72
CA ASN B 119 6.04 26.50 -8.58
C ASN B 119 5.39 27.63 -7.81
N ARG B 120 6.00 28.80 -7.87
CA ARG B 120 5.46 29.99 -7.23
C ARG B 120 5.83 31.20 -8.07
N MET B 121 5.03 32.26 -7.95
CA MET B 121 5.25 33.50 -8.67
C MET B 121 5.06 34.68 -7.73
N LEU B 122 5.72 35.79 -8.05
CA LEU B 122 5.64 36.99 -7.24
C LEU B 122 5.77 38.19 -8.16
N ARG B 123 4.70 38.98 -8.25
CA ARG B 123 4.66 40.16 -9.10
C ARG B 123 4.28 41.38 -8.27
N ILE B 124 4.90 42.51 -8.58
CA ILE B 124 4.71 43.74 -7.83
C ILE B 124 4.44 44.88 -8.80
N TRP B 125 3.50 45.75 -8.43
CA TRP B 125 3.16 46.93 -9.20
C TRP B 125 3.58 48.18 -8.45
N ASN B 126 3.58 49.31 -9.17
CA ASN B 126 4.02 50.57 -8.58
C ASN B 126 3.11 50.97 -7.42
N ASP B 127 1.80 50.83 -7.59
CA ASP B 127 0.87 51.22 -6.54
C ASP B 127 1.03 50.37 -5.28
N GLY B 128 1.68 49.21 -5.39
CA GLY B 128 1.87 48.33 -4.26
C GLY B 128 1.11 47.02 -4.35
N ARG B 129 0.36 46.79 -5.43
CA ARG B 129 -0.38 45.54 -5.56
C ARG B 129 0.59 44.37 -5.71
N VAL B 130 0.28 43.28 -5.02
CA VAL B 130 1.14 42.10 -4.97
C VAL B 130 0.33 40.89 -5.40
N LEU B 131 0.90 40.08 -6.29
CA LEU B 131 0.27 38.84 -6.74
C LEU B 131 1.15 37.67 -6.32
N TYR B 132 0.53 36.66 -5.72
CA TYR B 132 1.25 35.49 -5.20
C TYR B 132 0.43 34.25 -5.53
N THR B 133 0.85 33.52 -6.54
CA THR B 133 0.18 32.30 -6.96
C THR B 133 0.96 31.07 -6.49
N LEU B 134 0.22 30.03 -6.12
CA LEU B 134 0.81 28.82 -5.59
C LEU B 134 0.08 27.60 -6.14
N ARG B 135 0.82 26.53 -6.36
CA ARG B 135 0.27 25.26 -6.82
C ARG B 135 0.28 24.26 -5.68
N LEU B 136 -0.85 23.60 -5.46
CA LEU B 136 -1.02 22.72 -4.32
C LEU B 136 -1.81 21.48 -4.72
N THR B 137 -1.61 20.42 -3.94
CA THR B 137 -2.42 19.21 -4.01
C THR B 137 -3.04 18.98 -2.64
N ILE B 138 -4.36 18.97 -2.59
CA ILE B 138 -5.11 18.93 -1.34
C ILE B 138 -5.89 17.63 -1.27
N SER B 139 -5.77 16.93 -0.14
CA SER B 139 -6.52 15.71 0.14
C SER B 139 -7.48 16.04 1.29
N ALA B 140 -8.65 16.55 0.94
CA ALA B 140 -9.63 16.97 1.94
C ALA B 140 -10.55 15.81 2.30
N GLU B 141 -11.52 16.08 3.18
CA GLU B 141 -12.48 15.10 3.64
C GLU B 141 -13.87 15.51 3.18
N CYS B 142 -14.62 14.54 2.63
CA CYS B 142 -15.96 14.79 2.09
C CYS B 142 -16.93 13.80 2.72
N PRO B 143 -17.53 14.14 3.86
CA PRO B 143 -18.52 13.23 4.46
C PRO B 143 -19.69 13.01 3.52
N MET B 144 -20.20 11.78 3.53
CA MET B 144 -21.27 11.38 2.62
C MET B 144 -22.34 10.62 3.40
N ASP B 145 -23.57 10.69 2.89
CA ASP B 145 -24.70 9.96 3.44
C ASP B 145 -25.15 8.95 2.38
N LEU B 146 -24.62 7.73 2.49
CA LEU B 146 -24.89 6.70 1.49
C LEU B 146 -26.19 5.97 1.79
N GLU B 147 -27.29 6.72 1.96
CA GLU B 147 -28.59 6.13 2.21
C GLU B 147 -29.31 5.75 0.93
N ASP B 148 -29.15 6.55 -0.13
CA ASP B 148 -29.74 6.27 -1.43
C ASP B 148 -28.74 5.71 -2.42
N PHE B 149 -27.68 5.07 -1.92
CA PHE B 149 -26.65 4.54 -2.79
C PHE B 149 -27.25 3.48 -3.71
N PRO B 150 -26.88 3.45 -5.01
CA PRO B 150 -25.93 4.33 -5.69
C PRO B 150 -26.56 5.62 -6.25
N MET B 151 -27.88 5.81 -6.12
CA MET B 151 -28.54 7.03 -6.60
C MET B 151 -28.41 8.09 -5.51
N ASP B 152 -27.21 8.65 -5.39
CA ASP B 152 -26.90 9.61 -4.35
C ASP B 152 -26.17 10.80 -4.94
N GLU B 153 -26.41 11.96 -4.35
CA GLU B 153 -25.73 13.21 -4.71
C GLU B 153 -24.90 13.68 -3.53
N GLN B 154 -23.67 14.07 -3.80
CA GLN B 154 -22.72 14.48 -2.77
C GLN B 154 -22.31 15.93 -2.97
N ASN B 155 -22.02 16.60 -1.86
CA ASN B 155 -21.62 18.01 -1.85
C ASN B 155 -20.30 18.10 -1.08
N CYS B 156 -19.19 17.97 -1.80
CA CYS B 156 -17.88 17.99 -1.16
C CYS B 156 -17.40 19.42 -1.02
N PRO B 157 -17.15 19.91 0.20
CA PRO B 157 -16.75 21.30 0.37
C PRO B 157 -15.24 21.49 0.38
N LEU B 158 -14.82 22.75 0.42
CA LEU B 158 -13.42 23.12 0.54
C LEU B 158 -13.35 24.43 1.29
N LYS B 159 -12.64 24.43 2.42
CA LYS B 159 -12.58 25.57 3.32
C LYS B 159 -11.14 26.01 3.52
N PHE B 160 -10.93 27.33 3.53
CA PHE B 160 -9.62 27.89 3.80
C PHE B 160 -9.78 29.25 4.43
N GLY B 161 -8.75 29.69 5.13
CA GLY B 161 -8.79 30.97 5.80
C GLY B 161 -7.50 31.23 6.55
N SER B 162 -7.49 32.32 7.30
CA SER B 162 -6.34 32.70 8.09
C SER B 162 -6.20 31.81 9.32
N TYR B 163 -4.96 31.66 9.80
CA TYR B 163 -4.67 30.85 10.97
C TYR B 163 -4.34 31.66 12.21
N ALA B 164 -3.84 32.89 12.04
CA ALA B 164 -3.43 33.72 13.17
C ALA B 164 -3.95 35.15 13.11
N TYR B 165 -4.50 35.59 11.98
CA TYR B 165 -5.00 36.95 11.86
C TYR B 165 -6.52 36.94 11.96
N PRO B 166 -7.12 37.49 13.02
CA PRO B 166 -8.58 37.49 13.13
C PRO B 166 -9.25 38.32 12.04
N ASN B 167 -10.58 38.33 12.05
CA ASN B 167 -11.32 39.08 11.03
C ASN B 167 -11.04 40.57 11.11
N SER B 168 -10.67 41.06 12.29
CA SER B 168 -10.41 42.49 12.47
C SER B 168 -9.13 42.94 11.77
N GLU B 169 -8.30 42.03 11.30
CA GLU B 169 -7.04 42.37 10.65
C GLU B 169 -7.00 41.96 9.19
N VAL B 170 -7.31 40.71 8.87
CA VAL B 170 -7.25 40.19 7.51
C VAL B 170 -8.61 39.65 7.15
N VAL B 171 -9.12 40.04 5.98
CA VAL B 171 -10.41 39.61 5.47
C VAL B 171 -10.23 39.04 4.08
N TYR B 172 -10.82 37.87 3.83
CA TYR B 172 -10.77 37.21 2.54
C TYR B 172 -12.10 37.42 1.82
N VAL B 173 -12.01 37.82 0.55
CA VAL B 173 -13.19 38.03 -0.28
C VAL B 173 -12.88 37.58 -1.69
N TRP B 174 -13.87 36.98 -2.36
CA TRP B 174 -13.71 36.59 -3.74
C TRP B 174 -13.67 37.81 -4.65
N THR B 175 -13.06 37.63 -5.82
CA THR B 175 -12.93 38.69 -6.81
C THR B 175 -13.88 38.42 -7.97
N ASN B 176 -14.61 39.46 -8.38
CA ASN B 176 -15.55 39.36 -9.49
C ASN B 176 -16.64 38.33 -9.17
N GLY B 177 -17.33 37.85 -10.20
CA GLY B 177 -18.42 36.92 -10.00
C GLY B 177 -17.97 35.53 -9.64
N SER B 178 -18.95 34.67 -9.35
CA SER B 178 -18.65 33.30 -8.95
C SER B 178 -17.97 32.54 -10.09
N THR B 179 -18.40 32.76 -11.32
CA THR B 179 -17.85 32.02 -12.45
C THR B 179 -16.35 32.26 -12.58
N LYS B 180 -15.92 33.51 -12.47
CA LYS B 180 -14.50 33.82 -12.57
C LYS B 180 -13.74 33.42 -11.31
N SER B 181 -14.43 33.35 -10.17
CA SER B 181 -13.76 33.03 -8.93
C SER B 181 -13.14 31.63 -8.95
N VAL B 182 -13.88 30.65 -9.45
CA VAL B 182 -13.43 29.27 -9.51
C VAL B 182 -13.64 28.75 -10.93
N VAL B 183 -12.62 28.10 -11.47
CA VAL B 183 -12.66 27.55 -12.82
C VAL B 183 -12.16 26.11 -12.77
N VAL B 184 -12.84 25.24 -13.52
CA VAL B 184 -12.50 23.82 -13.59
C VAL B 184 -12.25 23.46 -15.04
N ALA B 185 -11.12 22.79 -15.29
CA ALA B 185 -10.77 22.40 -16.65
C ALA B 185 -11.77 21.39 -17.20
N GLU B 186 -12.01 21.48 -18.51
CA GLU B 186 -12.95 20.57 -19.15
C GLU B 186 -12.49 19.11 -19.03
N ASP B 187 -11.21 18.86 -19.29
CA ASP B 187 -10.69 17.50 -19.21
C ASP B 187 -10.32 17.11 -17.79
N GLY B 188 -10.02 18.06 -16.92
CA GLY B 188 -9.67 17.73 -15.54
C GLY B 188 -10.83 17.13 -14.78
N SER B 189 -12.05 17.62 -15.03
CA SER B 189 -13.24 17.15 -14.32
C SER B 189 -13.73 15.86 -14.95
N ARG B 190 -12.90 14.81 -14.81
CA ARG B 190 -13.23 13.48 -15.30
C ARG B 190 -13.02 12.50 -14.16
N LEU B 191 -14.08 11.77 -13.82
CA LEU B 191 -14.03 10.77 -12.77
C LEU B 191 -14.64 9.47 -13.28
N ASN B 192 -14.19 8.36 -12.69
CA ASN B 192 -14.65 7.04 -13.15
C ASN B 192 -16.07 6.75 -12.69
N GLN B 193 -16.50 7.32 -11.56
CA GLN B 193 -17.81 7.01 -11.01
C GLN B 193 -18.51 8.26 -10.47
N TYR B 194 -18.29 9.41 -11.09
CA TYR B 194 -18.94 10.63 -10.65
C TYR B 194 -19.01 11.61 -11.82
N HIS B 195 -19.94 12.56 -11.70
CA HIS B 195 -20.09 13.68 -12.63
C HIS B 195 -20.02 14.98 -11.84
N LEU B 196 -19.29 15.95 -12.38
CA LEU B 196 -19.15 17.26 -11.76
C LEU B 196 -20.16 18.21 -12.40
N MET B 197 -21.31 18.37 -11.73
CA MET B 197 -22.38 19.19 -12.29
C MET B 197 -22.02 20.66 -12.29
N GLY B 198 -21.51 21.15 -11.17
CA GLY B 198 -21.19 22.57 -11.07
C GLY B 198 -20.51 22.88 -9.74
N GLN B 199 -20.29 24.17 -9.52
CA GLN B 199 -19.60 24.65 -8.34
C GLN B 199 -20.33 25.86 -7.78
N THR B 200 -20.13 26.10 -6.49
CA THR B 200 -20.70 27.26 -5.80
C THR B 200 -19.71 27.76 -4.76
N VAL B 201 -19.89 29.02 -4.37
CA VAL B 201 -19.00 29.67 -3.42
C VAL B 201 -19.84 30.33 -2.33
N GLY B 202 -19.19 30.63 -1.22
CA GLY B 202 -19.88 31.27 -0.10
C GLY B 202 -18.87 31.77 0.91
N THR B 203 -19.38 32.58 1.84
CA THR B 203 -18.57 33.15 2.90
C THR B 203 -19.33 33.05 4.22
N GLU B 204 -18.57 32.94 5.30
CA GLU B 204 -19.17 32.85 6.63
C GLU B 204 -18.13 33.24 7.67
N ASN B 205 -18.62 33.56 8.86
CA ASN B 205 -17.78 33.91 10.00
C ASN B 205 -17.91 32.83 11.06
N ILE B 206 -16.80 32.57 11.76
CA ILE B 206 -16.75 31.56 12.81
C ILE B 206 -16.19 32.20 14.07
N SER B 207 -16.80 31.87 15.21
CA SER B 207 -16.34 32.34 16.51
C SER B 207 -15.58 31.22 17.20
N THR B 208 -14.35 31.50 17.61
CA THR B 208 -13.50 30.54 18.29
C THR B 208 -12.97 31.15 19.58
N SER B 209 -12.16 30.37 20.29
CA SER B 209 -11.59 30.85 21.55
C SER B 209 -10.69 32.05 21.34
N THR B 210 -9.88 32.03 20.28
CA THR B 210 -8.93 33.12 20.03
C THR B 210 -9.59 34.38 19.49
N GLY B 211 -10.79 34.29 18.95
CA GLY B 211 -11.47 35.46 18.41
C GLY B 211 -12.39 35.06 17.27
N GLU B 212 -12.57 36.00 16.35
CA GLU B 212 -13.43 35.82 15.18
C GLU B 212 -12.58 35.79 13.92
N TYR B 213 -12.90 34.87 13.02
CA TYR B 213 -12.16 34.68 11.78
C TYR B 213 -13.12 34.55 10.63
N THR B 214 -12.66 34.92 9.44
CA THR B 214 -13.43 34.82 8.22
C THR B 214 -13.07 33.53 7.48
N ILE B 215 -14.08 32.88 6.91
CA ILE B 215 -13.92 31.59 6.25
C ILE B 215 -14.48 31.69 4.84
N MET B 216 -13.69 31.22 3.87
CA MET B 216 -14.11 31.14 2.49
C MET B 216 -14.39 29.68 2.15
N THR B 217 -15.58 29.41 1.61
CA THR B 217 -16.03 28.06 1.36
C THR B 217 -16.43 27.90 -0.10
N ALA B 218 -16.04 26.78 -0.69
CA ALA B 218 -16.42 26.42 -2.05
C ALA B 218 -16.99 25.00 -2.03
N HIS B 219 -18.15 24.81 -2.65
CA HIS B 219 -18.83 23.52 -2.68
C HIS B 219 -18.84 22.98 -4.10
N PHE B 220 -18.61 21.67 -4.21
CA PHE B 220 -18.68 20.97 -5.48
C PHE B 220 -19.84 19.97 -5.44
N HIS B 221 -20.65 19.97 -6.49
CA HIS B 221 -21.80 19.09 -6.59
C HIS B 221 -21.43 17.88 -7.44
N LEU B 222 -21.59 16.69 -6.89
CA LEU B 222 -21.21 15.45 -7.55
C LEU B 222 -22.46 14.60 -7.75
N LYS B 223 -22.61 14.07 -8.96
CA LYS B 223 -23.72 13.19 -9.32
C LYS B 223 -23.14 11.85 -9.74
N ARG B 224 -23.32 10.83 -8.90
CA ARG B 224 -22.76 9.52 -9.20
C ARG B 224 -23.36 8.96 -10.48
N LYS B 225 -22.51 8.38 -11.32
CA LYS B 225 -22.95 7.79 -12.59
C LYS B 225 -23.19 6.30 -12.40
N ILE B 226 -24.36 5.84 -12.82
CA ILE B 226 -24.72 4.45 -12.69
C ILE B 226 -24.38 3.73 -13.98
N GLY B 227 -24.15 2.42 -13.87
CA GLY B 227 -23.82 1.61 -15.01
C GLY B 227 -22.74 0.59 -14.70
N TYR B 228 -21.83 0.93 -13.79
CA TYR B 228 -20.84 -0.03 -13.32
C TYR B 228 -21.46 -1.04 -12.36
N PHE B 229 -22.35 -0.58 -11.49
CA PHE B 229 -23.00 -1.50 -10.55
C PHE B 229 -24.05 -2.35 -11.23
N VAL B 230 -24.66 -1.85 -12.31
CA VAL B 230 -25.65 -2.64 -13.04
C VAL B 230 -25.00 -3.89 -13.60
N ILE B 231 -23.84 -3.74 -14.23
CA ILE B 231 -23.12 -4.89 -14.76
C ILE B 231 -22.58 -5.76 -13.63
N GLN B 232 -22.26 -5.15 -12.48
CA GLN B 232 -21.56 -5.84 -11.40
C GLN B 232 -22.51 -6.58 -10.46
N THR B 233 -23.60 -5.93 -10.04
CA THR B 233 -24.47 -6.47 -9.01
C THR B 233 -25.88 -6.72 -9.50
N TYR B 234 -26.51 -5.75 -10.16
CA TYR B 234 -27.93 -5.89 -10.50
C TYR B 234 -28.16 -7.03 -11.47
N LEU B 235 -27.42 -7.06 -12.58
CA LEU B 235 -27.68 -8.07 -13.61
C LEU B 235 -27.51 -9.49 -13.08
N PRO B 236 -26.43 -9.84 -12.39
CA PRO B 236 -26.33 -11.21 -11.85
C PRO B 236 -27.51 -11.59 -10.97
N CYS B 237 -28.01 -10.65 -10.17
CA CYS B 237 -29.17 -10.93 -9.34
C CYS B 237 -30.41 -11.21 -10.19
N ILE B 238 -30.62 -10.41 -11.25
CA ILE B 238 -31.79 -10.56 -12.08
C ILE B 238 -31.77 -11.92 -12.79
N MET B 239 -30.62 -12.27 -13.37
CA MET B 239 -30.53 -13.54 -14.09
C MET B 239 -30.69 -14.72 -13.14
N THR B 240 -30.14 -14.62 -11.93
CA THR B 240 -30.27 -15.71 -10.96
C THR B 240 -31.73 -15.96 -10.61
N VAL B 241 -32.51 -14.91 -10.45
CA VAL B 241 -33.93 -15.07 -10.15
C VAL B 241 -34.62 -15.81 -11.29
N ILE B 242 -34.31 -15.44 -12.53
CA ILE B 242 -34.91 -16.11 -13.68
C ILE B 242 -34.54 -17.59 -13.69
N LEU B 243 -33.31 -17.90 -13.27
CA LEU B 243 -32.87 -19.29 -13.26
C LEU B 243 -33.73 -20.14 -12.33
N SER B 244 -34.07 -19.62 -11.16
CA SER B 244 -34.87 -20.39 -10.21
C SER B 244 -36.25 -20.69 -10.76
N GLN B 245 -36.86 -19.73 -11.46
CA GLN B 245 -38.20 -19.92 -11.99
C GLN B 245 -38.28 -21.10 -12.95
N VAL B 246 -37.17 -21.46 -13.59
CA VAL B 246 -37.19 -22.58 -14.53
C VAL B 246 -37.54 -23.88 -13.82
N SER B 247 -37.21 -23.99 -12.53
CA SER B 247 -37.48 -25.22 -11.80
C SER B 247 -38.97 -25.54 -11.77
N PHE B 248 -39.83 -24.52 -11.83
CA PHE B 248 -41.27 -24.77 -11.79
C PHE B 248 -41.71 -25.57 -13.00
N TRP B 249 -41.17 -25.25 -14.18
CA TRP B 249 -41.57 -25.94 -15.40
C TRP B 249 -41.19 -27.42 -15.38
N LEU B 250 -40.30 -27.83 -14.48
CA LEU B 250 -39.91 -29.22 -14.37
C LEU B 250 -41.00 -30.02 -13.66
N ASN B 251 -40.84 -31.35 -13.69
CA ASN B 251 -41.82 -32.26 -13.10
C ASN B 251 -41.51 -32.48 -11.62
N ARG B 252 -42.58 -32.70 -10.85
CA ARG B 252 -42.42 -32.85 -9.40
C ARG B 252 -41.60 -34.08 -9.05
N GLU B 253 -41.82 -35.20 -9.74
CA GLU B 253 -41.13 -36.43 -9.37
C GLU B 253 -39.62 -36.29 -9.49
N SER B 254 -39.15 -35.37 -10.34
CA SER B 254 -37.71 -35.13 -10.48
C SER B 254 -37.23 -34.28 -9.30
N VAL B 255 -37.25 -34.92 -8.13
CA VAL B 255 -36.91 -34.22 -6.89
C VAL B 255 -35.46 -33.75 -6.94
N ALA B 256 -34.55 -34.63 -7.37
CA ALA B 256 -33.13 -34.27 -7.39
C ALA B 256 -32.87 -33.11 -8.35
N ALA B 257 -33.52 -33.13 -9.52
CA ALA B 257 -33.29 -32.09 -10.51
C ALA B 257 -33.67 -30.72 -9.96
N ARG B 258 -34.88 -30.59 -9.43
CA ARG B 258 -35.33 -29.31 -8.89
C ARG B 258 -34.57 -28.93 -7.62
N THR B 259 -34.04 -29.92 -6.89
CA THR B 259 -33.27 -29.61 -5.69
C THR B 259 -32.00 -28.82 -6.04
N VAL B 260 -31.35 -29.19 -7.14
CA VAL B 260 -30.12 -28.50 -7.53
C VAL B 260 -30.40 -27.04 -7.83
N PHE B 261 -31.50 -26.76 -8.54
CA PHE B 261 -31.83 -25.37 -8.88
C PHE B 261 -31.99 -24.54 -7.62
N GLY B 262 -32.75 -25.03 -6.64
CA GLY B 262 -33.00 -24.25 -5.46
C GLY B 262 -31.75 -24.02 -4.62
N VAL B 263 -30.95 -25.07 -4.42
CA VAL B 263 -29.77 -24.96 -3.57
C VAL B 263 -28.74 -24.02 -4.21
N THR B 264 -28.44 -24.24 -5.50
CA THR B 264 -27.40 -23.44 -6.14
C THR B 264 -27.77 -21.97 -6.19
N THR B 265 -29.03 -21.66 -6.52
CA THR B 265 -29.43 -20.27 -6.65
C THR B 265 -29.29 -19.52 -5.33
N VAL B 266 -29.69 -20.14 -4.23
CA VAL B 266 -29.62 -19.47 -2.93
C VAL B 266 -28.18 -19.12 -2.59
N LEU B 267 -27.27 -20.07 -2.78
CA LEU B 267 -25.87 -19.81 -2.48
C LEU B 267 -25.30 -18.74 -3.40
N THR B 268 -25.73 -18.71 -4.65
CA THR B 268 -25.22 -17.72 -5.60
C THR B 268 -25.55 -16.31 -5.14
N MET B 269 -26.76 -16.09 -4.64
CA MET B 269 -27.12 -14.76 -4.13
C MET B 269 -26.28 -14.39 -2.92
N THR B 270 -26.03 -15.36 -2.04
CA THR B 270 -25.28 -15.07 -0.81
C THR B 270 -23.89 -14.55 -1.13
N THR B 271 -23.18 -15.20 -2.06
CA THR B 271 -21.82 -14.78 -2.37
C THR B 271 -21.81 -13.39 -3.00
N LEU B 272 -22.83 -13.08 -3.81
CA LEU B 272 -22.89 -11.76 -4.43
C LEU B 272 -23.03 -10.66 -3.37
N SER B 273 -23.83 -10.93 -2.33
CA SER B 273 -24.00 -9.94 -1.27
C SER B 273 -22.66 -9.64 -0.59
N ILE B 274 -21.88 -10.68 -0.30
CA ILE B 274 -20.58 -10.47 0.34
C ILE B 274 -19.64 -9.73 -0.60
N SER B 275 -19.56 -10.18 -1.86
CA SER B 275 -18.65 -9.57 -2.81
C SER B 275 -19.04 -8.12 -3.11
N ALA B 276 -20.34 -7.85 -3.20
CA ALA B 276 -20.78 -6.51 -3.59
C ALA B 276 -20.31 -5.45 -2.60
N ARG B 277 -20.39 -5.76 -1.30
CA ARG B 277 -20.06 -4.77 -0.27
C ARG B 277 -18.57 -4.71 0.04
N ASN B 278 -17.74 -5.53 -0.61
CA ASN B 278 -16.29 -5.45 -0.38
C ASN B 278 -15.74 -4.09 -0.74
N SER B 279 -16.15 -3.56 -1.90
CA SER B 279 -15.69 -2.24 -2.32
C SER B 279 -16.40 -1.12 -1.57
N LEU B 280 -17.67 -1.30 -1.26
CA LEU B 280 -18.43 -0.27 -0.59
C LEU B 280 -17.89 -0.03 0.82
N PRO B 281 -17.95 1.20 1.32
CA PRO B 281 -17.52 1.45 2.70
C PRO B 281 -18.39 0.69 3.69
N LYS B 282 -17.79 0.35 4.84
CA LYS B 282 -18.47 -0.42 5.85
C LYS B 282 -19.49 0.44 6.60
N VAL B 283 -20.53 0.88 5.91
CA VAL B 283 -21.57 1.70 6.52
C VAL B 283 -22.51 0.80 7.30
N ALA B 284 -22.83 1.21 8.52
CA ALA B 284 -23.68 0.43 9.42
C ALA B 284 -25.16 0.82 9.28
N TYR B 285 -25.67 0.81 8.05
CA TYR B 285 -27.09 1.03 7.82
C TYR B 285 -27.43 0.52 6.43
N ALA B 286 -28.72 0.25 6.24
CA ALA B 286 -29.19 -0.32 5.00
C ALA B 286 -29.12 0.69 3.85
N THR B 287 -28.82 0.19 2.67
CA THR B 287 -28.77 0.98 1.44
C THR B 287 -29.81 0.45 0.47
N ALA B 288 -30.07 1.25 -0.57
CA ALA B 288 -31.06 0.86 -1.57
C ALA B 288 -30.65 -0.42 -2.28
N MET B 289 -29.36 -0.58 -2.57
CA MET B 289 -28.89 -1.79 -3.22
C MET B 289 -29.10 -3.01 -2.34
N ASP B 290 -28.92 -2.85 -1.03
CA ASP B 290 -29.10 -3.98 -0.12
C ASP B 290 -30.53 -4.51 -0.15
N TRP B 291 -31.51 -3.60 -0.19
CA TRP B 291 -32.91 -4.03 -0.25
C TRP B 291 -33.19 -4.82 -1.52
N PHE B 292 -32.60 -4.39 -2.65
CA PHE B 292 -32.80 -5.10 -3.91
C PHE B 292 -32.31 -6.54 -3.81
N ILE B 293 -31.13 -6.74 -3.20
CA ILE B 293 -30.61 -8.09 -3.04
C ILE B 293 -31.53 -8.91 -2.14
N ALA B 294 -32.01 -8.31 -1.05
CA ALA B 294 -32.88 -9.05 -0.14
C ALA B 294 -34.15 -9.51 -0.84
N VAL B 295 -34.75 -8.63 -1.65
CA VAL B 295 -35.95 -9.00 -2.38
C VAL B 295 -35.64 -10.13 -3.35
N CYS B 296 -34.53 -10.03 -4.08
CA CYS B 296 -34.13 -11.10 -4.98
C CYS B 296 -33.87 -12.39 -4.22
N TYR B 297 -33.26 -12.29 -3.03
CA TYR B 297 -33.02 -13.48 -2.22
C TYR B 297 -34.33 -14.14 -1.80
N ALA B 298 -35.36 -13.32 -1.52
CA ALA B 298 -36.64 -13.88 -1.11
C ALA B 298 -37.26 -14.72 -2.21
N PHE B 299 -37.22 -14.25 -3.46
CA PHE B 299 -37.83 -14.99 -4.56
C PHE B 299 -37.19 -16.36 -4.72
N VAL B 300 -35.86 -16.40 -4.77
CA VAL B 300 -35.18 -17.69 -4.93
C VAL B 300 -35.43 -18.58 -3.72
N PHE B 301 -35.36 -18.02 -2.52
CA PHE B 301 -35.66 -18.79 -1.32
C PHE B 301 -37.12 -19.23 -1.30
N SER B 302 -38.03 -18.35 -1.72
CA SER B 302 -39.44 -18.70 -1.72
C SER B 302 -39.72 -19.86 -2.68
N ALA B 303 -39.06 -19.87 -3.83
CA ALA B 303 -39.28 -20.95 -4.80
C ALA B 303 -38.93 -22.31 -4.20
N LEU B 304 -37.84 -22.38 -3.45
CA LEU B 304 -37.47 -23.64 -2.81
C LEU B 304 -38.55 -24.09 -1.83
N LEU B 305 -39.11 -23.15 -1.07
CA LEU B 305 -40.18 -23.51 -0.14
C LEU B 305 -41.39 -24.06 -0.87
N GLU B 306 -41.73 -23.47 -2.01
CA GLU B 306 -42.88 -23.96 -2.77
C GLU B 306 -42.68 -25.40 -3.20
N PHE B 307 -41.48 -25.75 -3.67
CA PHE B 307 -41.21 -27.13 -4.07
C PHE B 307 -41.33 -28.08 -2.89
N ALA B 308 -40.78 -27.70 -1.74
CA ALA B 308 -40.84 -28.56 -0.56
C ALA B 308 -42.27 -28.78 -0.12
N PHE B 309 -43.07 -27.72 -0.11
CA PHE B 309 -44.48 -27.86 0.27
C PHE B 309 -45.22 -28.74 -0.72
N VAL B 310 -44.96 -28.58 -2.01
CA VAL B 310 -45.64 -29.39 -3.02
C VAL B 310 -45.28 -30.86 -2.85
N ASN B 311 -43.99 -31.14 -2.65
CA ASN B 311 -43.55 -32.53 -2.51
C ASN B 311 -44.06 -33.18 -1.22
N TYR B 312 -44.43 -32.38 -0.23
CA TYR B 312 -44.94 -32.92 1.02
C TYR B 312 -46.38 -33.40 0.91
N ILE B 313 -47.15 -32.82 0.00
CA ILE B 313 -48.56 -33.15 -0.17
C ILE B 313 -48.82 -33.83 -1.51
N THR B 314 -47.78 -34.20 -2.25
CA THR B 314 -47.97 -34.82 -3.55
C THR B 314 -48.59 -36.22 -3.45
N LYS B 315 -48.60 -36.81 -2.25
CA LYS B 315 -49.16 -38.13 -2.05
C LYS B 315 -50.61 -38.10 -1.56
N SER B 316 -51.04 -37.01 -0.91
CA SER B 316 -52.38 -36.94 -0.34
C SER B 316 -53.38 -36.31 -1.30
N GLN B 317 -53.12 -35.08 -1.72
CA GLN B 317 -54.02 -34.31 -2.58
C GLN B 317 -53.23 -33.76 -3.77
N PRO B 318 -52.93 -34.60 -4.76
CA PRO B 318 -52.19 -34.10 -5.92
C PRO B 318 -52.94 -33.03 -6.70
N ALA B 319 -54.26 -32.97 -6.58
CA ALA B 319 -55.03 -31.99 -7.37
C ALA B 319 -54.58 -30.57 -7.07
N ARG B 320 -54.47 -30.22 -5.80
CA ARG B 320 -54.05 -28.87 -5.45
C ARG B 320 -52.57 -28.65 -5.72
N ALA B 321 -51.76 -29.70 -5.60
CA ALA B 321 -50.32 -29.57 -5.84
C ALA B 321 -50.04 -29.13 -7.27
N ALA B 322 -50.73 -29.72 -8.24
CA ALA B 322 -50.52 -29.35 -9.64
C ALA B 322 -50.89 -27.89 -9.88
N LYS B 323 -52.00 -27.44 -9.28
CA LYS B 323 -52.42 -26.05 -9.46
C LYS B 323 -51.36 -25.08 -8.96
N ILE B 324 -50.77 -25.38 -7.79
CA ILE B 324 -49.73 -24.51 -7.26
C ILE B 324 -48.52 -24.49 -8.18
N ASP B 325 -48.12 -25.66 -8.69
CA ASP B 325 -46.97 -25.73 -9.58
C ASP B 325 -47.21 -24.91 -10.85
N LYS B 326 -48.41 -25.01 -11.43
CA LYS B 326 -48.71 -24.26 -12.63
C LYS B 326 -48.96 -22.78 -12.31
N MET B 327 -49.59 -22.50 -11.18
CA MET B 327 -49.88 -21.12 -10.81
C MET B 327 -48.59 -20.32 -10.62
N SER B 328 -47.60 -20.92 -9.96
CA SER B 328 -46.36 -20.21 -9.68
C SER B 328 -45.61 -19.80 -10.94
N ARG B 329 -45.91 -20.44 -12.08
CA ARG B 329 -45.19 -20.14 -13.31
C ARG B 329 -45.41 -18.69 -13.74
N ILE B 330 -46.64 -18.19 -13.61
CA ILE B 330 -46.98 -16.86 -14.10
C ILE B 330 -46.95 -15.86 -12.94
N VAL B 331 -47.26 -16.33 -11.73
CA VAL B 331 -47.36 -15.43 -10.59
C VAL B 331 -45.99 -14.80 -10.30
N PHE B 332 -44.96 -15.64 -10.19
CA PHE B 332 -43.64 -15.12 -9.79
C PHE B 332 -43.08 -14.11 -10.78
N PRO B 333 -43.05 -14.38 -12.08
CA PRO B 333 -42.50 -13.37 -13.01
C PRO B 333 -43.23 -12.03 -12.93
N ILE B 334 -44.55 -12.05 -12.74
CA ILE B 334 -45.31 -10.80 -12.69
C ILE B 334 -44.88 -9.96 -11.49
N LEU B 335 -44.77 -10.60 -10.33
CA LEU B 335 -44.39 -9.87 -9.12
C LEU B 335 -42.98 -9.29 -9.26
N PHE B 336 -42.04 -10.09 -9.78
CA PHE B 336 -40.67 -9.61 -9.93
C PHE B 336 -40.61 -8.43 -10.88
N GLY B 337 -41.33 -8.50 -12.00
CA GLY B 337 -41.36 -7.37 -12.92
C GLY B 337 -41.98 -6.13 -12.30
N THR B 338 -43.06 -6.32 -11.55
CA THR B 338 -43.71 -5.18 -10.90
C THR B 338 -42.78 -4.50 -9.89
N PHE B 339 -42.03 -5.30 -9.13
CA PHE B 339 -41.14 -4.72 -8.13
C PHE B 339 -40.08 -3.86 -8.77
N ASN B 340 -39.52 -4.30 -9.90
CA ASN B 340 -38.45 -3.54 -10.55
C ASN B 340 -38.93 -2.16 -10.96
N LEU B 341 -40.14 -2.07 -11.52
CA LEU B 341 -40.65 -0.77 -11.95
C LEU B 341 -40.76 0.20 -10.77
N VAL B 342 -41.26 -0.28 -9.63
CA VAL B 342 -41.37 0.57 -8.46
C VAL B 342 -39.98 0.96 -7.96
N TYR B 343 -39.06 0.00 -7.90
CA TYR B 343 -37.73 0.28 -7.35
C TYR B 343 -37.00 1.32 -8.19
N TRP B 344 -36.91 1.10 -9.50
CA TRP B 344 -36.18 2.03 -10.35
C TRP B 344 -36.87 3.38 -10.42
N ALA B 345 -38.19 3.39 -10.53
CA ALA B 345 -38.92 4.65 -10.63
C ALA B 345 -38.73 5.49 -9.36
N THR B 346 -38.77 4.85 -8.20
CA THR B 346 -38.70 5.59 -6.94
C THR B 346 -37.36 6.33 -6.82
N TYR B 347 -36.26 5.66 -7.14
CA TYR B 347 -34.93 6.24 -6.98
C TYR B 347 -34.47 7.03 -8.19
N LEU B 348 -35.18 6.97 -9.31
CA LEU B 348 -34.84 7.73 -10.50
C LEU B 348 -35.75 8.94 -10.71
N ASN B 349 -36.57 9.28 -9.71
CA ASN B 349 -37.47 10.42 -9.83
C ASN B 349 -37.28 11.39 -8.65
N ASN C 14 48.41 27.04 -10.62
CA ASN C 14 47.82 26.87 -11.95
C ASN C 14 46.31 26.77 -11.87
N ILE C 15 45.82 25.97 -10.92
CA ILE C 15 44.38 25.80 -10.76
C ILE C 15 43.74 27.11 -10.33
N THR C 16 44.48 27.98 -9.66
CA THR C 16 43.92 29.23 -9.14
C THR C 16 43.36 30.12 -10.25
N ILE C 17 43.81 29.93 -11.50
CA ILE C 17 43.31 30.76 -12.59
C ILE C 17 41.82 30.55 -12.77
N PHE C 18 41.36 29.30 -12.71
CA PHE C 18 39.93 29.03 -12.82
C PHE C 18 39.17 29.62 -11.64
N THR C 19 39.75 29.57 -10.45
CA THR C 19 39.06 30.08 -9.27
C THR C 19 38.74 31.56 -9.42
N ARG C 20 39.69 32.34 -9.93
CA ARG C 20 39.45 33.77 -10.13
C ARG C 20 38.33 33.99 -11.13
N ILE C 21 38.30 33.21 -12.21
CA ILE C 21 37.27 33.37 -13.23
C ILE C 21 35.89 33.13 -12.63
N LEU C 22 35.76 32.04 -11.84
CA LEU C 22 34.48 31.73 -11.23
C LEU C 22 34.06 32.83 -10.26
N ASP C 23 35.00 33.34 -9.46
CA ASP C 23 34.68 34.41 -8.53
C ASP C 23 34.25 35.67 -9.28
N GLY C 24 34.92 35.98 -10.38
CA GLY C 24 34.60 37.20 -11.12
C GLY C 24 33.17 37.19 -11.65
N LEU C 25 32.74 36.06 -12.20
CA LEU C 25 31.40 35.98 -12.77
C LEU C 25 30.33 36.22 -11.71
N LEU C 26 30.50 35.63 -10.53
CA LEU C 26 29.51 35.79 -9.47
C LEU C 26 29.47 37.22 -8.94
N ASP C 27 30.55 37.98 -9.10
CA ASP C 27 30.57 39.36 -8.62
C ASP C 27 29.63 40.21 -9.47
N GLY C 28 28.78 40.99 -8.81
CA GLY C 28 27.84 41.83 -9.52
C GLY C 28 26.85 41.04 -10.36
N TYR C 29 26.44 39.87 -9.88
CA TYR C 29 25.50 39.01 -10.58
C TYR C 29 24.22 38.93 -9.77
N ASP C 30 23.08 39.18 -10.43
CA ASP C 30 21.77 39.12 -9.78
C ASP C 30 21.04 37.90 -10.31
N ASN C 31 20.89 36.89 -9.45
CA ASN C 31 20.20 35.66 -9.84
C ASN C 31 18.70 35.83 -9.97
N ARG C 32 18.15 36.96 -9.52
CA ARG C 32 16.72 37.21 -9.59
C ARG C 32 16.28 37.83 -10.91
N LEU C 33 17.22 38.14 -11.79
CA LEU C 33 16.91 38.80 -13.07
C LEU C 33 17.36 37.90 -14.21
N ARG C 34 16.46 37.69 -15.17
CA ARG C 34 16.78 36.87 -16.32
C ARG C 34 17.73 37.63 -17.25
N PRO C 35 18.52 36.92 -18.04
CA PRO C 35 19.40 37.60 -18.99
C PRO C 35 18.60 38.41 -20.00
N GLY C 36 19.14 39.57 -20.38
CA GLY C 36 18.47 40.43 -21.34
C GLY C 36 17.13 40.94 -20.85
N LEU C 37 17.03 41.28 -19.57
CA LEU C 37 15.78 41.80 -19.03
C LEU C 37 15.48 43.18 -19.61
N GLY C 38 14.26 43.36 -20.09
CA GLY C 38 13.88 44.62 -20.68
C GLY C 38 14.61 44.97 -21.95
N GLU C 39 15.30 44.00 -22.57
CA GLU C 39 16.06 44.23 -23.79
C GLU C 39 15.55 43.39 -24.96
N ARG C 40 15.35 42.10 -24.75
CA ARG C 40 14.89 41.20 -25.80
C ARG C 40 14.15 40.04 -25.15
N ILE C 41 13.88 39.00 -25.95
CA ILE C 41 13.14 37.83 -25.49
C ILE C 41 14.11 36.67 -25.39
N THR C 42 14.18 36.06 -24.21
CA THR C 42 15.06 34.92 -23.99
C THR C 42 14.56 33.71 -24.78
N GLN C 43 15.49 32.91 -25.28
CA GLN C 43 15.19 31.70 -26.04
C GLN C 43 15.83 30.51 -25.37
N VAL C 44 15.07 29.43 -25.21
CA VAL C 44 15.52 28.23 -24.52
C VAL C 44 15.30 27.04 -25.43
N ARG C 45 16.31 26.18 -25.53
CA ARG C 45 16.24 24.95 -26.31
C ARG C 45 16.21 23.76 -25.36
N THR C 46 15.30 22.82 -25.61
CA THR C 46 15.07 21.68 -24.74
C THR C 46 15.24 20.38 -25.51
N ASP C 47 15.89 19.41 -24.86
CA ASP C 47 16.03 18.07 -25.38
C ASP C 47 15.77 17.08 -24.26
N MET C 48 15.30 15.88 -24.63
CA MET C 48 14.90 14.88 -23.66
C MET C 48 15.44 13.52 -24.06
N TYR C 49 15.73 12.70 -23.05
CA TYR C 49 16.15 11.32 -23.25
C TYR C 49 15.42 10.46 -22.23
N VAL C 50 14.65 9.48 -22.71
CA VAL C 50 13.85 8.63 -21.84
C VAL C 50 14.65 7.36 -21.55
N ASN C 51 15.09 7.22 -20.30
CA ASN C 51 15.85 6.03 -19.93
C ASN C 51 14.94 4.81 -19.75
N SER C 52 13.74 5.02 -19.23
CA SER C 52 12.82 3.91 -19.00
C SER C 52 11.40 4.47 -18.90
N PHE C 53 10.46 3.76 -19.51
CA PHE C 53 9.06 4.12 -19.46
C PHE C 53 8.39 3.32 -18.34
N GLY C 54 7.85 4.02 -17.34
CA GLY C 54 7.31 3.38 -16.17
C GLY C 54 6.00 2.67 -16.44
N PRO C 55 5.54 1.89 -15.48
CA PRO C 55 4.28 1.15 -15.66
C PRO C 55 3.11 2.11 -15.82
N VAL C 56 2.15 1.69 -16.63
CA VAL C 56 0.94 2.46 -16.88
C VAL C 56 -0.17 1.90 -16.00
N SER C 57 -0.70 2.75 -15.12
CA SER C 57 -1.77 2.36 -14.20
C SER C 57 -3.09 2.78 -14.81
N ASP C 58 -3.82 1.81 -15.36
CA ASP C 58 -5.12 2.10 -15.95
C ASP C 58 -6.12 2.56 -14.90
N THR C 59 -6.05 1.97 -13.70
CA THR C 59 -6.99 2.32 -12.65
C THR C 59 -6.87 3.79 -12.27
N GLU C 60 -5.65 4.28 -12.10
CA GLU C 60 -5.41 5.67 -11.71
C GLU C 60 -5.17 6.59 -12.89
N MET C 61 -5.19 6.06 -14.12
CA MET C 61 -4.99 6.88 -15.32
C MET C 61 -3.69 7.68 -15.23
N GLU C 62 -2.63 7.03 -14.76
CA GLU C 62 -1.32 7.67 -14.62
C GLU C 62 -0.24 6.74 -15.15
N TYR C 63 0.87 7.34 -15.57
CA TYR C 63 2.01 6.59 -16.06
C TYR C 63 3.29 7.26 -15.56
N THR C 64 4.24 6.44 -15.12
CA THR C 64 5.52 6.93 -14.63
C THR C 64 6.55 6.93 -15.76
N ILE C 65 7.50 7.84 -15.67
CA ILE C 65 8.55 7.98 -16.68
C ILE C 65 9.77 8.61 -16.05
N ASP C 66 10.95 8.15 -16.48
CA ASP C 66 12.23 8.69 -16.04
C ASP C 66 12.94 9.28 -17.25
N ILE C 67 13.44 10.51 -17.10
CA ILE C 67 14.02 11.25 -18.21
C ILE C 67 15.24 12.02 -17.74
N PHE C 68 16.03 12.49 -18.71
CA PHE C 68 17.17 13.38 -18.48
C PHE C 68 16.85 14.69 -19.19
N PHE C 69 16.17 15.59 -18.51
CA PHE C 69 15.74 16.84 -19.10
C PHE C 69 16.91 17.82 -19.16
N ALA C 70 17.14 18.40 -20.33
CA ALA C 70 18.24 19.32 -20.57
C ALA C 70 17.70 20.63 -21.13
N GLN C 71 18.17 21.75 -20.57
CA GLN C 71 17.78 23.07 -21.02
C GLN C 71 19.02 23.89 -21.35
N THR C 72 18.95 24.65 -22.44
CA THR C 72 20.05 25.48 -22.89
C THR C 72 19.55 26.88 -23.17
N TRP C 73 20.34 27.87 -22.78
CA TRP C 73 20.01 29.28 -23.02
C TRP C 73 21.32 30.06 -23.12
N LYS C 74 21.18 31.34 -23.47
CA LYS C 74 22.32 32.23 -23.71
C LYS C 74 22.31 33.35 -22.68
N ASP C 75 23.44 33.56 -22.02
CA ASP C 75 23.59 34.61 -21.02
C ASP C 75 24.89 35.36 -21.29
N GLU C 76 24.79 36.66 -21.54
CA GLU C 76 25.98 37.47 -21.82
C GLU C 76 26.77 37.78 -20.56
N ARG C 77 26.12 37.82 -19.40
CA ARG C 77 26.79 38.17 -18.16
C ARG C 77 27.83 37.14 -17.74
N LEU C 78 27.83 35.95 -18.33
CA LEU C 78 28.74 34.87 -17.94
C LEU C 78 29.95 34.76 -18.86
N ARG C 79 30.15 35.73 -19.76
CA ARG C 79 31.29 35.67 -20.66
C ARG C 79 32.59 35.69 -19.87
N PHE C 80 33.56 34.90 -20.34
CA PHE C 80 34.85 34.81 -19.69
C PHE C 80 35.90 34.40 -20.71
N LYS C 81 37.16 34.62 -20.35
CA LYS C 81 38.29 34.26 -21.20
C LYS C 81 39.31 33.47 -20.38
N GLY C 82 39.85 32.41 -20.99
CA GLY C 82 40.82 31.58 -20.34
C GLY C 82 41.31 30.45 -21.22
N PRO C 83 42.26 29.67 -20.71
CA PRO C 83 42.82 28.57 -21.54
C PRO C 83 41.79 27.55 -21.97
N MET C 84 40.79 27.27 -21.13
CA MET C 84 39.78 26.26 -21.43
C MET C 84 38.49 26.93 -21.87
N GLN C 85 37.90 26.42 -22.96
CA GLN C 85 36.65 26.95 -23.48
C GLN C 85 35.43 26.42 -22.73
N ARG C 86 35.60 25.41 -21.88
CA ARG C 86 34.49 24.78 -21.17
C ARG C 86 34.86 24.65 -19.70
N LEU C 87 33.84 24.72 -18.84
CA LEU C 87 34.01 24.66 -17.39
C LEU C 87 33.03 23.65 -16.82
N PRO C 88 33.36 22.35 -16.87
CA PRO C 88 32.51 21.36 -16.21
C PRO C 88 32.40 21.66 -14.72
N LEU C 89 31.20 21.45 -14.17
CA LEU C 89 30.92 21.77 -12.79
C LEU C 89 29.88 20.79 -12.26
N ASN C 90 29.30 21.12 -11.11
CA ASN C 90 28.30 20.27 -10.46
C ASN C 90 27.15 21.16 -10.00
N ASN C 91 26.26 20.59 -9.19
CA ASN C 91 25.07 21.29 -8.73
C ASN C 91 25.38 22.43 -7.76
N LEU C 92 26.62 22.52 -7.28
CA LEU C 92 26.95 23.55 -6.29
C LEU C 92 26.72 24.95 -6.85
N LEU C 93 27.13 25.18 -8.09
CA LEU C 93 27.00 26.50 -8.72
C LEU C 93 25.65 26.70 -9.41
N ALA C 94 24.81 25.67 -9.46
CA ALA C 94 23.53 25.80 -10.15
C ALA C 94 22.64 26.84 -9.48
N SER C 95 22.62 26.87 -8.14
CA SER C 95 21.75 27.78 -7.41
C SER C 95 22.33 29.18 -7.29
N LYS C 96 23.56 29.40 -7.76
CA LYS C 96 24.18 30.72 -7.65
C LYS C 96 23.81 31.64 -8.82
N ILE C 97 23.10 31.14 -9.83
CA ILE C 97 22.74 31.90 -11.01
C ILE C 97 21.26 31.70 -11.29
N TRP C 98 20.80 32.31 -12.39
CA TRP C 98 19.40 32.27 -12.78
C TRP C 98 19.14 31.08 -13.69
N THR C 99 18.10 30.32 -13.38
CA THR C 99 17.68 29.19 -14.19
C THR C 99 16.17 29.25 -14.40
N PRO C 100 15.68 28.73 -15.52
CA PRO C 100 14.24 28.80 -15.80
C PRO C 100 13.42 28.00 -14.79
N ASP C 101 12.21 28.48 -14.54
CA ASP C 101 11.28 27.83 -13.63
C ASP C 101 10.34 26.88 -14.38
N THR C 102 10.92 25.97 -15.16
CA THR C 102 10.13 25.04 -15.94
C THR C 102 9.39 24.07 -15.03
N PHE C 103 8.17 23.72 -15.40
CA PHE C 103 7.37 22.77 -14.65
C PHE C 103 6.49 22.00 -15.62
N PHE C 104 5.99 20.86 -15.15
CA PHE C 104 5.13 19.99 -15.93
C PHE C 104 3.68 20.24 -15.54
N HIS C 105 2.86 20.63 -16.51
CA HIS C 105 1.48 21.01 -16.22
C HIS C 105 0.67 19.81 -15.74
N ASN C 106 0.88 18.64 -16.34
CA ASN C 106 0.09 17.46 -16.04
C ASN C 106 0.77 16.54 -15.03
N GLY C 107 1.88 16.96 -14.43
CA GLY C 107 2.57 16.14 -13.47
C GLY C 107 1.91 16.13 -12.10
N LYS C 108 1.26 15.03 -11.75
CA LYS C 108 0.62 14.94 -10.45
C LYS C 108 1.64 14.91 -9.32
N LYS C 109 2.74 14.19 -9.50
CA LYS C 109 3.75 14.05 -8.46
C LYS C 109 5.08 13.74 -9.11
N SER C 110 6.10 14.52 -8.77
CA SER C 110 7.43 14.36 -9.33
C SER C 110 8.47 14.46 -8.22
N PHE C 111 9.56 13.70 -8.38
CA PHE C 111 10.65 13.71 -7.42
C PHE C 111 11.96 13.57 -8.17
N ALA C 112 13.04 14.02 -7.53
CA ALA C 112 14.38 14.01 -8.10
C ALA C 112 15.21 12.92 -7.42
N HIS C 113 16.43 12.75 -7.93
CA HIS C 113 17.37 11.76 -7.41
C HIS C 113 18.55 12.49 -6.79
N TRP C 114 18.86 12.15 -5.54
CA TRP C 114 19.89 12.85 -4.78
C TRP C 114 21.11 12.01 -4.45
N MET C 115 21.00 10.68 -4.53
CA MET C 115 22.11 9.79 -4.20
C MET C 115 22.83 9.35 -5.48
N THR C 116 24.16 9.33 -5.44
CA THR C 116 25.02 9.71 -4.32
C THR C 116 25.07 11.22 -4.16
N THR C 117 24.99 11.92 -5.29
CA THR C 117 25.00 13.37 -5.35
C THR C 117 23.85 13.84 -6.22
N PRO C 118 23.26 15.01 -5.93
CA PRO C 118 22.21 15.53 -6.80
C PRO C 118 22.60 15.49 -8.27
N ASN C 119 21.86 14.72 -9.06
CA ASN C 119 22.19 14.47 -10.46
C ASN C 119 21.87 15.71 -11.27
N ARG C 120 22.84 16.62 -11.34
CA ARG C 120 22.70 17.83 -12.13
C ARG C 120 24.07 18.21 -12.68
N MET C 121 24.05 18.94 -13.79
CA MET C 121 25.27 19.40 -14.45
C MET C 121 25.12 20.85 -14.84
N LEU C 122 26.26 21.55 -14.93
CA LEU C 122 26.26 22.96 -15.30
C LEU C 122 27.54 23.22 -16.07
N ARG C 123 27.39 23.59 -17.35
CA ARG C 123 28.52 23.88 -18.22
C ARG C 123 28.36 25.26 -18.82
N ILE C 124 29.47 25.96 -18.97
CA ILE C 124 29.47 27.34 -19.45
C ILE C 124 30.53 27.49 -20.53
N TRP C 125 30.20 28.22 -21.59
CA TRP C 125 31.10 28.52 -22.68
C TRP C 125 31.46 30.00 -22.68
N ASN C 126 32.49 30.33 -23.45
CA ASN C 126 32.97 31.71 -23.50
C ASN C 126 31.89 32.65 -24.05
N ASP C 127 31.19 32.23 -25.10
CA ASP C 127 30.16 33.07 -25.70
C ASP C 127 29.01 33.32 -24.75
N GLY C 128 28.86 32.50 -23.71
CA GLY C 128 27.78 32.64 -22.76
C GLY C 128 26.76 31.51 -22.79
N ARG C 129 26.95 30.51 -23.65
CA ARG C 129 26.02 29.40 -23.70
C ARG C 129 26.07 28.59 -22.41
N VAL C 130 24.91 28.21 -21.91
CA VAL C 130 24.77 27.52 -20.64
C VAL C 130 24.00 26.23 -20.88
N LEU C 131 24.50 25.12 -20.32
CA LEU C 131 23.86 23.82 -20.39
C LEU C 131 23.49 23.38 -18.98
N TYR C 132 22.24 22.95 -18.80
CA TYR C 132 21.71 22.56 -17.49
C TYR C 132 20.86 21.32 -17.68
N THR C 133 21.41 20.16 -17.34
CA THR C 133 20.70 18.89 -17.45
C THR C 133 20.23 18.44 -16.07
N LEU C 134 19.06 17.81 -16.06
CA LEU C 134 18.42 17.37 -14.82
C LEU C 134 17.79 16.00 -15.03
N ARG C 135 17.81 15.18 -13.99
CA ARG C 135 17.18 13.87 -13.99
C ARG C 135 15.94 13.91 -13.13
N LEU C 136 14.83 13.40 -13.67
CA LEU C 136 13.54 13.51 -13.00
C LEU C 136 12.76 12.22 -13.20
N THR C 137 11.82 11.99 -12.27
CA THR C 137 10.83 10.94 -12.39
C THR C 137 9.45 11.59 -12.32
N ILE C 138 8.67 11.41 -13.38
CA ILE C 138 7.39 12.11 -13.55
C ILE C 138 6.27 11.08 -13.54
N SER C 139 5.25 11.36 -12.76
CA SER C 139 4.03 10.54 -12.70
C SER C 139 2.89 11.40 -13.24
N ALA C 140 2.72 11.37 -14.57
CA ALA C 140 1.72 12.18 -15.23
C ALA C 140 0.39 11.44 -15.32
N GLU C 141 -0.59 12.09 -15.94
CA GLU C 141 -1.93 11.52 -16.10
C GLU C 141 -2.20 11.31 -17.59
N CYS C 142 -2.72 10.13 -17.92
CA CYS C 142 -2.99 9.75 -19.30
C CYS C 142 -4.45 9.30 -19.41
N PRO C 143 -5.37 10.22 -19.68
CA PRO C 143 -6.78 9.82 -19.86
C PRO C 143 -6.91 8.84 -21.02
N MET C 144 -7.80 7.87 -20.86
CA MET C 144 -8.01 6.82 -21.84
C MET C 144 -9.49 6.62 -22.09
N ASP C 145 -9.80 6.14 -23.30
CA ASP C 145 -11.17 5.81 -23.70
C ASP C 145 -11.21 4.30 -23.93
N LEU C 146 -11.59 3.56 -22.90
CA LEU C 146 -11.59 2.10 -22.96
C LEU C 146 -12.88 1.58 -23.58
N GLU C 147 -13.23 2.07 -24.77
CA GLU C 147 -14.42 1.61 -25.46
C GLU C 147 -14.16 0.38 -26.31
N ASP C 148 -12.96 0.27 -26.90
CA ASP C 148 -12.57 -0.89 -27.69
C ASP C 148 -11.62 -1.81 -26.93
N PHE C 149 -11.68 -1.78 -25.60
CA PHE C 149 -10.79 -2.60 -24.79
C PHE C 149 -11.04 -4.08 -25.11
N PRO C 150 -9.98 -4.90 -25.21
CA PRO C 150 -8.55 -4.57 -25.08
C PRO C 150 -7.91 -4.10 -26.39
N MET C 151 -8.63 -4.08 -27.51
CA MET C 151 -8.07 -3.61 -28.78
C MET C 151 -8.20 -2.09 -28.82
N ASP C 152 -7.34 -1.41 -28.06
CA ASP C 152 -7.39 0.03 -27.92
C ASP C 152 -5.99 0.61 -28.08
N GLU C 153 -5.94 1.82 -28.64
CA GLU C 153 -4.70 2.58 -28.79
C GLU C 153 -4.80 3.84 -27.94
N GLN C 154 -3.73 4.13 -27.22
CA GLN C 154 -3.69 5.26 -26.30
C GLN C 154 -2.61 6.24 -26.71
N ASN C 155 -2.85 7.52 -26.42
CA ASN C 155 -1.94 8.61 -26.76
C ASN C 155 -1.67 9.39 -25.48
N CYS C 156 -0.64 8.98 -24.74
CA CYS C 156 -0.32 9.62 -23.47
C CYS C 156 0.56 10.83 -23.71
N PRO C 157 0.13 12.04 -23.34
CA PRO C 157 0.92 13.24 -23.61
C PRO C 157 1.86 13.60 -22.45
N LEU C 158 2.69 14.60 -22.71
CA LEU C 158 3.58 15.16 -21.70
C LEU C 158 3.76 16.63 -22.01
N LYS C 159 3.41 17.49 -21.05
CA LYS C 159 3.41 18.94 -21.25
C LYS C 159 4.30 19.60 -20.21
N PHE C 160 5.06 20.60 -20.67
CA PHE C 160 5.89 21.39 -19.76
C PHE C 160 6.05 22.79 -20.33
N GLY C 161 6.38 23.73 -19.46
CA GLY C 161 6.54 25.10 -19.88
C GLY C 161 6.89 25.99 -18.71
N SER C 162 6.93 27.29 -18.97
CA SER C 162 7.24 28.26 -17.94
C SER C 162 6.06 28.45 -17.00
N TYR C 163 6.36 28.84 -15.76
CA TYR C 163 5.34 29.09 -14.75
C TYR C 163 5.11 30.55 -14.44
N ALA C 164 6.10 31.41 -14.68
CA ALA C 164 5.99 32.84 -14.36
C ALA C 164 6.45 33.75 -15.48
N TYR C 165 7.11 33.24 -16.52
CA TYR C 165 7.59 34.07 -17.61
C TYR C 165 6.67 33.91 -18.81
N PRO C 166 5.89 34.93 -19.19
CA PRO C 166 5.00 34.78 -20.35
C PRO C 166 5.77 34.55 -21.65
N ASN C 167 5.02 34.37 -22.75
CA ASN C 167 5.65 34.12 -24.04
C ASN C 167 6.50 35.30 -24.49
N SER C 168 6.16 36.51 -24.04
CA SER C 168 6.90 37.70 -24.44
C SER C 168 8.30 37.77 -23.85
N GLU C 169 8.62 36.90 -22.89
CA GLU C 169 9.93 36.91 -22.23
C GLU C 169 10.72 35.64 -22.50
N VAL C 170 10.15 34.48 -22.26
CA VAL C 170 10.82 33.20 -22.42
C VAL C 170 10.04 32.35 -23.40
N VAL C 171 10.74 31.78 -24.38
CA VAL C 171 10.12 30.94 -25.40
C VAL C 171 10.88 29.61 -25.45
N TYR C 172 10.13 28.51 -25.46
CA TYR C 172 10.69 27.17 -25.53
C TYR C 172 10.54 26.65 -26.96
N VAL C 173 11.62 26.10 -27.50
CA VAL C 173 11.62 25.52 -28.84
C VAL C 173 12.52 24.29 -28.84
N TRP C 174 12.11 23.27 -29.59
CA TRP C 174 12.93 22.08 -29.73
C TRP C 174 14.16 22.38 -30.57
N THR C 175 15.19 21.54 -30.39
CA THR C 175 16.44 21.68 -31.11
C THR C 175 16.55 20.57 -32.15
N ASN C 176 16.93 20.94 -33.36
CA ASN C 176 17.09 19.98 -34.45
C ASN C 176 15.76 19.29 -34.75
N GLY C 177 15.82 18.14 -35.43
CA GLY C 177 14.62 17.44 -35.82
C GLY C 177 13.95 16.73 -34.66
N SER C 178 12.79 16.15 -34.97
CA SER C 178 12.01 15.46 -33.94
C SER C 178 12.77 14.25 -33.40
N THR C 179 13.46 13.52 -34.27
CA THR C 179 14.15 12.31 -33.84
C THR C 179 15.20 12.62 -32.77
N LYS C 180 15.98 13.68 -32.98
CA LYS C 180 17.00 14.04 -32.00
C LYS C 180 16.38 14.70 -30.77
N SER C 181 15.21 15.31 -30.92
CA SER C 181 14.59 16.02 -29.81
C SER C 181 14.27 15.08 -28.66
N VAL C 182 13.69 13.92 -28.96
CA VAL C 182 13.30 12.93 -27.95
C VAL C 182 13.87 11.59 -28.35
N VAL C 183 14.48 10.89 -27.40
CA VAL C 183 15.09 9.59 -27.61
C VAL C 183 14.62 8.65 -26.51
N VAL C 184 14.31 7.41 -26.90
CA VAL C 184 13.85 6.38 -25.98
C VAL C 184 14.78 5.19 -26.08
N ALA C 185 15.23 4.70 -24.93
CA ALA C 185 16.14 3.56 -24.91
C ALA C 185 15.45 2.31 -25.43
N GLU C 186 16.23 1.46 -26.10
CA GLU C 186 15.68 0.22 -26.66
C GLU C 186 15.15 -0.68 -25.56
N ASP C 187 15.91 -0.84 -24.48
CA ASP C 187 15.48 -1.70 -23.38
C ASP C 187 14.54 -0.99 -22.42
N GLY C 188 14.60 0.34 -22.34
CA GLY C 188 13.72 1.07 -21.43
C GLY C 188 12.26 0.96 -21.85
N SER C 189 11.99 0.97 -23.16
CA SER C 189 10.62 0.93 -23.67
C SER C 189 10.13 -0.52 -23.66
N ARG C 190 9.97 -1.05 -22.46
CA ARG C 190 9.47 -2.41 -22.25
C ARG C 190 8.34 -2.33 -21.23
N LEU C 191 7.16 -2.80 -21.64
CA LEU C 191 5.98 -2.82 -20.78
C LEU C 191 5.35 -4.19 -20.82
N ASN C 192 4.65 -4.55 -19.74
CA ASN C 192 4.06 -5.87 -19.64
C ASN C 192 2.81 -5.99 -20.52
N GLN C 193 2.10 -4.89 -20.75
CA GLN C 193 0.84 -4.94 -21.49
C GLN C 193 0.71 -3.79 -22.47
N TYR C 194 1.82 -3.32 -23.05
CA TYR C 194 1.77 -2.24 -24.02
C TYR C 194 2.99 -2.31 -24.92
N HIS C 195 2.86 -1.68 -26.09
CA HIS C 195 3.95 -1.52 -27.04
C HIS C 195 4.11 -0.03 -27.34
N LEU C 196 5.36 0.43 -27.39
CA LEU C 196 5.67 1.82 -27.68
C LEU C 196 6.00 1.93 -29.17
N MET C 197 4.99 2.32 -29.96
CA MET C 197 5.17 2.38 -31.41
C MET C 197 6.10 3.52 -31.81
N GLY C 198 5.88 4.70 -31.26
CA GLY C 198 6.69 5.84 -31.64
C GLY C 198 6.35 7.05 -30.78
N GLN C 199 6.96 8.18 -31.15
CA GLN C 199 6.79 9.42 -30.41
C GLN C 199 6.61 10.57 -31.40
N THR C 200 5.98 11.64 -30.92
CA THR C 200 5.78 12.85 -31.70
C THR C 200 5.88 14.06 -30.78
N VAL C 201 6.15 15.21 -31.39
CA VAL C 201 6.33 16.46 -30.67
C VAL C 201 5.47 17.54 -31.31
N GLY C 202 5.23 18.60 -30.54
CA GLY C 202 4.43 19.71 -31.04
C GLY C 202 4.56 20.90 -30.12
N THR C 203 4.06 22.03 -30.60
CA THR C 203 4.09 23.28 -29.86
C THR C 203 2.74 23.97 -29.99
N GLU C 204 2.38 24.74 -28.96
CA GLU C 204 1.12 25.46 -28.95
C GLU C 204 1.20 26.60 -27.96
N ASN C 205 0.30 27.56 -28.10
CA ASN C 205 0.18 28.70 -27.21
C ASN C 205 -1.13 28.61 -26.45
N ILE C 206 -1.11 29.03 -25.19
CA ILE C 206 -2.28 29.01 -24.33
C ILE C 206 -2.49 30.41 -23.75
N SER C 207 -3.75 30.83 -23.71
CA SER C 207 -4.13 32.12 -23.14
C SER C 207 -4.72 31.88 -21.75
N THR C 208 -4.17 32.54 -20.75
CA THR C 208 -4.61 32.42 -19.37
C THR C 208 -4.88 33.80 -18.80
N SER C 209 -5.28 33.83 -17.52
CA SER C 209 -5.57 35.10 -16.86
C SER C 209 -4.33 35.98 -16.78
N THR C 210 -3.17 35.39 -16.46
CA THR C 210 -1.94 36.14 -16.28
C THR C 210 -1.33 36.60 -17.59
N GLY C 211 -1.68 35.99 -18.70
CA GLY C 211 -1.13 36.39 -19.98
C GLY C 211 -1.08 35.20 -20.93
N GLU C 212 -0.10 35.24 -21.84
CA GLU C 212 0.10 34.20 -22.83
C GLU C 212 1.41 33.48 -22.56
N TYR C 213 1.36 32.15 -22.67
CA TYR C 213 2.51 31.29 -22.40
C TYR C 213 2.68 30.28 -23.51
N THR C 214 3.92 29.83 -23.70
CA THR C 214 4.25 28.81 -24.69
C THR C 214 4.29 27.45 -24.03
N ILE C 215 3.79 26.44 -24.74
CA ILE C 215 3.68 25.09 -24.20
C ILE C 215 4.36 24.12 -25.17
N MET C 216 5.21 23.25 -24.64
CA MET C 216 5.86 22.21 -25.41
C MET C 216 5.21 20.88 -25.06
N THR C 217 4.76 20.14 -26.07
CA THR C 217 4.02 18.92 -25.89
C THR C 217 4.68 17.77 -26.63
N ALA C 218 4.74 16.62 -25.97
CA ALA C 218 5.25 15.39 -26.57
C ALA C 218 4.22 14.28 -26.34
N HIS C 219 3.90 13.56 -27.41
CA HIS C 219 2.90 12.51 -27.36
C HIS C 219 3.56 11.15 -27.59
N PHE C 220 3.13 10.16 -26.83
CA PHE C 220 3.58 8.78 -26.96
C PHE C 220 2.41 7.92 -27.43
N HIS C 221 2.66 7.09 -28.44
CA HIS C 221 1.64 6.21 -29.00
C HIS C 221 1.83 4.81 -28.41
N LEU C 222 0.78 4.29 -27.78
CA LEU C 222 0.82 3.00 -27.12
C LEU C 222 -0.16 2.05 -27.79
N LYS C 223 0.29 0.83 -28.07
CA LYS C 223 -0.52 -0.21 -28.68
C LYS C 223 -0.58 -1.38 -27.70
N ARG C 224 -1.75 -1.59 -27.09
CA ARG C 224 -1.88 -2.66 -26.11
C ARG C 224 -1.64 -4.01 -26.77
N LYS C 225 -0.89 -4.86 -26.09
CA LYS C 225 -0.59 -6.20 -26.58
C LYS C 225 -1.59 -7.20 -26.00
N ILE C 226 -2.18 -8.00 -26.88
CA ILE C 226 -3.17 -8.97 -26.48
C ILE C 226 -2.47 -10.31 -26.29
N GLY C 227 -3.06 -11.16 -25.45
CA GLY C 227 -2.51 -12.47 -25.16
C GLY C 227 -2.63 -12.83 -23.70
N TYR C 228 -2.56 -11.83 -22.83
CA TYR C 228 -2.79 -12.09 -21.41
C TYR C 228 -4.27 -12.27 -21.12
N PHE C 229 -5.13 -11.49 -21.77
CA PHE C 229 -6.57 -11.62 -21.55
C PHE C 229 -7.13 -12.87 -22.22
N VAL C 230 -6.50 -13.30 -23.33
CA VAL C 230 -6.95 -14.52 -24.00
C VAL C 230 -6.84 -15.72 -23.06
N ILE C 231 -5.69 -15.85 -22.39
CA ILE C 231 -5.52 -16.94 -21.44
C ILE C 231 -6.39 -16.72 -20.20
N GLN C 232 -6.68 -15.47 -19.86
CA GLN C 232 -7.34 -15.15 -18.61
C GLN C 232 -8.86 -15.20 -18.71
N THR C 233 -9.43 -14.61 -19.77
CA THR C 233 -10.87 -14.44 -19.88
C THR C 233 -11.47 -15.16 -21.08
N TYR C 234 -10.89 -15.00 -22.28
CA TYR C 234 -11.52 -15.53 -23.47
C TYR C 234 -11.57 -17.05 -23.45
N LEU C 235 -10.44 -17.70 -23.20
CA LEU C 235 -10.40 -19.17 -23.27
C LEU C 235 -11.36 -19.82 -22.29
N PRO C 236 -11.38 -19.45 -21.00
CA PRO C 236 -12.37 -20.07 -20.10
C PRO C 236 -13.80 -19.94 -20.58
N CYS C 237 -14.15 -18.79 -21.17
CA CYS C 237 -15.49 -18.63 -21.71
C CYS C 237 -15.74 -19.58 -22.88
N ILE C 238 -14.76 -19.73 -23.77
CA ILE C 238 -14.95 -20.59 -24.94
C ILE C 238 -15.13 -22.04 -24.51
N MET C 239 -14.28 -22.52 -23.60
CA MET C 239 -14.38 -23.90 -23.16
C MET C 239 -15.69 -24.15 -22.42
N THR C 240 -16.13 -23.18 -21.62
CA THR C 240 -17.38 -23.35 -20.89
C THR C 240 -18.56 -23.53 -21.84
N VAL C 241 -18.58 -22.76 -22.92
CA VAL C 241 -19.65 -22.90 -23.91
C VAL C 241 -19.65 -24.31 -24.50
N ILE C 242 -18.45 -24.82 -24.83
CA ILE C 242 -18.35 -26.16 -25.38
C ILE C 242 -18.88 -27.18 -24.38
N LEU C 243 -18.62 -26.96 -23.10
CA LEU C 243 -19.07 -27.89 -22.07
C LEU C 243 -20.60 -28.03 -22.07
N SER C 244 -21.30 -26.90 -22.20
CA SER C 244 -22.76 -26.95 -22.17
C SER C 244 -23.32 -27.76 -23.34
N GLN C 245 -22.72 -27.61 -24.52
CA GLN C 245 -23.21 -28.30 -25.71
C GLN C 245 -23.19 -29.82 -25.53
N VAL C 246 -22.33 -30.34 -24.66
CA VAL C 246 -22.26 -31.79 -24.46
C VAL C 246 -23.58 -32.32 -23.90
N SER C 247 -24.30 -31.48 -23.15
CA SER C 247 -25.55 -31.94 -22.54
C SER C 247 -26.57 -32.37 -23.60
N PHE C 248 -26.51 -31.79 -24.80
CA PHE C 248 -27.45 -32.16 -25.85
C PHE C 248 -27.29 -33.62 -26.24
N TRP C 249 -26.05 -34.11 -26.34
CA TRP C 249 -25.81 -35.48 -26.74
C TRP C 249 -26.33 -36.48 -25.72
N LEU C 250 -26.64 -36.04 -24.51
CA LEU C 250 -27.18 -36.94 -23.49
C LEU C 250 -28.66 -37.21 -23.76
N ASN C 251 -29.21 -38.17 -23.01
CA ASN C 251 -30.59 -38.58 -23.19
C ASN C 251 -31.51 -37.70 -22.34
N ARG C 252 -32.74 -37.52 -22.84
CA ARG C 252 -33.68 -36.64 -22.17
C ARG C 252 -34.07 -37.17 -20.79
N GLU C 253 -34.29 -38.48 -20.68
CA GLU C 253 -34.76 -39.04 -19.41
C GLU C 253 -33.77 -38.78 -18.29
N SER C 254 -32.49 -38.61 -18.61
CA SER C 254 -31.46 -38.32 -17.60
C SER C 254 -31.57 -36.84 -17.22
N VAL C 255 -32.67 -36.52 -16.54
CA VAL C 255 -32.95 -35.13 -16.19
C VAL C 255 -31.89 -34.60 -15.23
N ALA C 256 -31.52 -35.39 -14.23
CA ALA C 256 -30.54 -34.94 -13.25
C ALA C 256 -29.19 -34.69 -13.91
N ALA C 257 -28.78 -35.58 -14.81
CA ALA C 257 -27.46 -35.44 -15.44
C ALA C 257 -27.37 -34.14 -16.22
N ARG C 258 -28.34 -33.87 -17.09
CA ARG C 258 -28.31 -32.64 -17.87
C ARG C 258 -28.55 -31.41 -17.03
N THR C 259 -29.24 -31.56 -15.89
CA THR C 259 -29.44 -30.41 -15.00
C THR C 259 -28.11 -29.90 -14.46
N VAL C 260 -27.19 -30.80 -14.11
CA VAL C 260 -25.91 -30.37 -13.57
C VAL C 260 -25.14 -29.55 -14.59
N PHE C 261 -25.14 -29.98 -15.86
CA PHE C 261 -24.42 -29.25 -16.89
C PHE C 261 -24.93 -27.81 -17.00
N GLY C 262 -26.25 -27.64 -17.06
CA GLY C 262 -26.80 -26.31 -17.24
C GLY C 262 -26.54 -25.40 -16.05
N VAL C 263 -26.74 -25.91 -14.84
CA VAL C 263 -26.59 -25.08 -13.65
C VAL C 263 -25.14 -24.68 -13.45
N THR C 264 -24.21 -25.64 -13.54
CA THR C 264 -22.81 -25.34 -13.28
C THR C 264 -22.26 -24.36 -14.30
N THR C 265 -22.59 -24.54 -15.58
CA THR C 265 -22.03 -23.67 -16.61
C THR C 265 -22.47 -22.23 -16.42
N VAL C 266 -23.73 -22.00 -16.08
CA VAL C 266 -24.22 -20.63 -15.91
C VAL C 266 -23.48 -19.94 -14.78
N LEU C 267 -23.31 -20.61 -13.66
CA LEU C 267 -22.59 -20.02 -12.53
C LEU C 267 -21.13 -19.76 -12.88
N THR C 268 -20.53 -20.66 -13.67
CA THR C 268 -19.13 -20.48 -14.03
C THR C 268 -18.92 -19.18 -14.81
N MET C 269 -19.83 -18.87 -15.74
CA MET C 269 -19.71 -17.63 -16.49
C MET C 269 -19.86 -16.42 -15.59
N THR C 270 -20.78 -16.50 -14.62
CA THR C 270 -21.03 -15.36 -13.74
C THR C 270 -19.79 -14.98 -12.96
N THR C 271 -19.10 -15.97 -12.38
CA THR C 271 -17.92 -15.67 -11.58
C THR C 271 -16.81 -15.09 -12.43
N LEU C 272 -16.68 -15.55 -13.68
CA LEU C 272 -15.65 -14.99 -14.56
C LEU C 272 -15.90 -13.52 -14.84
N SER C 273 -17.16 -13.13 -15.02
CA SER C 273 -17.47 -11.73 -15.28
C SER C 273 -17.04 -10.86 -14.10
N ILE C 274 -17.30 -11.30 -12.88
CA ILE C 274 -16.91 -10.53 -11.70
C ILE C 274 -15.38 -10.49 -11.60
N SER C 275 -14.73 -11.64 -11.74
CA SER C 275 -13.28 -11.68 -11.60
C SER C 275 -12.58 -10.89 -12.69
N ALA C 276 -13.11 -10.94 -13.93
CA ALA C 276 -12.44 -10.30 -15.05
C ALA C 276 -12.32 -8.80 -14.84
N ARG C 277 -13.37 -8.16 -14.31
CA ARG C 277 -13.38 -6.71 -14.17
C ARG C 277 -12.72 -6.23 -12.88
N ASN C 278 -12.23 -7.14 -12.04
CA ASN C 278 -11.55 -6.71 -10.81
C ASN C 278 -10.32 -5.88 -11.14
N SER C 279 -9.51 -6.32 -12.10
CA SER C 279 -8.32 -5.57 -12.48
C SER C 279 -8.66 -4.36 -13.35
N LEU C 280 -9.68 -4.48 -14.20
CA LEU C 280 -10.03 -3.39 -15.09
C LEU C 280 -10.56 -2.19 -14.29
N PRO C 281 -10.31 -0.97 -14.76
CA PRO C 281 -10.87 0.20 -14.07
C PRO C 281 -12.39 0.18 -14.09
N LYS C 282 -12.98 0.78 -13.05
CA LYS C 282 -14.43 0.80 -12.90
C LYS C 282 -15.06 1.78 -13.89
N VAL C 283 -14.96 1.47 -15.18
CA VAL C 283 -15.54 2.31 -16.21
C VAL C 283 -17.04 2.05 -16.29
N ALA C 284 -17.83 3.11 -16.34
CA ALA C 284 -19.29 3.00 -16.37
C ALA C 284 -19.83 2.98 -17.80
N TYR C 285 -19.30 2.08 -18.62
CA TYR C 285 -19.82 1.87 -19.96
C TYR C 285 -19.35 0.52 -20.47
N ALA C 286 -20.07 0.00 -21.46
CA ALA C 286 -19.80 -1.33 -21.99
C ALA C 286 -18.49 -1.34 -22.78
N THR C 287 -17.78 -2.45 -22.69
CA THR C 287 -16.55 -2.68 -23.43
C THR C 287 -16.75 -3.87 -24.36
N ALA C 288 -15.80 -4.02 -25.29
CA ALA C 288 -15.88 -5.12 -26.25
C ALA C 288 -15.83 -6.48 -25.53
N MET C 289 -14.98 -6.58 -24.51
CA MET C 289 -14.88 -7.84 -23.77
C MET C 289 -16.19 -8.17 -23.07
N ASP C 290 -16.89 -7.15 -22.56
CA ASP C 290 -18.16 -7.39 -21.88
C ASP C 290 -19.18 -8.01 -22.80
N TRP C 291 -19.26 -7.53 -24.05
CA TRP C 291 -20.21 -8.09 -24.99
C TRP C 291 -19.91 -9.55 -25.28
N PHE C 292 -18.63 -9.90 -25.38
CA PHE C 292 -18.26 -11.29 -25.62
C PHE C 292 -18.74 -12.20 -24.51
N ILE C 293 -18.59 -11.76 -23.26
CA ILE C 293 -19.08 -12.56 -22.13
C ILE C 293 -20.60 -12.70 -22.19
N ALA C 294 -21.30 -11.61 -22.51
CA ALA C 294 -22.75 -11.66 -22.56
C ALA C 294 -23.23 -12.65 -23.62
N VAL C 295 -22.58 -12.65 -24.80
CA VAL C 295 -22.94 -13.59 -25.85
C VAL C 295 -22.69 -15.02 -25.38
N CYS C 296 -21.54 -15.26 -24.74
CA CYS C 296 -21.24 -16.58 -24.22
C CYS C 296 -22.25 -16.98 -23.15
N TYR C 297 -22.65 -16.02 -22.31
CA TYR C 297 -23.64 -16.30 -21.28
C TYR C 297 -24.97 -16.70 -21.90
N ALA C 298 -25.33 -16.08 -23.02
CA ALA C 298 -26.60 -16.40 -23.67
C ALA C 298 -26.63 -17.84 -24.15
N PHE C 299 -25.54 -18.32 -24.74
CA PHE C 299 -25.52 -19.69 -25.26
C PHE C 299 -25.73 -20.70 -24.15
N VAL C 300 -24.98 -20.56 -23.05
CA VAL C 300 -25.12 -21.50 -21.95
C VAL C 300 -26.50 -21.39 -21.32
N PHE C 301 -26.99 -20.16 -21.15
CA PHE C 301 -28.34 -19.98 -20.62
C PHE C 301 -29.39 -20.50 -21.59
N SER C 302 -29.18 -20.28 -22.89
CA SER C 302 -30.14 -20.76 -23.88
C SER C 302 -30.24 -22.27 -23.88
N ALA C 303 -29.10 -22.95 -23.71
CA ALA C 303 -29.11 -24.41 -23.71
C ALA C 303 -29.98 -24.95 -22.59
N LEU C 304 -29.92 -24.34 -21.40
CA LEU C 304 -30.75 -24.77 -20.29
C LEU C 304 -32.23 -24.61 -20.63
N LEU C 305 -32.59 -23.51 -21.29
CA LEU C 305 -33.98 -23.30 -21.67
C LEU C 305 -34.45 -24.38 -22.64
N GLU C 306 -33.59 -24.77 -23.58
CA GLU C 306 -33.96 -25.80 -24.54
C GLU C 306 -34.28 -27.11 -23.83
N PHE C 307 -33.47 -27.49 -22.85
CA PHE C 307 -33.73 -28.72 -22.11
C PHE C 307 -35.05 -28.64 -21.36
N ALA C 308 -35.32 -27.51 -20.72
CA ALA C 308 -36.56 -27.37 -19.96
C ALA C 308 -37.77 -27.45 -20.89
N PHE C 309 -37.71 -26.79 -22.04
CA PHE C 309 -38.81 -26.85 -22.99
C PHE C 309 -39.01 -28.27 -23.50
N VAL C 310 -37.92 -28.96 -23.80
CA VAL C 310 -38.02 -30.34 -24.29
C VAL C 310 -38.66 -31.24 -23.26
N ASN C 311 -38.22 -31.13 -22.00
CA ASN C 311 -38.75 -31.97 -20.93
C ASN C 311 -40.21 -31.67 -20.64
N TYR C 312 -40.69 -30.46 -20.98
CA TYR C 312 -42.07 -30.11 -20.71
C TYR C 312 -43.04 -30.76 -21.70
N ILE C 313 -42.58 -31.05 -22.91
CA ILE C 313 -43.41 -31.63 -23.96
C ILE C 313 -43.01 -33.05 -24.30
N THR C 314 -42.11 -33.65 -23.51
CA THR C 314 -41.66 -35.01 -23.81
C THR C 314 -42.77 -36.04 -23.63
N LYS C 315 -43.85 -35.68 -22.95
CA LYS C 315 -44.97 -36.59 -22.72
C LYS C 315 -46.08 -36.46 -23.75
N SER C 316 -46.22 -35.30 -24.40
CA SER C 316 -47.31 -35.07 -25.33
C SER C 316 -46.92 -35.40 -26.77
N GLN C 317 -45.88 -34.74 -27.28
CA GLN C 317 -45.43 -34.90 -28.66
C GLN C 317 -43.93 -35.17 -28.68
N PRO C 318 -43.52 -36.39 -28.35
CA PRO C 318 -42.07 -36.70 -28.39
C PRO C 318 -41.45 -36.54 -29.76
N ALA C 319 -42.23 -36.63 -30.83
CA ALA C 319 -41.67 -36.56 -32.18
C ALA C 319 -40.90 -35.25 -32.39
N ARG C 320 -41.52 -34.13 -32.04
CA ARG C 320 -40.85 -32.84 -32.22
C ARG C 320 -39.73 -32.64 -31.20
N ALA C 321 -39.87 -33.21 -30.00
CA ALA C 321 -38.85 -33.05 -28.98
C ALA C 321 -37.53 -33.65 -29.44
N ALA C 322 -37.56 -34.84 -30.05
CA ALA C 322 -36.33 -35.46 -30.51
C ALA C 322 -35.65 -34.62 -31.59
N LYS C 323 -36.45 -34.05 -32.49
CA LYS C 323 -35.87 -33.23 -33.56
C LYS C 323 -35.14 -32.02 -32.98
N ILE C 324 -35.73 -31.38 -31.98
CA ILE C 324 -35.08 -30.22 -31.35
C ILE C 324 -33.77 -30.65 -30.69
N ASP C 325 -33.80 -31.78 -29.99
CA ASP C 325 -32.59 -32.26 -29.31
C ASP C 325 -31.47 -32.54 -30.31
N LYS C 326 -31.81 -33.18 -31.43
CA LYS C 326 -30.80 -33.47 -32.43
C LYS C 326 -30.42 -32.22 -33.22
N MET C 327 -31.40 -31.35 -33.50
CA MET C 327 -31.11 -30.15 -34.27
C MET C 327 -30.13 -29.24 -33.54
N SER C 328 -30.30 -29.09 -32.22
CA SER C 328 -29.45 -28.20 -31.45
C SER C 328 -27.99 -28.64 -31.45
N ARG C 329 -27.73 -29.91 -31.78
CA ARG C 329 -26.35 -30.40 -31.74
C ARG C 329 -25.47 -29.67 -32.74
N ILE C 330 -25.99 -29.40 -33.94
CA ILE C 330 -25.20 -28.80 -35.01
C ILE C 330 -25.46 -27.30 -35.08
N VAL C 331 -26.66 -26.88 -34.70
CA VAL C 331 -27.03 -25.47 -34.83
C VAL C 331 -26.16 -24.62 -33.91
N PHE C 332 -26.07 -24.99 -32.64
CA PHE C 332 -25.35 -24.16 -31.68
C PHE C 332 -23.88 -24.00 -32.02
N PRO C 333 -23.12 -25.06 -32.31
CA PRO C 333 -21.69 -24.86 -32.66
C PRO C 333 -21.50 -23.94 -33.84
N ILE C 334 -22.37 -24.02 -34.85
CA ILE C 334 -22.20 -23.20 -36.06
C ILE C 334 -22.35 -21.72 -35.70
N LEU C 335 -23.38 -21.39 -34.92
CA LEU C 335 -23.60 -19.98 -34.56
C LEU C 335 -22.44 -19.45 -33.72
N PHE C 336 -21.97 -20.24 -32.75
CA PHE C 336 -20.86 -19.79 -31.91
C PHE C 336 -19.61 -19.55 -32.74
N GLY C 337 -19.31 -20.45 -33.67
CA GLY C 337 -18.16 -20.25 -34.53
C GLY C 337 -18.30 -19.03 -35.41
N THR C 338 -19.51 -18.82 -35.96
CA THR C 338 -19.73 -17.67 -36.81
C THR C 338 -19.54 -16.36 -36.05
N PHE C 339 -20.03 -16.31 -34.80
CA PHE C 339 -19.91 -15.09 -34.01
C PHE C 339 -18.46 -14.73 -33.76
N ASN C 340 -17.62 -15.72 -33.48
CA ASN C 340 -16.21 -15.44 -33.17
C ASN C 340 -15.52 -14.78 -34.36
N LEU C 341 -15.78 -15.27 -35.58
CA LEU C 341 -15.14 -14.68 -36.75
C LEU C 341 -15.50 -13.21 -36.91
N VAL C 342 -16.78 -12.88 -36.71
CA VAL C 342 -17.20 -11.49 -36.81
C VAL C 342 -16.57 -10.65 -35.71
N TYR C 343 -16.56 -11.18 -34.48
CA TYR C 343 -16.04 -10.41 -33.34
C TYR C 343 -14.57 -10.10 -33.51
N TRP C 344 -13.75 -11.13 -33.77
CA TRP C 344 -12.32 -10.91 -33.90
C TRP C 344 -11.99 -10.07 -35.12
N ALA C 345 -12.65 -10.34 -36.25
CA ALA C 345 -12.37 -9.58 -37.46
C ALA C 345 -12.69 -8.11 -37.29
N THR C 346 -13.81 -7.80 -36.63
CA THR C 346 -14.24 -6.42 -36.49
C THR C 346 -13.21 -5.59 -35.72
N TYR C 347 -12.70 -6.13 -34.61
CA TYR C 347 -11.78 -5.40 -33.75
C TYR C 347 -10.33 -5.56 -34.14
N LEU C 348 -10.02 -6.45 -35.08
CA LEU C 348 -8.65 -6.64 -35.55
C LEU C 348 -8.43 -6.04 -36.94
N ASN C 349 -9.37 -5.25 -37.44
CA ASN C 349 -9.23 -4.63 -38.75
C ASN C 349 -9.44 -3.12 -38.66
N ASN D 14 47.46 19.92 23.18
CA ASN D 14 47.94 18.82 22.34
C ASN D 14 47.00 18.58 21.17
N ILE D 15 45.69 18.55 21.47
CA ILE D 15 44.70 18.32 20.43
C ILE D 15 44.71 19.46 19.42
N THR D 16 45.10 20.66 19.85
CA THR D 16 45.06 21.83 18.97
C THR D 16 45.93 21.65 17.74
N ILE D 17 46.91 20.75 17.77
CA ILE D 17 47.77 20.55 16.61
C ILE D 17 46.95 20.06 15.43
N PHE D 18 46.04 19.11 15.67
CA PHE D 18 45.19 18.62 14.59
C PHE D 18 44.27 19.72 14.07
N THR D 19 43.77 20.57 14.97
CA THR D 19 42.86 21.63 14.56
C THR D 19 43.51 22.55 13.55
N ARG D 20 44.77 22.93 13.79
CA ARG D 20 45.47 23.80 12.84
C ARG D 20 45.63 23.12 11.49
N ILE D 21 45.94 21.83 11.48
CA ILE D 21 46.12 21.11 10.22
C ILE D 21 44.83 21.13 9.42
N LEU D 22 43.70 20.84 10.09
CA LEU D 22 42.42 20.83 9.39
C LEU D 22 42.09 22.21 8.85
N ASP D 23 42.33 23.26 9.64
CA ASP D 23 42.05 24.62 9.17
C ASP D 23 42.94 24.98 7.99
N GLY D 24 44.21 24.57 8.03
CA GLY D 24 45.12 24.91 6.94
C GLY D 24 44.68 24.34 5.60
N LEU D 25 44.23 23.08 5.60
CA LEU D 25 43.83 22.44 4.35
C LEU D 25 42.65 23.16 3.72
N LEU D 26 41.66 23.53 4.52
CA LEU D 26 40.48 24.22 3.99
C LEU D 26 40.82 25.61 3.47
N ASP D 27 41.91 26.21 3.94
CA ASP D 27 42.29 27.53 3.45
C ASP D 27 42.75 27.45 2.01
N GLY D 28 42.22 28.34 1.16
CA GLY D 28 42.57 28.33 -0.24
C GLY D 28 42.20 27.05 -0.95
N TYR D 29 41.06 26.45 -0.58
CA TYR D 29 40.58 25.21 -1.18
C TYR D 29 39.28 25.50 -1.91
N ASP D 30 39.21 25.08 -3.17
CA ASP D 30 38.03 25.26 -4.00
C ASP D 30 37.36 23.91 -4.19
N ASN D 31 36.20 23.72 -3.56
CA ASN D 31 35.48 22.47 -3.65
C ASN D 31 34.81 22.28 -5.01
N ARG D 32 34.76 23.31 -5.84
CA ARG D 32 34.12 23.23 -7.14
C ARG D 32 35.07 22.74 -8.23
N LEU D 33 36.34 22.52 -7.92
CA LEU D 33 37.33 22.10 -8.89
C LEU D 33 37.90 20.75 -8.50
N ARG D 34 37.93 19.82 -9.45
CA ARG D 34 38.49 18.50 -9.18
C ARG D 34 40.01 18.58 -9.07
N PRO D 35 40.63 17.65 -8.34
CA PRO D 35 42.09 17.65 -8.27
C PRO D 35 42.71 17.44 -9.64
N GLY D 36 43.83 18.11 -9.86
CA GLY D 36 44.52 18.00 -11.14
C GLY D 36 43.70 18.49 -12.32
N LEU D 37 42.96 19.58 -12.14
CA LEU D 37 42.16 20.13 -13.23
C LEU D 37 43.07 20.70 -14.31
N GLY D 38 42.79 20.34 -15.55
CA GLY D 38 43.60 20.80 -16.67
C GLY D 38 45.03 20.31 -16.65
N GLU D 39 45.35 19.30 -15.84
CA GLU D 39 46.70 18.77 -15.73
C GLU D 39 46.78 17.30 -16.13
N ARG D 40 45.88 16.46 -15.61
CA ARG D 40 45.88 15.03 -15.91
C ARG D 40 44.47 14.51 -15.76
N ILE D 41 44.33 13.19 -15.75
CA ILE D 41 43.03 12.53 -15.64
C ILE D 41 42.93 11.90 -14.26
N THR D 42 41.88 12.25 -13.53
CA THR D 42 41.67 11.69 -12.20
C THR D 42 41.30 10.22 -12.29
N GLN D 43 41.76 9.44 -11.32
CA GLN D 43 41.51 8.00 -11.26
C GLN D 43 40.82 7.69 -9.94
N VAL D 44 39.76 6.89 -10.00
CA VAL D 44 38.96 6.53 -8.83
C VAL D 44 38.85 5.03 -8.75
N ARG D 45 39.04 4.49 -7.55
CA ARG D 45 38.94 3.06 -7.29
C ARG D 45 37.70 2.81 -6.43
N THR D 46 36.89 1.83 -6.82
CA THR D 46 35.62 1.56 -6.17
C THR D 46 35.58 0.12 -5.67
N ASP D 47 35.03 -0.05 -4.47
CA ASP D 47 34.79 -1.37 -3.90
C ASP D 47 33.41 -1.37 -3.26
N MET D 48 32.80 -2.56 -3.20
CA MET D 48 31.44 -2.71 -2.73
C MET D 48 31.33 -3.89 -1.77
N TYR D 49 30.41 -3.76 -0.82
CA TYR D 49 30.09 -4.84 0.11
C TYR D 49 28.59 -4.90 0.26
N VAL D 50 27.99 -6.04 -0.06
CA VAL D 50 26.54 -6.21 -0.02
C VAL D 50 26.17 -6.82 1.32
N ASN D 51 25.51 -6.03 2.17
CA ASN D 51 25.10 -6.52 3.47
C ASN D 51 23.88 -7.43 3.36
N SER D 52 22.95 -7.11 2.47
CA SER D 52 21.74 -7.90 2.31
C SER D 52 21.16 -7.65 0.92
N PHE D 53 20.69 -8.72 0.29
CA PHE D 53 20.04 -8.62 -1.01
C PHE D 53 18.54 -8.56 -0.79
N GLY D 54 17.93 -7.47 -1.24
CA GLY D 54 16.53 -7.23 -0.99
C GLY D 54 15.62 -8.13 -1.81
N PRO D 55 14.34 -8.13 -1.50
CA PRO D 55 13.39 -8.96 -2.25
C PRO D 55 13.32 -8.56 -3.71
N VAL D 56 13.11 -9.55 -4.57
CA VAL D 56 12.99 -9.34 -6.01
C VAL D 56 11.51 -9.32 -6.34
N SER D 57 11.04 -8.20 -6.89
CA SER D 57 9.63 -8.02 -7.26
C SER D 57 9.50 -8.33 -8.75
N ASP D 58 8.99 -9.52 -9.06
CA ASP D 58 8.81 -9.90 -10.46
C ASP D 58 7.77 -9.01 -11.13
N THR D 59 6.72 -8.63 -10.40
CA THR D 59 5.67 -7.81 -10.99
C THR D 59 6.20 -6.47 -11.47
N GLU D 60 7.03 -5.82 -10.64
CA GLU D 60 7.58 -4.51 -10.98
C GLU D 60 8.96 -4.59 -11.61
N MET D 61 9.52 -5.79 -11.78
CA MET D 61 10.83 -5.97 -12.40
C MET D 61 11.88 -5.13 -11.70
N GLU D 62 11.85 -5.13 -10.36
CA GLU D 62 12.79 -4.38 -9.56
C GLU D 62 13.28 -5.24 -8.41
N TYR D 63 14.48 -4.92 -7.93
CA TYR D 63 15.08 -5.62 -6.79
C TYR D 63 15.80 -4.61 -5.91
N THR D 64 15.63 -4.76 -4.60
CA THR D 64 16.26 -3.88 -3.62
C THR D 64 17.57 -4.49 -3.16
N ILE D 65 18.51 -3.61 -2.79
CA ILE D 65 19.82 -4.04 -2.33
C ILE D 65 20.39 -2.97 -1.41
N ASP D 66 21.12 -3.42 -0.39
CA ASP D 66 21.81 -2.54 0.54
C ASP D 66 23.30 -2.81 0.44
N ILE D 67 24.10 -1.74 0.32
CA ILE D 67 25.52 -1.85 0.07
C ILE D 67 26.27 -0.78 0.86
N PHE D 68 27.59 -0.97 0.97
CA PHE D 68 28.51 0.00 1.55
C PHE D 68 29.46 0.43 0.43
N PHE D 69 29.06 1.44 -0.32
CA PHE D 69 29.84 1.90 -1.46
C PHE D 69 31.02 2.75 -0.99
N ALA D 70 32.21 2.41 -1.47
CA ALA D 70 33.44 3.10 -1.08
C ALA D 70 34.16 3.59 -2.32
N GLN D 71 34.59 4.85 -2.29
CA GLN D 71 35.33 5.46 -3.39
C GLN D 71 36.64 6.02 -2.87
N THR D 72 37.71 5.84 -3.65
CA THR D 72 39.04 6.31 -3.29
C THR D 72 39.64 7.07 -4.46
N TRP D 73 40.31 8.18 -4.15
CA TRP D 73 40.99 8.98 -5.15
C TRP D 73 42.18 9.67 -4.51
N LYS D 74 42.97 10.36 -5.34
CA LYS D 74 44.19 11.02 -4.90
C LYS D 74 44.06 12.52 -5.11
N ASP D 75 44.35 13.29 -4.07
CA ASP D 75 44.29 14.74 -4.11
C ASP D 75 45.57 15.30 -3.49
N GLU D 76 46.33 16.07 -4.27
CA GLU D 76 47.57 16.66 -3.77
C GLU D 76 47.33 17.84 -2.85
N ARG D 77 46.21 18.54 -3.02
CA ARG D 77 45.94 19.73 -2.22
C ARG D 77 45.72 19.43 -0.75
N LEU D 78 45.53 18.16 -0.39
CA LEU D 78 45.25 17.77 0.99
C LEU D 78 46.48 17.26 1.73
N ARG D 79 47.66 17.39 1.13
CA ARG D 79 48.88 16.93 1.78
C ARG D 79 49.09 17.66 3.10
N PHE D 80 49.54 16.92 4.11
CA PHE D 80 49.78 17.49 5.43
C PHE D 80 50.84 16.66 6.14
N LYS D 81 51.42 17.24 7.19
CA LYS D 81 52.44 16.59 7.99
C LYS D 81 52.08 16.71 9.47
N GLY D 82 52.26 15.62 10.20
CA GLY D 82 51.94 15.59 11.62
C GLY D 82 52.27 14.26 12.25
N PRO D 83 52.06 14.17 13.57
CA PRO D 83 52.38 12.91 14.26
C PRO D 83 51.58 11.72 13.76
N MET D 84 50.33 11.91 13.37
CA MET D 84 49.47 10.82 12.91
C MET D 84 49.37 10.84 11.40
N GLN D 85 49.52 9.64 10.80
CA GLN D 85 49.43 9.50 9.36
C GLN D 85 47.98 9.43 8.87
N ARG D 86 47.02 9.28 9.77
CA ARG D 86 45.61 9.14 9.40
C ARG D 86 44.76 10.07 10.25
N LEU D 87 43.67 10.55 9.66
CA LEU D 87 42.76 11.49 10.30
C LEU D 87 41.33 10.99 10.18
N PRO D 88 40.91 10.06 11.04
CA PRO D 88 39.51 9.65 11.04
C PRO D 88 38.60 10.84 11.31
N LEU D 89 37.46 10.88 10.61
CA LEU D 89 36.54 11.99 10.69
C LEU D 89 35.13 11.48 10.47
N ASN D 90 34.20 12.39 10.22
CA ASN D 90 32.79 12.06 10.03
C ASN D 90 32.28 12.84 8.82
N ASN D 91 30.96 12.83 8.63
CA ASN D 91 30.34 13.47 7.48
C ASN D 91 30.43 15.00 7.52
N LEU D 92 30.86 15.58 8.65
CA LEU D 92 30.89 17.03 8.75
C LEU D 92 31.82 17.64 7.72
N LEU D 93 32.99 17.05 7.53
CA LEU D 93 33.99 17.57 6.60
C LEU D 93 33.80 17.06 5.17
N ALA D 94 32.85 16.14 4.96
CA ALA D 94 32.66 15.59 3.62
C ALA D 94 32.23 16.66 2.63
N SER D 95 31.34 17.56 3.04
CA SER D 95 30.82 18.58 2.14
C SER D 95 31.77 19.77 1.99
N LYS D 96 32.86 19.81 2.74
CA LYS D 96 33.80 20.93 2.65
C LYS D 96 34.81 20.76 1.53
N ILE D 97 34.85 19.61 0.85
CA ILE D 97 35.82 19.34 -0.19
C ILE D 97 35.08 18.78 -1.40
N TRP D 98 35.84 18.41 -2.43
CA TRP D 98 35.30 17.91 -3.68
C TRP D 98 35.18 16.40 -3.63
N THR D 99 34.02 15.88 -4.01
CA THR D 99 33.76 14.46 -4.10
C THR D 99 33.09 14.14 -5.43
N PRO D 100 33.30 12.93 -5.95
CA PRO D 100 32.72 12.59 -7.25
C PRO D 100 31.20 12.55 -7.20
N ASP D 101 30.60 12.88 -8.34
CA ASP D 101 29.14 12.88 -8.48
C ASP D 101 28.66 11.54 -9.05
N THR D 102 29.05 10.45 -8.41
CA THR D 102 28.66 9.13 -8.88
C THR D 102 27.16 8.92 -8.70
N PHE D 103 26.56 8.24 -9.68
CA PHE D 103 25.13 7.92 -9.62
C PHE D 103 24.90 6.57 -10.29
N PHE D 104 23.76 5.98 -10.00
CA PHE D 104 23.36 4.70 -10.56
C PHE D 104 22.42 4.93 -11.72
N HIS D 105 22.81 4.44 -12.90
CA HIS D 105 22.02 4.70 -14.11
C HIS D 105 20.66 4.02 -14.05
N ASN D 106 20.60 2.81 -13.52
CA ASN D 106 19.38 2.03 -13.50
C ASN D 106 18.62 2.12 -12.19
N GLY D 107 19.05 3.01 -11.28
CA GLY D 107 18.38 3.15 -10.00
C GLY D 107 17.11 3.97 -10.08
N LYS D 108 15.97 3.30 -9.98
CA LYS D 108 14.69 4.00 -10.03
C LYS D 108 14.50 4.90 -8.81
N LYS D 109 14.87 4.41 -7.63
CA LYS D 109 14.68 5.16 -6.40
C LYS D 109 15.70 4.70 -5.38
N SER D 110 16.43 5.65 -4.80
CA SER D 110 17.47 5.36 -3.82
C SER D 110 17.35 6.32 -2.65
N PHE D 111 17.69 5.83 -1.46
CA PHE D 111 17.67 6.64 -0.26
C PHE D 111 18.84 6.24 0.64
N ALA D 112 19.23 7.17 1.50
CA ALA D 112 20.35 6.97 2.42
C ALA D 112 19.82 6.76 3.84
N HIS D 113 20.75 6.47 4.75
CA HIS D 113 20.46 6.25 6.16
C HIS D 113 21.06 7.38 6.98
N TRP D 114 20.22 8.01 7.81
CA TRP D 114 20.64 9.18 8.57
C TRP D 114 20.68 8.97 10.07
N MET D 115 20.03 7.93 10.58
CA MET D 115 19.98 7.67 12.02
C MET D 115 21.01 6.61 12.39
N THR D 116 21.72 6.82 13.50
CA THR D 116 21.64 7.97 14.39
C THR D 116 22.31 9.19 13.76
N THR D 117 23.37 8.93 13.00
CA THR D 117 24.13 9.95 12.30
C THR D 117 24.30 9.54 10.85
N PRO D 118 24.36 10.49 9.92
CA PRO D 118 24.61 10.14 8.51
C PRO D 118 25.79 9.18 8.37
N ASN D 119 25.51 7.98 7.86
CA ASN D 119 26.50 6.91 7.80
C ASN D 119 27.48 7.22 6.67
N ARG D 120 28.52 7.99 7.01
CA ARG D 120 29.57 8.32 6.06
C ARG D 120 30.89 8.43 6.81
N MET D 121 31.99 8.23 6.09
CA MET D 121 33.32 8.30 6.65
C MET D 121 34.22 9.08 5.71
N LEU D 122 35.26 9.69 6.27
CA LEU D 122 36.20 10.48 5.49
C LEU D 122 37.57 10.36 6.15
N ARG D 123 38.52 9.74 5.43
CA ARG D 123 39.86 9.54 5.93
C ARG D 123 40.86 10.11 4.94
N ILE D 124 41.93 10.71 5.46
CA ILE D 124 42.94 11.39 4.66
C ILE D 124 44.31 10.92 5.09
N TRP D 125 45.19 10.70 4.12
CA TRP D 125 46.58 10.32 4.36
C TRP D 125 47.50 11.46 3.96
N ASN D 126 48.76 11.34 4.38
CA ASN D 126 49.74 12.39 4.09
C ASN D 126 49.97 12.55 2.59
N ASP D 127 50.08 11.42 1.87
CA ASP D 127 50.32 11.49 0.43
C ASP D 127 49.15 12.13 -0.31
N GLY D 128 47.98 12.21 0.30
CA GLY D 128 46.80 12.78 -0.33
C GLY D 128 45.71 11.78 -0.63
N ARG D 129 45.89 10.51 -0.30
CA ARG D 129 44.85 9.52 -0.55
C ARG D 129 43.63 9.80 0.31
N VAL D 130 42.45 9.68 -0.30
CA VAL D 130 41.18 10.01 0.34
C VAL D 130 40.27 8.79 0.25
N LEU D 131 39.64 8.44 1.37
CA LEU D 131 38.68 7.35 1.42
C LEU D 131 37.32 7.91 1.80
N TYR D 132 36.30 7.53 1.04
CA TYR D 132 34.94 8.04 1.24
C TYR D 132 33.97 6.88 1.07
N THR D 133 33.46 6.35 2.18
CA THR D 133 32.52 5.25 2.17
C THR D 133 31.11 5.75 2.45
N LEU D 134 30.14 5.13 1.79
CA LEU D 134 28.75 5.54 1.89
C LEU D 134 27.85 4.31 1.95
N ARG D 135 26.77 4.42 2.71
CA ARG D 135 25.78 3.36 2.82
C ARG D 135 24.52 3.77 2.07
N LEU D 136 24.01 2.88 1.23
CA LEU D 136 22.90 3.20 0.34
C LEU D 136 21.95 2.01 0.25
N THR D 137 20.70 2.32 -0.10
CA THR D 137 19.69 1.33 -0.44
C THR D 137 19.21 1.63 -1.86
N ILE D 138 19.40 0.69 -2.77
CA ILE D 138 19.15 0.89 -4.18
C ILE D 138 18.01 -0.02 -4.62
N SER D 139 17.03 0.55 -5.32
CA SER D 139 15.92 -0.19 -5.91
C SER D 139 16.08 -0.10 -7.42
N ALA D 140 16.84 -1.03 -7.99
CA ALA D 140 17.13 -1.03 -9.41
C ALA D 140 16.08 -1.83 -10.18
N GLU D 141 16.26 -1.92 -11.48
CA GLU D 141 15.35 -2.64 -12.37
C GLU D 141 16.08 -3.83 -12.97
N CYS D 142 15.43 -4.99 -12.96
CA CYS D 142 16.01 -6.24 -13.47
C CYS D 142 15.04 -6.86 -14.46
N PRO D 143 15.17 -6.51 -15.76
CA PRO D 143 14.31 -7.14 -16.75
C PRO D 143 14.52 -8.64 -16.80
N MET D 144 13.43 -9.38 -17.01
CA MET D 144 13.45 -10.82 -17.00
C MET D 144 12.70 -11.36 -18.20
N ASP D 145 13.08 -12.56 -18.64
CA ASP D 145 12.43 -13.28 -19.72
C ASP D 145 11.82 -14.54 -19.12
N LEU D 146 10.55 -14.45 -18.73
CA LEU D 146 9.86 -15.55 -18.07
C LEU D 146 9.30 -16.54 -19.08
N GLU D 147 10.14 -17.03 -19.98
CA GLU D 147 9.71 -18.01 -20.97
C GLU D 147 9.80 -19.43 -20.45
N ASP D 148 10.81 -19.73 -19.62
CA ASP D 148 10.99 -21.03 -19.02
C ASP D 148 10.56 -21.06 -17.55
N PHE D 149 9.65 -20.15 -17.18
CA PHE D 149 9.21 -20.09 -15.80
C PHE D 149 8.54 -21.40 -15.39
N PRO D 150 8.79 -21.91 -14.19
CA PRO D 150 9.67 -21.38 -13.13
C PRO D 150 11.13 -21.81 -13.26
N MET D 151 11.49 -22.65 -14.23
CA MET D 151 12.87 -23.07 -14.42
C MET D 151 13.58 -22.01 -15.26
N ASP D 152 13.89 -20.89 -14.62
CA ASP D 152 14.49 -19.74 -15.30
C ASP D 152 15.67 -19.22 -14.49
N GLU D 153 16.66 -18.70 -15.20
CA GLU D 153 17.83 -18.06 -14.61
C GLU D 153 17.83 -16.60 -15.00
N GLN D 154 18.09 -15.73 -14.02
CA GLN D 154 18.05 -14.29 -14.22
C GLN D 154 19.43 -13.69 -13.94
N ASN D 155 19.73 -12.60 -14.64
CA ASN D 155 21.01 -11.89 -14.53
C ASN D 155 20.69 -10.43 -14.25
N CYS D 156 20.55 -10.08 -12.98
CA CYS D 156 20.20 -8.72 -12.60
C CYS D 156 21.47 -7.86 -12.52
N PRO D 157 21.57 -6.80 -13.32
CA PRO D 157 22.79 -5.98 -13.34
C PRO D 157 22.71 -4.81 -12.36
N LEU D 158 23.85 -4.13 -12.25
CA LEU D 158 23.95 -2.90 -11.45
C LEU D 158 24.99 -2.00 -12.10
N LYS D 159 24.58 -0.80 -12.48
CA LYS D 159 25.42 0.12 -13.23
C LYS D 159 25.56 1.44 -12.47
N PHE D 160 26.77 1.98 -12.47
CA PHE D 160 27.03 3.28 -11.87
C PHE D 160 28.20 3.94 -12.60
N GLY D 161 28.27 5.26 -12.48
CA GLY D 161 29.32 6.00 -13.14
C GLY D 161 29.17 7.48 -12.88
N SER D 162 30.00 8.27 -13.55
CA SER D 162 29.97 9.71 -13.40
C SER D 162 28.78 10.30 -14.17
N TYR D 163 28.32 11.45 -13.69
CA TYR D 163 27.19 12.14 -14.30
C TYR D 163 27.59 13.39 -15.08
N ALA D 164 28.72 14.01 -14.75
CA ALA D 164 29.15 15.23 -15.42
C ALA D 164 30.61 15.23 -15.85
N TYR D 165 31.41 14.26 -15.41
CA TYR D 165 32.82 14.21 -15.77
C TYR D 165 33.03 13.15 -16.85
N PRO D 166 33.36 13.52 -18.09
CA PRO D 166 33.56 12.50 -19.12
C PRO D 166 34.74 11.59 -18.84
N ASN D 167 34.96 10.61 -19.72
CA ASN D 167 36.05 9.66 -19.51
C ASN D 167 37.41 10.35 -19.54
N SER D 168 37.51 11.48 -20.23
CA SER D 168 38.78 12.20 -20.33
C SER D 168 39.20 12.84 -19.02
N GLU D 169 38.32 12.91 -18.02
CA GLU D 169 38.62 13.55 -16.75
C GLU D 169 38.61 12.57 -15.58
N VAL D 170 37.54 11.79 -15.43
CA VAL D 170 37.40 10.85 -14.31
C VAL D 170 37.20 9.46 -14.88
N VAL D 171 37.95 8.49 -14.37
CA VAL D 171 37.88 7.10 -14.80
C VAL D 171 37.67 6.23 -13.59
N TYR D 172 36.72 5.30 -13.68
CA TYR D 172 36.42 4.36 -12.61
C TYR D 172 37.02 3.00 -12.96
N VAL D 173 37.72 2.41 -11.99
CA VAL D 173 38.33 1.09 -12.16
C VAL D 173 38.22 0.33 -10.86
N TRP D 174 37.98 -0.98 -10.95
CA TRP D 174 37.94 -1.81 -9.76
C TRP D 174 39.33 -1.98 -9.18
N THR D 175 39.37 -2.31 -7.89
CA THR D 175 40.62 -2.50 -7.16
C THR D 175 40.83 -3.98 -6.90
N ASN D 176 42.03 -4.46 -7.17
CA ASN D 176 42.37 -5.87 -6.94
C ASN D 176 41.49 -6.77 -7.80
N GLY D 177 41.41 -8.05 -7.43
CA GLY D 177 40.65 -9.01 -8.21
C GLY D 177 39.15 -8.85 -8.03
N SER D 178 38.42 -9.65 -8.81
CA SER D 178 36.96 -9.59 -8.78
C SER D 178 36.42 -9.99 -7.41
N THR D 179 37.03 -11.00 -6.79
CA THR D 179 36.52 -11.49 -5.51
C THR D 179 36.55 -10.39 -4.45
N LYS D 180 37.66 -9.65 -4.37
CA LYS D 180 37.75 -8.57 -3.39
C LYS D 180 36.92 -7.36 -3.80
N SER D 181 36.66 -7.20 -5.10
CA SER D 181 35.93 -6.03 -5.56
C SER D 181 34.51 -6.00 -5.00
N VAL D 182 33.82 -7.14 -5.02
CA VAL D 182 32.44 -7.23 -4.54
C VAL D 182 32.36 -8.41 -3.57
N VAL D 183 31.72 -8.17 -2.42
CA VAL D 183 31.56 -9.17 -1.38
C VAL D 183 30.09 -9.20 -0.96
N VAL D 184 29.57 -10.40 -0.76
CA VAL D 184 28.18 -10.61 -0.34
C VAL D 184 28.19 -11.40 0.96
N ALA D 185 27.43 -10.93 1.93
CA ALA D 185 27.36 -11.60 3.23
C ALA D 185 26.70 -12.97 3.09
N GLU D 186 27.16 -13.91 3.90
CA GLU D 186 26.62 -15.27 3.85
C GLU D 186 25.14 -15.29 4.21
N ASP D 187 24.76 -14.56 5.27
CA ASP D 187 23.36 -14.52 5.68
C ASP D 187 22.55 -13.49 4.90
N GLY D 188 23.19 -12.47 4.34
CA GLY D 188 22.46 -11.47 3.58
C GLY D 188 21.86 -12.04 2.31
N SER D 189 22.59 -12.94 1.64
CA SER D 189 22.14 -13.53 0.38
C SER D 189 21.15 -14.65 0.66
N ARG D 190 20.00 -14.26 1.19
CA ARG D 190 18.91 -15.17 1.50
C ARG D 190 17.63 -14.62 0.88
N LEU D 191 17.02 -15.41 0.00
CA LEU D 191 15.78 -15.02 -0.67
C LEU D 191 14.78 -16.16 -0.56
N ASN D 192 13.50 -15.79 -0.59
CA ASN D 192 12.43 -16.79 -0.42
C ASN D 192 12.26 -17.65 -1.67
N GLN D 193 12.57 -17.11 -2.85
CA GLN D 193 12.33 -17.83 -4.09
C GLN D 193 13.49 -17.66 -5.08
N TYR D 194 14.72 -17.54 -4.58
CA TYR D 194 15.88 -17.40 -5.45
C TYR D 194 17.12 -17.88 -4.73
N HIS D 195 18.13 -18.22 -5.52
CA HIS D 195 19.47 -18.57 -5.03
C HIS D 195 20.49 -17.66 -5.70
N LEU D 196 21.44 -17.18 -4.92
CA LEU D 196 22.51 -16.31 -5.42
C LEU D 196 23.73 -17.18 -5.70
N MET D 197 23.89 -17.57 -6.97
CA MET D 197 24.98 -18.47 -7.32
C MET D 197 26.33 -17.76 -7.24
N GLY D 198 26.42 -16.56 -7.79
CA GLY D 198 27.69 -15.85 -7.80
C GLY D 198 27.53 -14.47 -8.37
N GLN D 199 28.67 -13.79 -8.52
CA GLN D 199 28.71 -12.42 -9.00
C GLN D 199 29.83 -12.27 -10.02
N THR D 200 29.69 -11.26 -10.88
CA THR D 200 30.70 -10.94 -11.88
C THR D 200 30.74 -9.43 -12.07
N VAL D 201 31.87 -8.95 -12.59
CA VAL D 201 32.10 -7.53 -12.79
C VAL D 201 32.59 -7.30 -14.23
N GLY D 202 32.47 -6.06 -14.66
CA GLY D 202 32.89 -5.70 -16.00
C GLY D 202 32.95 -4.20 -16.15
N THR D 203 33.55 -3.77 -17.27
CA THR D 203 33.69 -2.36 -17.59
C THR D 203 33.36 -2.15 -19.05
N GLU D 204 32.86 -0.95 -19.37
CA GLU D 204 32.51 -0.62 -20.75
C GLU D 204 32.45 0.90 -20.88
N ASN D 205 32.52 1.35 -22.13
CA ASN D 205 32.42 2.76 -22.46
C ASN D 205 31.13 3.00 -23.23
N ILE D 206 30.52 4.17 -23.01
CA ILE D 206 29.29 4.55 -23.66
C ILE D 206 29.48 5.91 -24.31
N SER D 207 28.95 6.06 -25.51
CA SER D 207 28.99 7.33 -26.24
C SER D 207 27.63 7.99 -26.16
N THR D 208 27.59 9.23 -25.68
CA THR D 208 26.37 9.99 -25.52
C THR D 208 26.52 11.34 -26.21
N SER D 209 25.47 12.15 -26.13
CA SER D 209 25.50 13.48 -26.75
C SER D 209 26.56 14.36 -26.12
N THR D 210 26.69 14.31 -24.80
CA THR D 210 27.64 15.17 -24.09
C THR D 210 29.09 14.72 -24.24
N GLY D 211 29.33 13.48 -24.62
CA GLY D 211 30.69 13.00 -24.77
C GLY D 211 30.76 11.50 -24.49
N GLU D 212 31.93 11.08 -24.00
CA GLU D 212 32.18 9.69 -23.68
C GLU D 212 32.37 9.53 -22.17
N TYR D 213 31.77 8.49 -21.62
CA TYR D 213 31.81 8.22 -20.19
C TYR D 213 32.14 6.77 -19.95
N THR D 214 32.73 6.50 -18.78
CA THR D 214 33.07 5.15 -18.36
C THR D 214 31.98 4.60 -17.46
N ILE D 215 31.67 3.32 -17.62
CA ILE D 215 30.58 2.66 -16.90
C ILE D 215 31.13 1.43 -16.21
N MET D 216 30.82 1.28 -14.92
CA MET D 216 31.17 0.10 -14.16
C MET D 216 29.92 -0.73 -13.94
N THR D 217 29.99 -2.01 -14.30
CA THR D 217 28.84 -2.91 -14.27
C THR D 217 29.14 -4.13 -13.42
N ALA D 218 28.16 -4.52 -12.61
CA ALA D 218 28.24 -5.74 -11.81
C ALA D 218 26.97 -6.55 -12.05
N HIS D 219 27.15 -7.84 -12.33
CA HIS D 219 26.03 -8.73 -12.63
C HIS D 219 25.89 -9.76 -11.52
N PHE D 220 24.63 -10.05 -11.15
CA PHE D 220 24.30 -11.08 -10.18
C PHE D 220 23.54 -12.19 -10.87
N HIS D 221 23.94 -13.42 -10.62
CA HIS D 221 23.30 -14.59 -11.21
C HIS D 221 22.32 -15.19 -10.21
N LEU D 222 21.06 -15.31 -10.60
CA LEU D 222 20.00 -15.81 -9.74
C LEU D 222 19.44 -17.09 -10.32
N LYS D 223 19.27 -18.09 -9.47
CA LYS D 223 18.70 -19.39 -9.84
C LYS D 223 17.44 -19.59 -9.01
N ARG D 224 16.28 -19.52 -9.66
CA ARG D 224 15.02 -19.67 -8.94
C ARG D 224 14.92 -21.05 -8.32
N LYS D 225 14.46 -21.10 -7.07
CA LYS D 225 14.31 -22.36 -6.36
C LYS D 225 12.88 -22.85 -6.51
N ILE D 226 12.73 -24.11 -6.91
CA ILE D 226 11.42 -24.71 -7.11
C ILE D 226 11.03 -25.45 -5.85
N GLY D 227 9.71 -25.59 -5.65
CA GLY D 227 9.19 -26.27 -4.49
C GLY D 227 7.96 -25.58 -3.93
N TYR D 228 7.91 -24.26 -4.05
CA TYR D 228 6.72 -23.52 -3.65
C TYR D 228 5.60 -23.69 -4.68
N PHE D 229 5.95 -23.69 -5.96
CA PHE D 229 4.93 -23.86 -7.00
C PHE D 229 4.46 -25.30 -7.08
N VAL D 230 5.32 -26.25 -6.74
CA VAL D 230 4.92 -27.66 -6.75
C VAL D 230 3.76 -27.88 -5.79
N ILE D 231 3.88 -27.36 -4.57
CA ILE D 231 2.82 -27.48 -3.59
C ILE D 231 1.61 -26.64 -3.99
N GLN D 232 1.85 -25.54 -4.71
CA GLN D 232 0.79 -24.57 -4.99
C GLN D 232 -0.01 -24.91 -6.24
N THR D 233 0.67 -25.27 -7.32
CA THR D 233 0.02 -25.45 -8.62
C THR D 233 0.13 -26.87 -9.17
N TYR D 234 1.34 -27.45 -9.17
CA TYR D 234 1.52 -28.74 -9.83
C TYR D 234 0.72 -29.84 -9.14
N LEU D 235 0.86 -29.97 -7.82
CA LEU D 235 0.21 -31.08 -7.13
C LEU D 235 -1.30 -31.04 -7.27
N PRO D 236 -1.99 -29.92 -7.05
CA PRO D 236 -3.45 -29.92 -7.25
C PRO D 236 -3.86 -30.36 -8.64
N CYS D 237 -3.10 -29.98 -9.67
CA CYS D 237 -3.40 -30.41 -11.02
C CYS D 237 -3.25 -31.93 -11.16
N ILE D 238 -2.17 -32.48 -10.58
CA ILE D 238 -1.92 -33.91 -10.71
C ILE D 238 -3.03 -34.72 -10.04
N MET D 239 -3.39 -34.32 -8.82
CA MET D 239 -4.43 -35.06 -8.10
C MET D 239 -5.77 -34.95 -8.80
N THR D 240 -6.08 -33.77 -9.35
CA THR D 240 -7.35 -33.59 -10.05
C THR D 240 -7.45 -34.53 -11.24
N VAL D 241 -6.37 -34.71 -11.99
CA VAL D 241 -6.38 -35.63 -13.12
C VAL D 241 -6.67 -37.04 -12.64
N ILE D 242 -6.05 -37.45 -11.54
CA ILE D 242 -6.29 -38.79 -11.00
C ILE D 242 -7.76 -38.95 -10.62
N LEU D 243 -8.35 -37.88 -10.09
CA LEU D 243 -9.76 -37.95 -9.67
C LEU D 243 -10.66 -38.27 -10.85
N SER D 244 -10.42 -37.65 -12.01
CA SER D 244 -11.28 -37.89 -13.16
C SER D 244 -11.20 -39.33 -13.63
N GLN D 245 -10.01 -39.92 -13.59
CA GLN D 245 -9.85 -41.30 -14.06
C GLN D 245 -10.70 -42.29 -13.28
N VAL D 246 -11.05 -41.96 -12.03
CA VAL D 246 -11.87 -42.86 -11.23
C VAL D 246 -13.23 -43.06 -11.86
N SER D 247 -13.73 -42.07 -12.61
CA SER D 247 -15.05 -42.19 -13.21
C SER D 247 -15.13 -43.36 -14.18
N PHE D 248 -14.01 -43.74 -14.81
CA PHE D 248 -14.02 -44.85 -15.74
C PHE D 248 -14.40 -46.15 -15.05
N TRP D 249 -13.88 -46.37 -13.84
CA TRP D 249 -14.15 -47.61 -13.13
C TRP D 249 -15.63 -47.74 -12.74
N LEU D 250 -16.39 -46.66 -12.79
CA LEU D 250 -17.80 -46.71 -12.48
C LEU D 250 -18.58 -47.31 -13.65
N ASN D 251 -19.86 -47.59 -13.39
CA ASN D 251 -20.73 -48.22 -14.38
C ASN D 251 -21.37 -47.16 -15.27
N ARG D 252 -21.63 -47.54 -16.51
CA ARG D 252 -22.17 -46.60 -17.49
C ARG D 252 -23.56 -46.13 -17.09
N GLU D 253 -24.41 -47.03 -16.61
CA GLU D 253 -25.79 -46.67 -16.32
C GLU D 253 -25.86 -45.58 -15.25
N SER D 254 -24.84 -45.47 -14.39
CA SER D 254 -24.79 -44.42 -13.37
C SER D 254 -24.38 -43.11 -14.03
N VAL D 255 -25.29 -42.60 -14.85
CA VAL D 255 -24.99 -41.38 -15.63
C VAL D 255 -24.77 -40.20 -14.68
N ALA D 256 -25.63 -40.05 -13.68
CA ALA D 256 -25.51 -38.92 -12.76
C ALA D 256 -24.19 -38.98 -12.00
N ALA D 257 -23.80 -40.17 -11.54
CA ALA D 257 -22.58 -40.29 -10.75
C ALA D 257 -21.36 -39.84 -11.54
N ARG D 258 -21.20 -40.38 -12.76
CA ARG D 258 -20.05 -40.01 -13.57
C ARG D 258 -20.15 -38.57 -14.07
N THR D 259 -21.35 -38.02 -14.18
CA THR D 259 -21.50 -36.63 -14.59
C THR D 259 -20.86 -35.69 -13.58
N VAL D 260 -21.01 -35.97 -12.29
CA VAL D 260 -20.45 -35.10 -11.25
C VAL D 260 -18.93 -35.07 -11.36
N PHE D 261 -18.31 -36.23 -11.57
CA PHE D 261 -16.86 -36.28 -11.68
C PHE D 261 -16.36 -35.39 -12.81
N GLY D 262 -16.97 -35.51 -13.99
CA GLY D 262 -16.50 -34.73 -15.13
C GLY D 262 -16.69 -33.24 -14.94
N VAL D 263 -17.87 -32.83 -14.47
CA VAL D 263 -18.17 -31.41 -14.34
C VAL D 263 -17.28 -30.76 -13.28
N THR D 264 -17.19 -31.39 -12.11
CA THR D 264 -16.43 -30.79 -11.01
C THR D 264 -14.95 -30.66 -11.37
N THR D 265 -14.38 -31.70 -11.98
CA THR D 265 -12.95 -31.67 -12.27
C THR D 265 -12.60 -30.55 -13.25
N VAL D 266 -13.43 -30.35 -14.28
CA VAL D 266 -13.13 -29.32 -15.27
C VAL D 266 -13.12 -27.94 -14.62
N LEU D 267 -14.12 -27.66 -13.78
CA LEU D 267 -14.17 -26.37 -13.11
C LEU D 267 -13.00 -26.20 -12.15
N THR D 268 -12.58 -27.28 -11.50
CA THR D 268 -11.47 -27.19 -10.56
C THR D 268 -10.19 -26.73 -11.26
N MET D 269 -9.93 -27.26 -12.46
CA MET D 269 -8.74 -26.84 -13.19
C MET D 269 -8.84 -25.37 -13.59
N THR D 270 -10.03 -24.93 -13.98
CA THR D 270 -10.18 -23.55 -14.44
C THR D 270 -9.84 -22.56 -13.35
N THR D 271 -10.32 -22.79 -12.13
CA THR D 271 -10.05 -21.85 -11.04
C THR D 271 -8.56 -21.83 -10.69
N LEU D 272 -7.88 -22.99 -10.78
CA LEU D 272 -6.46 -23.02 -10.50
C LEU D 272 -5.68 -22.17 -11.49
N SER D 273 -6.08 -22.20 -12.77
CA SER D 273 -5.39 -21.39 -13.77
C SER D 273 -5.49 -19.90 -13.44
N ILE D 274 -6.68 -19.45 -13.03
CA ILE D 274 -6.86 -18.05 -12.68
C ILE D 274 -6.05 -17.71 -11.43
N SER D 275 -6.16 -18.54 -10.40
CA SER D 275 -5.47 -18.27 -9.14
C SER D 275 -3.96 -18.32 -9.32
N ALA D 276 -3.46 -19.25 -10.13
CA ALA D 276 -2.02 -19.43 -10.26
C ALA D 276 -1.34 -18.18 -10.81
N ARG D 277 -1.96 -17.53 -11.79
CA ARG D 277 -1.36 -16.37 -12.44
C ARG D 277 -1.61 -15.07 -11.70
N ASN D 278 -2.35 -15.09 -10.59
CA ASN D 278 -2.57 -13.86 -9.83
C ASN D 278 -1.25 -13.28 -9.33
N SER D 279 -0.38 -14.13 -8.78
CA SER D 279 0.91 -13.65 -8.29
C SER D 279 1.89 -13.40 -9.43
N LEU D 280 1.83 -14.20 -10.48
CA LEU D 280 2.77 -14.07 -11.58
C LEU D 280 2.53 -12.74 -12.32
N PRO D 281 3.60 -12.11 -12.85
CA PRO D 281 3.40 -10.89 -13.63
C PRO D 281 2.55 -11.15 -14.86
N LYS D 282 1.83 -10.11 -15.29
CA LYS D 282 0.93 -10.22 -16.43
C LYS D 282 1.72 -10.25 -17.73
N VAL D 283 2.48 -11.33 -17.94
CA VAL D 283 3.26 -11.50 -19.16
C VAL D 283 2.35 -11.97 -20.28
N ALA D 284 2.48 -11.34 -21.44
CA ALA D 284 1.62 -11.66 -22.59
C ALA D 284 2.26 -12.71 -23.49
N TYR D 285 2.66 -13.84 -22.90
CA TYR D 285 3.16 -14.96 -23.68
C TYR D 285 3.08 -16.22 -22.82
N ALA D 286 3.09 -17.37 -23.49
CA ALA D 286 2.94 -18.64 -22.82
C ALA D 286 4.19 -18.98 -22.01
N THR D 287 3.98 -19.63 -20.87
CA THR D 287 5.05 -20.10 -20.01
C THR D 287 4.97 -21.62 -19.91
N ALA D 288 6.04 -22.21 -19.37
CA ALA D 288 6.07 -23.67 -19.23
C ALA D 288 4.97 -24.16 -18.32
N MET D 289 4.71 -23.43 -17.23
CA MET D 289 3.65 -23.83 -16.31
C MET D 289 2.29 -23.80 -16.99
N ASP D 290 2.07 -22.83 -17.88
CA ASP D 290 0.79 -22.74 -18.56
C ASP D 290 0.52 -23.96 -19.42
N TRP D 291 1.55 -24.45 -20.12
CA TRP D 291 1.36 -25.64 -20.95
C TRP D 291 0.99 -26.86 -20.10
N PHE D 292 1.60 -26.98 -18.93
CA PHE D 292 1.29 -28.10 -18.05
C PHE D 292 -0.18 -28.09 -17.65
N ILE D 293 -0.71 -26.92 -17.32
CA ILE D 293 -2.13 -26.81 -16.96
C ILE D 293 -3.00 -27.18 -18.15
N ALA D 294 -2.65 -26.70 -19.35
CA ALA D 294 -3.44 -27.01 -20.53
C ALA D 294 -3.49 -28.50 -20.79
N VAL D 295 -2.35 -29.18 -20.66
CA VAL D 295 -2.32 -30.63 -20.86
C VAL D 295 -3.20 -31.32 -19.81
N CYS D 296 -3.08 -30.90 -18.56
CA CYS D 296 -3.93 -31.48 -17.52
C CYS D 296 -5.40 -31.19 -17.78
N TYR D 297 -5.71 -29.99 -18.28
CA TYR D 297 -7.09 -29.66 -18.62
C TYR D 297 -7.62 -30.56 -19.73
N ALA D 298 -6.76 -30.92 -20.69
CA ALA D 298 -7.19 -31.78 -21.78
C ALA D 298 -7.62 -33.16 -21.28
N PHE D 299 -6.84 -33.74 -20.37
CA PHE D 299 -7.16 -35.08 -19.88
C PHE D 299 -8.52 -35.10 -19.20
N VAL D 300 -8.77 -34.16 -18.29
CA VAL D 300 -10.04 -34.12 -17.58
C VAL D 300 -11.18 -33.84 -18.57
N PHE D 301 -10.97 -32.89 -19.49
CA PHE D 301 -11.97 -32.61 -20.49
C PHE D 301 -12.17 -33.80 -21.42
N SER D 302 -11.08 -34.47 -21.79
CA SER D 302 -11.19 -35.62 -22.68
C SER D 302 -11.99 -36.75 -22.04
N ALA D 303 -11.81 -36.95 -20.73
CA ALA D 303 -12.54 -38.02 -20.05
C ALA D 303 -14.04 -37.80 -20.14
N LEU D 304 -14.48 -36.55 -19.98
CA LEU D 304 -15.91 -36.26 -20.10
C LEU D 304 -16.43 -36.59 -21.48
N LEU D 305 -15.64 -36.27 -22.52
CA LEU D 305 -16.07 -36.59 -23.88
C LEU D 305 -16.21 -38.10 -24.07
N GLU D 306 -15.29 -38.87 -23.50
CA GLU D 306 -15.37 -40.32 -23.63
C GLU D 306 -16.67 -40.86 -23.04
N PHE D 307 -17.06 -40.35 -21.87
CA PHE D 307 -18.31 -40.80 -21.25
C PHE D 307 -19.52 -40.44 -22.12
N ALA D 308 -19.53 -39.22 -22.66
CA ALA D 308 -20.66 -38.81 -23.49
C ALA D 308 -20.76 -39.66 -24.74
N PHE D 309 -19.62 -39.93 -25.39
CA PHE D 309 -19.63 -40.78 -26.58
C PHE D 309 -20.11 -42.19 -26.24
N VAL D 310 -19.65 -42.74 -25.11
CA VAL D 310 -20.05 -44.08 -24.72
C VAL D 310 -21.55 -44.13 -24.46
N ASN D 311 -22.08 -43.15 -23.74
CA ASN D 311 -23.51 -43.13 -23.42
C ASN D 311 -24.37 -42.93 -24.66
N TYR D 312 -23.81 -42.36 -25.73
CA TYR D 312 -24.59 -42.13 -26.94
C TYR D 312 -24.79 -43.40 -27.75
N ILE D 313 -23.87 -44.37 -27.64
CA ILE D 313 -23.92 -45.60 -28.39
C ILE D 313 -24.17 -46.81 -27.50
N THR D 314 -24.49 -46.59 -26.22
CA THR D 314 -24.71 -47.71 -25.32
C THR D 314 -25.97 -48.50 -25.67
N LYS D 315 -26.85 -47.95 -26.50
CA LYS D 315 -28.07 -48.63 -26.90
C LYS D 315 -27.94 -49.39 -28.21
N SER D 316 -27.01 -49.00 -29.08
CA SER D 316 -26.89 -49.62 -30.40
C SER D 316 -25.88 -50.76 -30.40
N GLN D 317 -24.63 -50.47 -30.03
CA GLN D 317 -23.54 -51.44 -30.05
C GLN D 317 -22.82 -51.42 -28.71
N PRO D 318 -23.41 -52.03 -27.68
CA PRO D 318 -22.75 -52.06 -26.37
C PRO D 318 -21.40 -52.77 -26.39
N ALA D 319 -21.16 -53.66 -27.35
CA ALA D 319 -19.92 -54.42 -27.36
C ALA D 319 -18.70 -53.51 -27.42
N ARG D 320 -18.72 -52.54 -28.35
CA ARG D 320 -17.60 -51.61 -28.47
C ARG D 320 -17.55 -50.63 -27.31
N ALA D 321 -18.71 -50.26 -26.77
CA ALA D 321 -18.74 -49.31 -25.66
C ALA D 321 -17.99 -49.84 -24.45
N ALA D 322 -18.19 -51.13 -24.12
CA ALA D 322 -17.51 -51.71 -22.97
C ALA D 322 -16.00 -51.71 -23.18
N LYS D 323 -15.55 -52.02 -24.39
CA LYS D 323 -14.12 -52.05 -24.66
C LYS D 323 -13.50 -50.67 -24.45
N ILE D 324 -14.16 -49.62 -24.91
CA ILE D 324 -13.65 -48.26 -24.70
C ILE D 324 -13.58 -47.93 -23.22
N ASP D 325 -14.62 -48.29 -22.47
CA ASP D 325 -14.63 -48.00 -21.04
C ASP D 325 -13.49 -48.71 -20.32
N LYS D 326 -13.24 -49.98 -20.67
CA LYS D 326 -12.14 -50.71 -20.04
C LYS D 326 -10.80 -50.26 -20.58
N MET D 327 -10.72 -49.96 -21.88
CA MET D 327 -9.45 -49.56 -22.48
C MET D 327 -8.95 -48.26 -21.86
N SER D 328 -9.85 -47.29 -21.64
CA SER D 328 -9.44 -46.00 -21.11
C SER D 328 -8.86 -46.11 -19.71
N ARG D 329 -9.11 -47.21 -19.00
CA ARG D 329 -8.61 -47.33 -17.63
C ARG D 329 -7.09 -47.33 -17.59
N ILE D 330 -6.45 -48.03 -18.54
CA ILE D 330 -5.00 -48.18 -18.54
C ILE D 330 -4.36 -47.18 -19.48
N VAL D 331 -5.07 -46.80 -20.54
CA VAL D 331 -4.50 -45.91 -21.55
C VAL D 331 -4.20 -44.54 -20.95
N PHE D 332 -5.17 -43.95 -20.26
CA PHE D 332 -5.00 -42.60 -19.75
C PHE D 332 -3.87 -42.48 -18.74
N PRO D 333 -3.79 -43.33 -17.70
CA PRO D 333 -2.66 -43.20 -16.77
C PRO D 333 -1.30 -43.30 -17.43
N ILE D 334 -1.16 -44.17 -18.44
CA ILE D 334 0.14 -44.34 -19.09
C ILE D 334 0.55 -43.05 -19.80
N LEU D 335 -0.38 -42.44 -20.54
CA LEU D 335 -0.05 -41.21 -21.26
C LEU D 335 0.31 -40.09 -20.29
N PHE D 336 -0.46 -39.95 -19.21
CA PHE D 336 -0.18 -38.89 -18.24
C PHE D 336 1.19 -39.07 -17.60
N GLY D 337 1.53 -40.31 -17.23
CA GLY D 337 2.84 -40.56 -16.67
C GLY D 337 3.95 -40.29 -17.67
N THR D 338 3.75 -40.68 -18.92
CA THR D 338 4.77 -40.44 -19.94
C THR D 338 5.00 -38.95 -20.16
N PHE D 339 3.93 -38.17 -20.16
CA PHE D 339 4.07 -36.72 -20.38
C PHE D 339 4.90 -36.07 -19.28
N ASN D 340 4.68 -36.48 -18.03
CA ASN D 340 5.41 -35.86 -16.92
C ASN D 340 6.91 -36.07 -17.07
N LEU D 341 7.33 -37.27 -17.45
CA LEU D 341 8.76 -37.53 -17.59
C LEU D 341 9.39 -36.62 -18.63
N VAL D 342 8.71 -36.45 -19.77
CA VAL D 342 9.23 -35.56 -20.80
C VAL D 342 9.25 -34.12 -20.32
N TYR D 343 8.18 -33.68 -19.65
CA TYR D 343 8.10 -32.29 -19.22
C TYR D 343 9.19 -31.95 -18.21
N TRP D 344 9.31 -32.74 -17.15
CA TRP D 344 10.30 -32.45 -16.12
C TRP D 344 11.72 -32.61 -16.66
N ALA D 345 11.97 -33.65 -17.45
CA ALA D 345 13.31 -33.88 -17.98
C ALA D 345 13.74 -32.74 -18.88
N THR D 346 12.83 -32.24 -19.73
CA THR D 346 13.19 -31.20 -20.69
C THR D 346 13.65 -29.93 -19.98
N TYR D 347 12.93 -29.51 -18.94
CA TYR D 347 13.23 -28.25 -18.26
C TYR D 347 14.23 -28.42 -17.11
N LEU D 348 14.58 -29.65 -16.75
CA LEU D 348 15.57 -29.90 -15.71
C LEU D 348 16.91 -30.35 -16.27
N ASN D 349 17.10 -30.25 -17.57
CA ASN D 349 18.36 -30.65 -18.20
C ASN D 349 18.94 -29.52 -19.05
N ASN E 14 20.92 37.15 37.00
CA ASN E 14 21.20 35.88 37.64
C ASN E 14 21.33 34.78 36.59
N ILE E 15 20.39 34.76 35.64
CA ILE E 15 20.42 33.75 34.59
C ILE E 15 21.66 33.91 33.72
N THR E 16 22.20 35.12 33.62
CA THR E 16 23.33 35.37 32.75
C THR E 16 24.55 34.54 33.12
N ILE E 17 24.63 34.07 34.37
CA ILE E 17 25.78 33.28 34.78
C ILE E 17 25.87 32.00 33.96
N PHE E 18 24.74 31.34 33.74
CA PHE E 18 24.73 30.13 32.92
C PHE E 18 25.11 30.45 31.48
N THR E 19 24.66 31.59 30.96
CA THR E 19 24.94 31.94 29.58
C THR E 19 26.44 32.05 29.33
N ARG E 20 27.17 32.67 30.27
CA ARG E 20 28.62 32.78 30.11
C ARG E 20 29.27 31.40 30.12
N ILE E 21 28.81 30.51 30.99
CA ILE E 21 29.39 29.17 31.05
C ILE E 21 29.21 28.45 29.73
N LEU E 22 28.00 28.51 29.16
CA LEU E 22 27.75 27.84 27.89
C LEU E 22 28.61 28.44 26.79
N ASP E 23 28.74 29.76 26.74
CA ASP E 23 29.56 30.40 25.73
C ASP E 23 31.03 30.01 25.89
N GLY E 24 31.50 29.92 27.13
CA GLY E 24 32.90 29.58 27.35
C GLY E 24 33.27 28.20 26.83
N LEU E 25 32.40 27.22 27.06
CA LEU E 25 32.69 25.86 26.62
C LEU E 25 32.81 25.77 25.11
N LEU E 26 31.90 26.44 24.39
CA LEU E 26 31.94 26.41 22.93
C LEU E 26 33.18 27.11 22.37
N ASP E 27 33.76 28.04 23.12
CA ASP E 27 34.95 28.74 22.64
C ASP E 27 36.12 27.77 22.58
N GLY E 28 36.83 27.78 21.45
CA GLY E 28 37.97 26.88 21.28
C GLY E 28 37.59 25.42 21.35
N TYR E 29 36.41 25.07 20.83
CA TYR E 29 35.93 23.69 20.83
C TYR E 29 35.84 23.21 19.38
N ASP E 30 36.43 22.05 19.11
CA ASP E 30 36.42 21.45 17.78
C ASP E 30 35.50 20.24 17.82
N ASN E 31 34.33 20.35 17.17
CA ASN E 31 33.38 19.26 17.14
C ASN E 31 33.82 18.12 16.23
N ARG E 32 34.85 18.31 15.42
CA ARG E 32 35.33 17.27 14.51
C ARG E 32 36.34 16.34 15.15
N LEU E 33 36.73 16.58 16.40
CA LEU E 33 37.72 15.77 17.09
C LEU E 33 37.10 15.14 18.33
N ARG E 34 37.29 13.83 18.48
CA ARG E 34 36.76 13.13 19.64
C ARG E 34 37.59 13.50 20.88
N PRO E 35 36.98 13.40 22.07
CA PRO E 35 37.75 13.67 23.29
C PRO E 35 38.90 12.70 23.44
N GLY E 36 40.02 13.21 23.96
CA GLY E 36 41.19 12.37 24.15
C GLY E 36 41.76 11.82 22.86
N LEU E 37 41.77 12.62 21.81
CA LEU E 37 42.32 12.17 20.54
C LEU E 37 43.83 12.00 20.64
N GLY E 38 44.33 10.86 20.18
CA GLY E 38 45.75 10.58 20.25
C GLY E 38 46.29 10.45 21.66
N GLU E 39 45.42 10.30 22.67
CA GLU E 39 45.84 10.19 24.05
C GLU E 39 45.42 8.86 24.68
N ARG E 40 44.16 8.47 24.52
CA ARG E 40 43.66 7.24 25.09
C ARG E 40 42.50 6.74 24.23
N ILE E 41 41.76 5.76 24.75
CA ILE E 41 40.64 5.15 24.04
C ILE E 41 39.36 5.60 24.72
N THR E 42 38.46 6.19 23.93
CA THR E 42 37.18 6.64 24.46
C THR E 42 36.31 5.44 24.83
N GLN E 43 35.52 5.61 25.90
CA GLN E 43 34.64 4.57 26.39
C GLN E 43 33.21 5.11 26.43
N VAL E 44 32.27 4.32 25.91
CA VAL E 44 30.87 4.73 25.81
C VAL E 44 30.01 3.67 26.46
N ARG E 45 29.05 4.11 27.28
CA ARG E 45 28.10 3.23 27.94
C ARG E 45 26.73 3.44 27.34
N THR E 46 26.04 2.33 27.01
CA THR E 46 24.77 2.37 26.32
C THR E 46 23.70 1.66 27.14
N ASP E 47 22.50 2.25 27.16
CA ASP E 47 21.34 1.65 27.78
C ASP E 47 20.14 1.85 26.87
N MET E 48 19.18 0.94 26.95
CA MET E 48 18.03 0.94 26.05
C MET E 48 16.75 0.71 26.85
N TYR E 49 15.66 1.29 26.36
CA TYR E 49 14.33 1.08 26.91
C TYR E 49 13.36 0.92 25.76
N VAL E 50 12.68 -0.23 25.71
CA VAL E 50 11.76 -0.54 24.62
C VAL E 50 10.36 -0.14 25.05
N ASN E 51 9.82 0.90 24.41
CA ASN E 51 8.47 1.35 24.73
C ASN E 51 7.42 0.43 24.14
N SER E 52 7.66 -0.08 22.93
CA SER E 52 6.70 -0.94 22.26
C SER E 52 7.42 -1.77 21.21
N PHE E 53 7.06 -3.05 21.13
CA PHE E 53 7.60 -3.94 20.12
C PHE E 53 6.65 -3.98 18.93
N GLY E 54 7.15 -3.58 17.77
CA GLY E 54 6.32 -3.46 16.59
C GLY E 54 5.93 -4.79 16.02
N PRO E 55 4.99 -4.77 15.07
CA PRO E 55 4.54 -6.03 14.45
C PRO E 55 5.68 -6.71 13.71
N VAL E 56 5.65 -8.05 13.73
CA VAL E 56 6.64 -8.87 13.05
C VAL E 56 6.05 -9.30 11.72
N SER E 57 6.71 -8.93 10.62
CA SER E 57 6.27 -9.26 9.27
C SER E 57 7.03 -10.50 8.83
N ASP E 58 6.36 -11.65 8.86
CA ASP E 58 7.00 -12.89 8.42
C ASP E 58 7.32 -12.84 6.94
N THR E 59 6.43 -12.24 6.15
CA THR E 59 6.64 -12.20 4.70
C THR E 59 7.93 -11.46 4.35
N GLU E 60 8.16 -10.30 4.98
CA GLU E 60 9.33 -9.50 4.70
C GLU E 60 10.49 -9.78 5.66
N MET E 61 10.32 -10.68 6.63
CA MET E 61 11.37 -11.02 7.58
C MET E 61 11.90 -9.78 8.28
N GLU E 62 10.99 -8.89 8.69
CA GLU E 62 11.36 -7.66 9.37
C GLU E 62 10.44 -7.45 10.57
N TYR E 63 10.95 -6.71 11.55
CA TYR E 63 10.18 -6.37 12.74
C TYR E 63 10.49 -4.94 13.14
N THR E 64 9.45 -4.20 13.50
CA THR E 64 9.59 -2.81 13.92
C THR E 64 9.71 -2.75 15.44
N ILE E 65 10.41 -1.71 15.91
CA ILE E 65 10.64 -1.53 17.34
C ILE E 65 10.87 -0.04 17.60
N ASP E 66 10.37 0.42 18.74
CA ASP E 66 10.57 1.80 19.20
C ASP E 66 11.33 1.76 20.51
N ILE E 67 12.38 2.57 20.61
CA ILE E 67 13.29 2.55 21.75
C ILE E 67 13.70 3.96 22.12
N PHE E 68 14.28 4.09 23.31
CA PHE E 68 14.89 5.33 23.80
C PHE E 68 16.37 5.04 24.00
N PHE E 69 17.16 5.22 22.95
CA PHE E 69 18.58 4.91 23.00
C PHE E 69 19.34 6.02 23.71
N ALA E 70 20.16 5.63 24.69
CA ALA E 70 20.93 6.57 25.49
C ALA E 70 22.40 6.21 25.43
N GLN E 71 23.25 7.22 25.20
CA GLN E 71 24.69 7.04 25.16
C GLN E 71 25.35 8.00 26.14
N THR E 72 26.37 7.50 26.83
CA THR E 72 27.11 8.28 27.82
C THR E 72 28.60 8.14 27.56
N TRP E 73 29.32 9.25 27.69
CA TRP E 73 30.76 9.27 27.53
C TRP E 73 31.34 10.39 28.37
N LYS E 74 32.67 10.45 28.43
CA LYS E 74 33.39 11.41 29.25
C LYS E 74 34.19 12.35 28.37
N ASP E 75 34.05 13.65 28.59
CA ASP E 75 34.77 14.67 27.84
C ASP E 75 35.34 15.69 28.82
N GLU E 76 36.66 15.84 28.81
CA GLU E 76 37.32 16.77 29.72
C GLU E 76 37.16 18.22 29.27
N ARG E 77 37.00 18.45 27.97
CA ARG E 77 36.90 19.81 27.44
C ARG E 77 35.64 20.54 27.90
N LEU E 78 34.66 19.83 28.46
CA LEU E 78 33.40 20.42 28.87
C LEU E 78 33.34 20.73 30.37
N ARG E 79 34.46 20.61 31.08
CA ARG E 79 34.47 20.89 32.50
C ARG E 79 34.08 22.34 32.76
N PHE E 80 33.30 22.54 33.81
CA PHE E 80 32.83 23.87 34.18
C PHE E 80 32.54 23.91 35.68
N LYS E 81 32.45 25.12 36.20
CA LYS E 81 32.17 25.34 37.62
C LYS E 81 31.04 26.36 37.75
N GLY E 82 30.11 26.09 38.66
CA GLY E 82 28.98 26.95 38.88
C GLY E 82 28.07 26.46 39.98
N PRO E 83 27.03 27.24 40.30
CA PRO E 83 26.12 26.84 41.39
C PRO E 83 25.42 25.52 41.13
N MET E 84 25.09 25.20 39.89
CA MET E 84 24.36 23.99 39.54
C MET E 84 25.33 22.96 38.97
N GLN E 85 25.22 21.72 39.46
CA GLN E 85 26.05 20.63 38.97
C GLN E 85 25.54 20.03 37.66
N ARG E 86 24.33 20.38 37.23
CA ARG E 86 23.72 19.82 36.03
C ARG E 86 23.15 20.94 35.18
N LEU E 87 23.16 20.72 33.87
CA LEU E 87 22.70 21.71 32.89
C LEU E 87 21.74 21.03 31.92
N PRO E 88 20.46 20.88 32.31
CA PRO E 88 19.47 20.36 31.35
C PRO E 88 19.39 21.28 30.13
N LEU E 89 19.24 20.66 28.96
CA LEU E 89 19.22 21.39 27.70
C LEU E 89 18.33 20.65 26.72
N ASN E 90 18.43 21.01 25.45
CA ASN E 90 17.61 20.42 24.39
C ASN E 90 18.52 20.10 23.21
N ASN E 91 17.89 19.78 22.07
CA ASN E 91 18.64 19.38 20.88
C ASN E 91 19.42 20.53 20.26
N LEU E 92 19.19 21.77 20.69
CA LEU E 92 19.85 22.91 20.06
C LEU E 92 21.37 22.80 20.19
N LEU E 93 21.86 22.42 21.37
CA LEU E 93 23.29 22.32 21.62
C LEU E 93 23.88 20.97 21.24
N ALA E 94 23.04 20.02 20.83
CA ALA E 94 23.55 18.69 20.50
C ALA E 94 24.51 18.74 19.31
N SER E 95 24.18 19.54 18.30
CA SER E 95 24.99 19.61 17.10
C SER E 95 26.21 20.51 17.24
N LYS E 96 26.35 21.21 18.37
CA LYS E 96 27.48 22.10 18.58
C LYS E 96 28.71 21.38 19.12
N ILE E 97 28.61 20.10 19.46
CA ILE E 97 29.71 19.35 20.03
C ILE E 97 29.83 18.02 19.29
N TRP E 98 30.75 17.19 19.76
CA TRP E 98 31.04 15.90 19.14
C TRP E 98 30.19 14.81 19.78
N THR E 99 29.54 14.01 18.93
CA THR E 99 28.75 12.88 19.38
C THR E 99 29.10 11.65 18.55
N PRO E 100 28.97 10.45 19.11
CA PRO E 100 29.35 9.25 18.37
C PRO E 100 28.45 9.03 17.16
N ASP E 101 29.03 8.42 16.13
CA ASP E 101 28.31 8.09 14.91
C ASP E 101 27.76 6.67 14.94
N THR E 102 27.01 6.36 15.99
CA THR E 102 26.45 5.02 16.16
C THR E 102 25.40 4.76 15.08
N PHE E 103 25.36 3.52 14.59
CA PHE E 103 24.38 3.12 13.60
C PHE E 103 24.03 1.65 13.83
N PHE E 104 22.89 1.25 13.27
CA PHE E 104 22.41 -0.13 13.37
C PHE E 104 22.78 -0.88 12.10
N HIS E 105 23.53 -1.97 12.26
CA HIS E 105 24.03 -2.70 11.10
C HIS E 105 22.91 -3.36 10.33
N ASN E 106 21.91 -3.90 11.03
CA ASN E 106 20.82 -4.65 10.41
C ASN E 106 19.58 -3.81 10.19
N GLY E 107 19.66 -2.49 10.41
CA GLY E 107 18.51 -1.64 10.22
C GLY E 107 18.25 -1.28 8.77
N LYS E 108 17.21 -1.87 8.19
CA LYS E 108 16.88 -1.59 6.80
C LYS E 108 16.41 -0.15 6.62
N LYS E 109 15.59 0.34 7.55
CA LYS E 109 15.04 1.68 7.44
C LYS E 109 14.69 2.18 8.83
N SER E 110 15.20 3.37 9.17
CA SER E 110 14.97 3.97 10.48
C SER E 110 14.60 5.43 10.31
N PHE E 111 13.76 5.93 11.21
CA PHE E 111 13.35 7.32 11.21
C PHE E 111 13.21 7.80 12.65
N ALA E 112 13.30 9.11 12.83
CA ALA E 112 13.21 9.75 14.13
C ALA E 112 11.88 10.47 14.27
N HIS E 113 11.65 11.01 15.46
CA HIS E 113 10.43 11.74 15.79
C HIS E 113 10.78 13.20 16.02
N TRP E 114 10.07 14.09 15.32
CA TRP E 114 10.38 15.51 15.35
C TRP E 114 9.29 16.37 15.98
N MET E 115 8.08 15.85 16.11
CA MET E 115 6.96 16.62 16.67
C MET E 115 6.77 16.25 18.14
N THR E 116 6.53 17.25 18.98
CA THR E 116 6.46 18.68 18.67
C THR E 116 7.86 19.25 18.43
N THR E 117 8.83 18.70 19.16
CA THR E 117 10.22 19.10 19.08
C THR E 117 11.08 17.85 18.94
N PRO E 118 12.20 17.94 18.21
CA PRO E 118 13.10 16.77 18.13
C PRO E 118 13.37 16.16 19.49
N ASN E 119 12.97 14.90 19.66
CA ASN E 119 13.04 14.23 20.96
C ASN E 119 14.49 13.86 21.24
N ARG E 120 15.22 14.80 21.83
CA ARG E 120 16.60 14.57 22.22
C ARG E 120 16.89 15.35 23.49
N MET E 121 17.88 14.87 24.24
CA MET E 121 18.29 15.51 25.49
C MET E 121 19.81 15.58 25.55
N LEU E 122 20.31 16.57 26.28
CA LEU E 122 21.75 16.76 26.43
C LEU E 122 22.01 17.31 27.82
N ARG E 123 22.71 16.54 28.64
CA ARG E 123 23.03 16.92 30.00
C ARG E 123 24.53 16.83 30.21
N ILE E 124 25.07 17.77 30.99
CA ILE E 124 26.51 17.88 31.21
C ILE E 124 26.75 18.05 32.71
N TRP E 125 27.78 17.36 33.21
CA TRP E 125 28.20 17.46 34.59
C TRP E 125 29.56 18.15 34.68
N ASN E 126 29.93 18.54 35.90
CA ASN E 126 31.17 19.26 36.11
C ASN E 126 32.37 18.41 35.73
N ASP E 127 32.36 17.13 36.10
CA ASP E 127 33.49 16.25 35.80
C ASP E 127 33.66 16.04 34.30
N GLY E 128 32.62 16.33 33.51
CA GLY E 128 32.67 16.15 32.07
C GLY E 128 31.77 15.06 31.54
N ARG E 129 31.02 14.38 32.40
CA ARG E 129 30.12 13.34 31.95
C ARG E 129 29.00 13.93 31.09
N VAL E 130 28.69 13.26 29.99
CA VAL E 130 27.71 13.72 29.01
C VAL E 130 26.66 12.64 28.81
N LEU E 131 25.40 13.03 28.84
CA LEU E 131 24.29 12.13 28.59
C LEU E 131 23.55 12.58 27.33
N TYR E 132 23.30 11.64 26.43
CA TYR E 132 22.66 11.94 25.15
C TYR E 132 21.67 10.83 24.84
N THR E 133 20.38 11.12 25.05
CA THR E 133 19.31 10.16 24.80
C THR E 133 18.60 10.51 23.50
N LEU E 134 18.18 9.47 22.79
CA LEU E 134 17.53 9.63 21.49
C LEU E 134 16.39 8.64 21.36
N ARG E 135 15.34 9.06 20.67
CA ARG E 135 14.19 8.21 20.39
C ARG E 135 14.19 7.82 18.93
N LEU E 136 14.03 6.53 18.66
CA LEU E 136 14.16 6.00 17.30
C LEU E 136 13.10 4.94 17.06
N THR E 137 12.79 4.74 15.78
CA THR E 137 11.97 3.63 15.32
C THR E 137 12.79 2.83 14.31
N ILE E 138 13.03 1.56 14.61
CA ILE E 138 13.94 0.72 13.84
C ILE E 138 13.14 -0.40 13.20
N SER E 139 13.34 -0.60 11.91
CA SER E 139 12.75 -1.70 11.15
C SER E 139 13.89 -2.63 10.73
N ALA E 140 14.23 -3.57 11.61
CA ALA E 140 15.34 -4.47 11.39
C ALA E 140 14.87 -5.72 10.64
N GLU E 141 15.79 -6.64 10.40
CA GLU E 141 15.52 -7.89 9.71
C GLU E 141 15.74 -9.05 10.67
N CYS E 142 14.79 -9.98 10.69
CA CYS E 142 14.83 -11.15 11.58
C CYS E 142 14.66 -12.42 10.76
N PRO E 143 15.75 -12.99 10.27
CA PRO E 143 15.62 -14.26 9.53
C PRO E 143 15.03 -15.36 10.41
N MET E 144 14.20 -16.19 9.79
CA MET E 144 13.49 -17.24 10.50
C MET E 144 13.60 -18.55 9.73
N ASP E 145 13.51 -19.64 10.48
CA ASP E 145 13.51 -20.99 9.92
C ASP E 145 12.15 -21.61 10.22
N LEU E 146 11.23 -21.47 9.27
CA LEU E 146 9.86 -21.93 9.46
C LEU E 146 9.73 -23.41 9.12
N GLU E 147 10.56 -24.24 9.75
CA GLU E 147 10.48 -25.69 9.53
C GLU E 147 9.48 -26.36 10.45
N ASP E 148 9.35 -25.87 11.69
CA ASP E 148 8.39 -26.39 12.66
C ASP E 148 7.17 -25.48 12.79
N PHE E 149 6.86 -24.73 11.76
CA PHE E 149 5.73 -23.82 11.81
C PHE E 149 4.44 -24.61 12.03
N PRO E 150 3.52 -24.13 12.87
CA PRO E 150 3.57 -22.91 13.69
C PRO E 150 4.26 -23.08 15.04
N MET E 151 4.69 -24.29 15.41
CA MET E 151 5.38 -24.52 16.68
C MET E 151 6.86 -24.20 16.48
N ASP E 152 7.16 -22.90 16.41
CA ASP E 152 8.50 -22.43 16.12
C ASP E 152 8.89 -21.33 17.11
N GLU E 153 10.17 -21.28 17.44
CA GLU E 153 10.74 -20.24 18.29
C GLU E 153 11.74 -19.43 17.46
N GLN E 154 11.66 -18.11 17.59
CA GLN E 154 12.49 -17.20 16.81
C GLN E 154 13.36 -16.37 17.74
N ASN E 155 14.54 -16.01 17.24
CA ASN E 155 15.52 -15.22 17.99
C ASN E 155 15.89 -14.02 17.12
N CYS E 156 15.14 -12.92 17.28
CA CYS E 156 15.36 -11.73 16.48
C CYS E 156 16.45 -10.87 17.11
N PRO E 157 17.56 -10.61 16.43
CA PRO E 157 18.65 -9.85 17.03
C PRO E 157 18.54 -8.35 16.75
N LEU E 158 19.44 -7.60 17.39
CA LEU E 158 19.56 -6.16 17.15
C LEU E 158 21.03 -5.79 17.36
N LYS E 159 21.65 -5.23 16.33
CA LYS E 159 23.07 -4.93 16.33
C LYS E 159 23.31 -3.45 16.08
N PHE E 160 24.25 -2.87 16.82
CA PHE E 160 24.63 -1.48 16.60
C PHE E 160 26.09 -1.31 17.01
N GLY E 161 26.70 -0.26 16.48
CA GLY E 161 28.10 0.00 16.76
C GLY E 161 28.58 1.23 16.02
N SER E 162 29.88 1.48 16.12
CA SER E 162 30.48 2.62 15.46
C SER E 162 30.61 2.36 13.96
N TYR E 163 30.62 3.45 13.19
CA TYR E 163 30.73 3.38 11.73
C TYR E 163 32.10 3.82 11.21
N ALA E 164 32.81 4.66 11.95
CA ALA E 164 34.10 5.18 11.50
C ALA E 164 35.20 5.11 12.55
N TYR E 165 34.87 4.81 13.81
CA TYR E 165 35.87 4.75 14.86
C TYR E 165 36.18 3.28 15.18
N PRO E 166 37.38 2.78 14.86
CA PRO E 166 37.67 1.37 15.17
C PRO E 166 37.68 1.08 16.67
N ASN E 167 37.92 -0.19 17.02
CA ASN E 167 37.91 -0.58 18.42
C ASN E 167 39.02 0.11 19.19
N SER E 168 40.11 0.50 18.52
CA SER E 168 41.23 1.14 19.19
C SER E 168 40.92 2.55 19.65
N GLU E 169 39.79 3.13 19.23
CA GLU E 169 39.42 4.49 19.59
C GLU E 169 38.16 4.55 20.44
N VAL E 170 37.08 3.93 19.98
CA VAL E 170 35.80 3.96 20.67
C VAL E 170 35.37 2.54 20.99
N VAL E 171 34.97 2.30 22.23
CA VAL E 171 34.53 0.98 22.68
C VAL E 171 33.16 1.13 23.33
N TYR E 172 32.24 0.24 22.96
CA TYR E 172 30.89 0.23 23.52
C TYR E 172 30.79 -0.89 24.54
N VAL E 173 30.23 -0.58 25.70
CA VAL E 173 30.04 -1.56 26.76
C VAL E 173 28.72 -1.25 27.47
N TRP E 174 28.01 -2.31 27.86
CA TRP E 174 26.78 -2.13 28.61
C TRP E 174 27.09 -1.65 30.03
N THR E 175 26.09 -1.01 30.64
CA THR E 175 26.20 -0.48 32.00
C THR E 175 25.41 -1.35 32.95
N ASN E 176 26.02 -1.70 34.08
CA ASN E 176 25.36 -2.52 35.09
C ASN E 176 24.99 -3.88 34.51
N GLY E 177 24.06 -4.58 35.17
CA GLY E 177 23.68 -5.91 34.75
C GLY E 177 22.81 -5.92 33.51
N SER E 178 22.53 -7.13 33.03
CA SER E 178 21.72 -7.28 31.82
C SER E 178 20.31 -6.74 32.03
N THR E 179 19.74 -6.97 33.21
CA THR E 179 18.35 -6.55 33.45
C THR E 179 18.21 -5.03 33.30
N LYS E 180 19.15 -4.27 33.88
CA LYS E 180 19.08 -2.82 33.77
C LYS E 180 19.49 -2.34 32.38
N SER E 181 20.29 -3.13 31.66
CA SER E 181 20.77 -2.70 30.35
C SER E 181 19.62 -2.51 29.37
N VAL E 182 18.68 -3.46 29.34
CA VAL E 182 17.55 -3.41 28.43
C VAL E 182 16.27 -3.63 29.23
N VAL E 183 15.27 -2.79 28.97
CA VAL E 183 14.00 -2.85 29.66
C VAL E 183 12.88 -2.81 28.63
N VAL E 184 11.85 -3.62 28.83
CA VAL E 184 10.71 -3.70 27.93
C VAL E 184 9.46 -3.42 28.74
N ALA E 185 8.61 -2.53 28.23
CA ALA E 185 7.38 -2.17 28.91
C ALA E 185 6.44 -3.36 28.97
N GLU E 186 5.68 -3.44 30.07
CA GLU E 186 4.74 -4.54 30.24
C GLU E 186 3.67 -4.53 29.16
N ASP E 187 3.11 -3.36 28.86
CA ASP E 187 2.07 -3.25 27.84
C ASP E 187 2.65 -3.16 26.44
N GLY E 188 3.88 -2.68 26.29
CA GLY E 188 4.48 -2.58 24.97
C GLY E 188 4.71 -3.93 24.33
N SER E 189 5.11 -4.93 25.12
CA SER E 189 5.42 -6.26 24.62
C SER E 189 4.12 -7.04 24.44
N ARG E 190 3.31 -6.57 23.48
CA ARG E 190 2.05 -7.21 23.13
C ARG E 190 2.03 -7.42 21.62
N LEU E 191 1.88 -8.67 21.20
CA LEU E 191 1.82 -9.02 19.78
C LEU E 191 0.63 -9.92 19.54
N ASN E 192 0.12 -9.87 18.31
CA ASN E 192 -1.07 -10.64 17.97
C ASN E 192 -0.77 -12.13 17.82
N GLN E 193 0.46 -12.48 17.44
CA GLN E 193 0.79 -13.87 17.17
C GLN E 193 2.18 -14.24 17.71
N TYR E 194 2.59 -13.62 18.81
CA TYR E 194 3.88 -13.93 19.41
C TYR E 194 3.86 -13.61 20.89
N HIS E 195 4.78 -14.23 21.62
CA HIS E 195 5.03 -13.96 23.03
C HIS E 195 6.50 -13.60 23.22
N LEU E 196 6.74 -12.57 24.03
CA LEU E 196 8.10 -12.11 24.32
C LEU E 196 8.54 -12.74 25.63
N MET E 197 9.28 -13.85 25.54
CA MET E 197 9.68 -14.59 26.73
C MET E 197 10.72 -13.81 27.52
N GLY E 198 11.74 -13.29 26.85
CA GLY E 198 12.80 -12.59 27.54
C GLY E 198 13.79 -11.98 26.57
N GLN E 199 14.85 -11.42 27.14
CA GLN E 199 15.87 -10.74 26.35
C GLN E 199 17.25 -11.14 26.86
N THR E 200 18.25 -11.01 25.98
CA THR E 200 19.63 -11.28 26.33
C THR E 200 20.53 -10.30 25.59
N VAL E 201 21.75 -10.14 26.11
CA VAL E 201 22.71 -9.20 25.55
C VAL E 201 24.05 -9.92 25.37
N GLY E 202 24.89 -9.32 24.54
CA GLY E 202 26.21 -9.89 24.27
C GLY E 202 27.08 -8.89 23.55
N THR E 203 28.37 -9.23 23.48
CA THR E 203 29.35 -8.40 22.82
C THR E 203 30.25 -9.28 21.96
N GLU E 204 30.77 -8.69 20.88
CA GLU E 204 31.66 -9.43 19.99
C GLU E 204 32.47 -8.43 19.18
N ASN E 205 33.57 -8.91 18.61
CA ASN E 205 34.43 -8.12 17.75
C ASN E 205 34.35 -8.65 16.33
N ILE E 206 34.43 -7.75 15.36
CA ILE E 206 34.37 -8.10 13.95
C ILE E 206 35.58 -7.51 13.24
N SER E 207 36.17 -8.28 12.34
CA SER E 207 37.30 -7.84 11.55
C SER E 207 36.81 -7.52 10.14
N THR E 208 37.09 -6.30 9.68
CA THR E 208 36.69 -5.82 8.37
C THR E 208 37.90 -5.27 7.63
N SER E 209 37.65 -4.79 6.41
CA SER E 209 38.75 -4.24 5.61
C SER E 209 39.36 -3.01 6.27
N THR E 210 38.52 -2.14 6.83
CA THR E 210 39.00 -0.90 7.43
C THR E 210 39.69 -1.11 8.77
N GLY E 211 39.46 -2.22 9.44
CA GLY E 211 40.08 -2.48 10.72
C GLY E 211 39.19 -3.36 11.58
N GLU E 212 39.31 -3.16 12.89
CA GLU E 212 38.55 -3.93 13.88
C GLU E 212 37.57 -3.00 14.60
N TYR E 213 36.35 -3.49 14.78
CA TYR E 213 35.29 -2.72 15.41
C TYR E 213 34.58 -3.57 16.46
N THR E 214 34.00 -2.89 17.45
CA THR E 214 33.25 -3.55 18.51
C THR E 214 31.77 -3.51 18.17
N ILE E 215 31.07 -4.59 18.47
CA ILE E 215 29.66 -4.75 18.14
C ILE E 215 28.89 -5.12 19.40
N MET E 216 27.79 -4.40 19.64
CA MET E 216 26.89 -4.70 20.74
C MET E 216 25.63 -5.35 20.19
N THR E 217 25.28 -6.51 20.73
CA THR E 217 24.17 -7.31 20.22
C THR E 217 23.16 -7.59 21.32
N ALA E 218 21.88 -7.48 20.98
CA ALA E 218 20.79 -7.82 21.88
C ALA E 218 19.85 -8.76 21.15
N HIS E 219 19.49 -9.87 21.80
CA HIS E 219 18.63 -10.88 21.22
C HIS E 219 17.29 -10.91 21.95
N PHE E 220 16.21 -11.07 21.19
CA PHE E 220 14.87 -11.21 21.73
C PHE E 220 14.35 -12.61 21.40
N HIS E 221 13.79 -13.28 22.39
CA HIS E 221 13.25 -14.62 22.24
C HIS E 221 11.74 -14.53 22.05
N LEU E 222 11.24 -15.07 20.95
CA LEU E 222 9.83 -15.01 20.60
C LEU E 222 9.26 -16.42 20.55
N LYS E 223 8.10 -16.61 21.19
CA LYS E 223 7.40 -17.88 21.20
C LYS E 223 6.05 -17.68 20.55
N ARG E 224 5.87 -18.22 19.35
CA ARG E 224 4.61 -18.04 18.63
C ARG E 224 3.46 -18.66 19.42
N LYS E 225 2.35 -17.93 19.47
CA LYS E 225 1.16 -18.39 20.17
C LYS E 225 0.22 -19.07 19.19
N ILE E 226 -0.22 -20.27 19.53
CA ILE E 226 -1.11 -21.04 18.68
C ILE E 226 -2.54 -20.79 19.13
N GLY E 227 -3.47 -20.97 18.20
CA GLY E 227 -4.88 -20.76 18.46
C GLY E 227 -5.59 -20.07 17.32
N TYR E 228 -4.88 -19.19 16.62
CA TYR E 228 -5.44 -18.57 15.43
C TYR E 228 -5.48 -19.55 14.26
N PHE E 229 -4.43 -20.36 14.11
CA PHE E 229 -4.38 -21.32 13.02
C PHE E 229 -5.30 -22.51 13.28
N VAL E 230 -5.53 -22.83 14.56
CA VAL E 230 -6.44 -23.93 14.88
C VAL E 230 -7.84 -23.62 14.37
N ILE E 231 -8.32 -22.41 14.63
CA ILE E 231 -9.63 -22.01 14.13
C ILE E 231 -9.61 -21.84 12.62
N GLN E 232 -8.46 -21.48 12.05
CA GLN E 232 -8.38 -21.13 10.64
C GLN E 232 -8.16 -22.33 9.74
N THR E 233 -7.23 -23.22 10.11
CA THR E 233 -6.82 -24.31 9.22
C THR E 233 -7.10 -25.69 9.81
N TYR E 234 -6.72 -25.93 11.07
CA TYR E 234 -6.82 -27.29 11.60
C TYR E 234 -8.27 -27.75 11.70
N LEU E 235 -9.13 -26.94 12.31
CA LEU E 235 -10.51 -27.38 12.54
C LEU E 235 -11.23 -27.68 11.24
N PRO E 236 -11.21 -26.82 10.22
CA PRO E 236 -11.89 -27.17 8.96
C PRO E 236 -11.41 -28.49 8.38
N CYS E 237 -10.11 -28.78 8.47
CA CYS E 237 -9.60 -30.05 7.99
C CYS E 237 -10.16 -31.22 8.78
N ILE E 238 -10.23 -31.08 10.11
CA ILE E 238 -10.71 -32.17 10.95
C ILE E 238 -12.18 -32.47 10.65
N MET E 239 -13.01 -31.43 10.58
CA MET E 239 -14.42 -31.64 10.32
C MET E 239 -14.64 -32.22 8.93
N THR E 240 -13.87 -31.78 7.95
CA THR E 240 -14.02 -32.31 6.59
C THR E 240 -13.75 -33.81 6.55
N VAL E 241 -12.74 -34.27 7.29
CA VAL E 241 -12.44 -35.70 7.33
C VAL E 241 -13.62 -36.46 7.92
N ILE E 242 -14.21 -35.93 8.99
CA ILE E 242 -15.37 -36.58 9.60
C ILE E 242 -16.52 -36.65 8.60
N LEU E 243 -16.68 -35.61 7.79
CA LEU E 243 -17.77 -35.60 6.82
C LEU E 243 -17.65 -36.76 5.84
N SER E 244 -16.44 -37.04 5.36
CA SER E 244 -16.27 -38.11 4.38
C SER E 244 -16.63 -39.47 4.98
N GLN E 245 -16.28 -39.69 6.25
CA GLN E 245 -16.56 -40.98 6.88
C GLN E 245 -18.05 -41.30 6.90
N VAL E 246 -18.91 -40.29 6.87
CA VAL E 246 -20.35 -40.54 6.90
C VAL E 246 -20.80 -41.32 5.67
N SER E 247 -20.08 -41.16 4.55
CA SER E 247 -20.47 -41.85 3.33
C SER E 247 -20.45 -43.36 3.50
N PHE E 248 -19.59 -43.88 4.38
CA PHE E 248 -19.53 -45.32 4.59
C PHE E 248 -20.85 -45.86 5.13
N TRP E 249 -21.46 -45.14 6.06
CA TRP E 249 -22.72 -45.61 6.65
C TRP E 249 -23.86 -45.67 5.64
N LEU E 250 -23.71 -45.02 4.48
CA LEU E 250 -24.72 -45.07 3.46
C LEU E 250 -24.69 -46.40 2.72
N ASN E 251 -25.71 -46.63 1.90
CA ASN E 251 -25.84 -47.87 1.16
C ASN E 251 -25.09 -47.80 -0.16
N ARG E 252 -24.59 -48.95 -0.61
CA ARG E 252 -23.77 -48.99 -1.81
C ARG E 252 -24.58 -48.60 -3.05
N GLU E 253 -25.82 -49.07 -3.14
CA GLU E 253 -26.60 -48.80 -4.35
C GLU E 253 -26.81 -47.31 -4.57
N SER E 254 -26.77 -46.51 -3.51
CA SER E 254 -26.90 -45.06 -3.61
C SER E 254 -25.58 -44.48 -4.13
N VAL E 255 -25.28 -44.79 -5.38
CA VAL E 255 -24.01 -44.39 -5.97
C VAL E 255 -23.92 -42.86 -6.03
N ALA E 256 -24.99 -42.21 -6.48
CA ALA E 256 -24.97 -40.76 -6.61
C ALA E 256 -24.78 -40.08 -5.26
N ALA E 257 -25.45 -40.58 -4.23
CA ALA E 257 -25.37 -39.96 -2.92
C ALA E 257 -23.94 -39.98 -2.38
N ARG E 258 -23.30 -41.16 -2.40
CA ARG E 258 -21.94 -41.26 -1.91
C ARG E 258 -20.94 -40.56 -2.83
N THR E 259 -21.27 -40.41 -4.11
CA THR E 259 -20.38 -39.69 -5.02
C THR E 259 -20.23 -38.24 -4.61
N VAL E 260 -21.33 -37.61 -4.18
CA VAL E 260 -21.27 -36.20 -3.79
C VAL E 260 -20.33 -36.02 -2.60
N PHE E 261 -20.43 -36.91 -1.62
CA PHE E 261 -19.57 -36.80 -0.44
C PHE E 261 -18.09 -36.83 -0.82
N GLY E 262 -17.70 -37.79 -1.66
CA GLY E 262 -16.31 -37.92 -2.02
C GLY E 262 -15.79 -36.75 -2.83
N VAL E 263 -16.56 -36.31 -3.82
CA VAL E 263 -16.11 -35.22 -4.70
C VAL E 263 -16.00 -33.92 -3.93
N THR E 264 -17.04 -33.57 -3.16
CA THR E 264 -17.04 -32.29 -2.47
C THR E 264 -15.93 -32.20 -1.44
N THR E 265 -15.71 -33.28 -0.69
CA THR E 265 -14.71 -33.25 0.37
C THR E 265 -13.31 -33.03 -0.20
N VAL E 266 -12.99 -33.70 -1.31
CA VAL E 266 -11.65 -33.56 -1.88
C VAL E 266 -11.40 -32.13 -2.31
N LEU E 267 -12.36 -31.51 -2.98
CA LEU E 267 -12.21 -30.13 -3.42
C LEU E 267 -12.11 -29.19 -2.23
N THR E 268 -12.84 -29.48 -1.15
CA THR E 268 -12.80 -28.61 0.03
C THR E 268 -11.40 -28.56 0.62
N MET E 269 -10.72 -29.70 0.70
CA MET E 269 -9.35 -29.71 1.23
C MET E 269 -8.41 -28.92 0.31
N THR E 270 -8.59 -29.03 -1.00
CA THR E 270 -7.69 -28.37 -1.94
C THR E 270 -7.74 -26.85 -1.75
N THR E 271 -8.94 -26.28 -1.64
CA THR E 271 -9.04 -24.84 -1.49
C THR E 271 -8.44 -24.37 -0.18
N LEU E 272 -8.57 -25.16 0.88
CA LEU E 272 -7.98 -24.78 2.17
C LEU E 272 -6.46 -24.70 2.07
N SER E 273 -5.85 -25.63 1.34
CA SER E 273 -4.40 -25.61 1.19
C SER E 273 -3.95 -24.33 0.51
N ILE E 274 -4.65 -23.90 -0.53
CA ILE E 274 -4.28 -22.68 -1.23
C ILE E 274 -4.50 -21.47 -0.33
N SER E 275 -5.67 -21.40 0.33
CA SER E 275 -5.98 -20.26 1.18
C SER E 275 -5.04 -20.19 2.37
N ALA E 276 -4.70 -21.34 2.95
CA ALA E 276 -3.88 -21.33 4.17
C ALA E 276 -2.53 -20.68 3.94
N ARG E 277 -1.90 -20.96 2.81
CA ARG E 277 -0.55 -20.47 2.54
C ARG E 277 -0.54 -19.06 1.96
N ASN E 278 -1.69 -18.44 1.74
CA ASN E 278 -1.71 -17.08 1.23
C ASN E 278 -1.03 -16.12 2.19
N SER E 279 -1.33 -16.24 3.48
CA SER E 279 -0.70 -15.37 4.48
C SER E 279 0.73 -15.80 4.78
N LEU E 280 1.00 -17.10 4.77
CA LEU E 280 2.32 -17.59 5.10
C LEU E 280 3.34 -17.15 4.04
N PRO E 281 4.59 -16.89 4.44
CA PRO E 281 5.60 -16.55 3.44
C PRO E 281 5.83 -17.69 2.46
N LYS E 282 6.23 -17.33 1.23
CA LYS E 282 6.43 -18.30 0.18
C LYS E 282 7.72 -19.09 0.41
N VAL E 283 7.75 -19.89 1.47
CA VAL E 283 8.92 -20.70 1.79
C VAL E 283 8.91 -21.94 0.89
N ALA E 284 10.08 -22.24 0.31
CA ALA E 284 10.20 -23.37 -0.61
C ALA E 284 10.64 -24.64 0.11
N TYR E 285 9.91 -25.00 1.16
CA TYR E 285 10.15 -26.26 1.84
C TYR E 285 8.91 -26.62 2.66
N ALA E 286 8.79 -27.90 2.98
CA ALA E 286 7.62 -28.40 3.69
C ALA E 286 7.62 -27.92 5.14
N THR E 287 6.42 -27.66 5.64
CA THR E 287 6.20 -27.28 7.03
C THR E 287 5.34 -28.31 7.72
N ALA E 288 5.28 -28.23 9.06
CA ALA E 288 4.50 -29.19 9.82
C ALA E 288 3.02 -29.10 9.45
N MET E 289 2.52 -27.88 9.25
CA MET E 289 1.12 -27.72 8.88
C MET E 289 0.82 -28.37 7.53
N ASP E 290 1.78 -28.29 6.60
CA ASP E 290 1.56 -28.87 5.27
C ASP E 290 1.38 -30.38 5.36
N TRP E 291 2.17 -31.05 6.19
CA TRP E 291 2.04 -32.50 6.33
C TRP E 291 0.67 -32.87 6.89
N PHE E 292 0.16 -32.07 7.84
CA PHE E 292 -1.15 -32.35 8.40
C PHE E 292 -2.24 -32.30 7.33
N ILE E 293 -2.17 -31.31 6.45
CA ILE E 293 -3.15 -31.21 5.36
C ILE E 293 -3.03 -32.41 4.43
N ALA E 294 -1.80 -32.80 4.10
CA ALA E 294 -1.60 -33.93 3.20
C ALA E 294 -2.19 -35.20 3.78
N VAL E 295 -1.97 -35.44 5.08
CA VAL E 295 -2.55 -36.62 5.72
C VAL E 295 -4.07 -36.56 5.68
N CYS E 296 -4.64 -35.39 5.98
CA CYS E 296 -6.09 -35.25 5.91
C CYS E 296 -6.59 -35.44 4.48
N TYR E 297 -5.84 -34.95 3.50
CA TYR E 297 -6.22 -35.14 2.11
C TYR E 297 -6.22 -36.62 1.74
N ALA E 298 -5.28 -37.39 2.29
CA ALA E 298 -5.22 -38.81 1.98
C ALA E 298 -6.47 -39.54 2.45
N PHE E 299 -6.93 -39.24 3.66
CA PHE E 299 -8.11 -39.93 4.20
C PHE E 299 -9.33 -39.70 3.32
N VAL E 300 -9.60 -38.45 2.98
CA VAL E 300 -10.76 -38.15 2.15
C VAL E 300 -10.60 -38.77 0.77
N PHE E 301 -9.40 -38.66 0.19
CA PHE E 301 -9.15 -39.28 -1.11
C PHE E 301 -9.23 -40.80 -1.01
N SER E 302 -8.71 -41.37 0.07
CA SER E 302 -8.75 -42.82 0.24
C SER E 302 -10.19 -43.32 0.32
N ALA E 303 -11.06 -42.58 1.01
CA ALA E 303 -12.45 -43.01 1.14
C ALA E 303 -13.12 -43.13 -0.22
N LEU E 304 -12.85 -42.18 -1.12
CA LEU E 304 -13.42 -42.25 -2.46
C LEU E 304 -12.95 -43.51 -3.18
N LEU E 305 -11.66 -43.86 -3.04
CA LEU E 305 -11.15 -45.05 -3.68
C LEU E 305 -11.85 -46.30 -3.15
N GLU E 306 -12.11 -46.35 -1.85
CA GLU E 306 -12.78 -47.50 -1.26
C GLU E 306 -14.16 -47.69 -1.88
N PHE E 307 -14.92 -46.60 -2.05
CA PHE E 307 -16.24 -46.71 -2.66
C PHE E 307 -16.15 -47.20 -4.09
N ALA E 308 -15.20 -46.68 -4.86
CA ALA E 308 -15.07 -47.11 -6.25
C ALA E 308 -14.71 -48.58 -6.34
N PHE E 309 -13.79 -49.04 -5.50
CA PHE E 309 -13.42 -50.46 -5.50
C PHE E 309 -14.60 -51.33 -5.11
N VAL E 310 -15.37 -50.90 -4.11
CA VAL E 310 -16.54 -51.68 -3.67
C VAL E 310 -17.56 -51.77 -4.78
N ASN E 311 -17.85 -50.65 -5.44
CA ASN E 311 -18.84 -50.64 -6.50
C ASN E 311 -18.41 -51.45 -7.71
N TYR E 312 -17.09 -51.67 -7.89
CA TYR E 312 -16.61 -52.43 -9.03
C TYR E 312 -16.81 -53.93 -8.86
N ILE E 313 -16.86 -54.41 -7.62
CA ILE E 313 -16.99 -55.83 -7.33
C ILE E 313 -18.32 -56.15 -6.66
N THR E 314 -19.24 -55.19 -6.61
CA THR E 314 -20.53 -55.43 -5.95
C THR E 314 -21.38 -56.42 -6.71
N LYS E 315 -21.04 -56.71 -7.98
CA LYS E 315 -21.81 -57.66 -8.78
C LYS E 315 -21.23 -59.07 -8.75
N SER E 316 -19.94 -59.23 -8.47
CA SER E 316 -19.30 -60.54 -8.50
C SER E 316 -19.30 -61.22 -7.13
N GLN E 317 -18.71 -60.57 -6.14
CA GLN E 317 -18.57 -61.13 -4.80
C GLN E 317 -19.05 -60.11 -3.77
N PRO E 318 -20.37 -59.95 -3.62
CA PRO E 318 -20.89 -59.00 -2.63
C PRO E 318 -20.48 -59.32 -1.20
N ALA E 319 -20.14 -60.58 -0.90
CA ALA E 319 -19.82 -60.95 0.47
C ALA E 319 -18.65 -60.14 1.00
N ARG E 320 -17.56 -60.05 0.23
CA ARG E 320 -16.40 -59.30 0.67
C ARG E 320 -16.66 -57.80 0.62
N ALA E 321 -17.49 -57.34 -0.31
CA ALA E 321 -17.76 -55.91 -0.43
C ALA E 321 -18.42 -55.38 0.84
N ALA E 322 -19.39 -56.12 1.38
CA ALA E 322 -20.06 -55.68 2.60
C ALA E 322 -19.08 -55.58 3.77
N LYS E 323 -18.17 -56.56 3.88
CA LYS E 323 -17.20 -56.54 4.97
C LYS E 323 -16.32 -55.30 4.90
N ILE E 324 -15.87 -54.94 3.70
CA ILE E 324 -15.04 -53.75 3.55
C ILE E 324 -15.83 -52.51 3.94
N ASP E 325 -17.09 -52.41 3.50
CA ASP E 325 -17.90 -51.25 3.83
C ASP E 325 -18.09 -51.12 5.34
N LYS E 326 -18.36 -52.23 6.03
CA LYS E 326 -18.53 -52.18 7.47
C LYS E 326 -17.19 -52.02 8.18
N MET E 327 -16.14 -52.66 7.68
CA MET E 327 -14.84 -52.57 8.32
C MET E 327 -14.32 -51.13 8.31
N SER E 328 -14.49 -50.42 7.20
CA SER E 328 -13.97 -49.06 7.10
C SER E 328 -14.62 -48.11 8.09
N ARG E 329 -15.78 -48.48 8.65
CA ARG E 329 -16.49 -47.58 9.56
C ARG E 329 -15.67 -47.32 10.82
N ILE E 330 -15.01 -48.36 11.34
CA ILE E 330 -14.29 -48.25 12.61
C ILE E 330 -12.81 -48.05 12.35
N VAL E 331 -12.31 -48.59 11.23
CA VAL E 331 -10.88 -48.53 10.95
C VAL E 331 -10.43 -47.09 10.75
N PHE E 332 -11.15 -46.35 9.89
CA PHE E 332 -10.71 -45.00 9.56
C PHE E 332 -10.71 -44.06 10.76
N PRO E 333 -11.77 -43.98 11.57
CA PRO E 333 -11.69 -43.09 12.75
C PRO E 333 -10.55 -43.40 13.68
N ILE E 334 -10.23 -44.68 13.88
CA ILE E 334 -9.15 -45.05 14.80
C ILE E 334 -7.81 -44.52 14.30
N LEU E 335 -7.53 -44.71 13.00
CA LEU E 335 -6.27 -44.24 12.45
C LEU E 335 -6.15 -42.73 12.52
N PHE E 336 -7.23 -42.02 12.20
CA PHE E 336 -7.19 -40.56 12.24
C PHE E 336 -6.95 -40.06 13.65
N GLY E 337 -7.62 -40.66 14.64
CA GLY E 337 -7.39 -40.28 16.02
C GLY E 337 -5.97 -40.57 16.47
N THR E 338 -5.43 -41.72 16.07
CA THR E 338 -4.07 -42.08 16.45
C THR E 338 -3.06 -41.10 15.87
N PHE E 339 -3.27 -40.68 14.61
CA PHE E 339 -2.33 -39.77 13.98
C PHE E 339 -2.28 -38.44 14.70
N ASN E 340 -3.43 -37.92 15.14
CA ASN E 340 -3.46 -36.63 15.81
C ASN E 340 -2.63 -36.64 17.09
N LEU E 341 -2.74 -37.72 17.87
CA LEU E 341 -1.97 -37.79 19.12
C LEU E 341 -0.48 -37.72 18.84
N VAL E 342 -0.01 -38.45 17.84
CA VAL E 342 1.41 -38.42 17.50
C VAL E 342 1.81 -37.04 17.00
N TYR E 343 0.99 -36.44 16.13
CA TYR E 343 1.35 -35.15 15.55
C TYR E 343 1.46 -34.07 16.61
N TRP E 344 0.41 -33.92 17.45
CA TRP E 344 0.42 -32.87 18.45
C TRP E 344 1.49 -33.13 19.51
N ALA E 345 1.64 -34.38 19.94
CA ALA E 345 2.63 -34.69 20.97
C ALA E 345 4.04 -34.41 20.48
N THR E 346 4.34 -34.74 19.23
CA THR E 346 5.69 -34.57 18.71
C THR E 346 6.11 -33.10 18.72
N TYR E 347 5.22 -32.21 18.27
CA TYR E 347 5.55 -30.79 18.15
C TYR E 347 5.28 -30.00 19.42
N LEU E 348 4.62 -30.60 20.41
CA LEU E 348 4.35 -29.93 21.68
C LEU E 348 5.25 -30.43 22.80
N ASN E 349 6.28 -31.20 22.48
CA ASN E 349 7.19 -31.73 23.49
C ASN E 349 8.63 -31.38 23.15
#